data_9WHD
#
_entry.id   9WHD
#
_cell.length_a   58.623
_cell.length_b   113.341
_cell.length_c   241.804
_cell.angle_alpha   90.00
_cell.angle_beta   90.00
_cell.angle_gamma   90.00
#
_symmetry.space_group_name_H-M   'P 21 21 21'
#
loop_
_entity.id
_entity.type
_entity.pdbx_description
1 polymer 'GH167 glycoside hydrolase'
2 water water
#
_entity_poly.entity_id   1
_entity_poly.type   'polypeptide(L)'
_entity_poly.pdbx_seq_one_letter_code
;MINKQLGKYLLVFVLMLSYTSFSQTLEQKARIKIDSLNGFIAEVESLGKDALKEKLAVRTAEVFLKFANWDENNIEENKS
HFEKYWLYKNVATQMAQELPDFERNDILKMLDESIAYIKKIKKEEVFRAPIPKVDWSKVTVGQDEITMDNNKPVFLADYT
WKPDTPELTEFYGELNGFYISPYYVTNASGKINQNVINNLNTKASGTPGFVFINNKNVPQWAIDSYGADFTKFQGAPFLD
YDIDHPGAKVMMSHLLKGTVTKMKGKHYTDLGYMLCNEPRWITYKDGTKKVWYTSGVSTYTLDKFKGWLQNKHQNIAQLN
ALWHSSFSNFEEVVIEIPIDISLMGTPKWYDWVTFNEDRVTDWFTWMKSELRKYDPTAKAQLKIMPSFFTENDPATGIDL
EALTELSEINGNDVAANYNYMVKGEIVKDEKYAFGWKELYMGYDFLKSVQPNQLIFNSESHLLSTNNARDLYMDPKYPRA
VYWAAHTLGLNASQTWYWPRKEDGSLKSGITGAYAGSNNQQPRVTNALHATMMDLNTHSELIMKMQRERKPIRVFYSKAA
AANKGSYMEGVFEMYEGLNFEGIPLGFATKNIISKQDSSLWDVIVVHKTEQVTLGELNTLQDYIDNGGTVITDAISLKKN
EYGLPLEGLKQTKGKLILANTVAQAKIEALQILETKNHLPKVTVTETNAEGYKGCTWRCVKNEQGNYVLSIVNLGKTEAT
LNVQLKQAKNGTVAKDLLNGLKLPSQLVLKPYDVYLIELIDEKGSDLANKEELKKDKIATIYPNPSHGPITVELNEFQTQ
LTVEMYNMDGGLISQSEFNNVKTFEYNQHAKLAKGMYLLKLKMGNKTQYIKYIKA
;
_entity_poly.pdbx_strand_id   A,B
#
# COMPACT_ATOMS: atom_id res chain seq x y z
N THR A 25 -1.55 -35.11 -31.63
CA THR A 25 -1.39 -34.35 -30.39
C THR A 25 -2.41 -34.80 -29.36
N LEU A 26 -2.12 -34.48 -28.09
CA LEU A 26 -2.98 -34.90 -26.99
C LEU A 26 -4.39 -34.35 -27.16
N GLU A 27 -4.49 -33.05 -27.45
CA GLU A 27 -5.82 -32.47 -27.66
C GLU A 27 -6.56 -33.15 -28.81
N GLN A 28 -5.84 -33.54 -29.86
CA GLN A 28 -6.52 -34.20 -30.96
C GLN A 28 -7.03 -35.57 -30.54
N LYS A 29 -6.22 -36.31 -29.77
CA LYS A 29 -6.69 -37.57 -29.20
C LYS A 29 -7.93 -37.33 -28.35
N ALA A 30 -7.91 -36.27 -27.53
CA ALA A 30 -9.00 -36.02 -26.58
C ALA A 30 -10.32 -35.78 -27.28
N ARG A 31 -10.30 -34.99 -28.36
CA ARG A 31 -11.53 -34.76 -29.11
C ARG A 31 -12.03 -36.05 -29.75
N ILE A 32 -11.12 -36.96 -30.11
CA ILE A 32 -11.56 -38.27 -30.58
C ILE A 32 -12.29 -38.99 -29.46
N LYS A 33 -11.72 -38.96 -28.25
CA LYS A 33 -12.36 -39.59 -27.09
C LYS A 33 -13.75 -38.99 -26.84
N ILE A 34 -13.83 -37.65 -26.83
CA ILE A 34 -15.10 -36.92 -26.68
C ILE A 34 -16.12 -37.40 -27.70
N ASP A 35 -15.69 -37.60 -28.96
CA ASP A 35 -16.61 -38.07 -29.99
C ASP A 35 -17.13 -39.46 -29.69
N SER A 36 -16.25 -40.36 -29.24
CA SER A 36 -16.69 -41.70 -28.93
C SER A 36 -17.61 -41.69 -27.72
N LEU A 37 -17.30 -40.84 -26.73
CA LEU A 37 -18.07 -40.82 -25.50
C LEU A 37 -19.48 -40.30 -25.76
N ASN A 38 -19.59 -39.15 -26.44
CA ASN A 38 -20.88 -38.62 -26.85
C ASN A 38 -21.71 -39.65 -27.60
N GLY A 39 -21.10 -40.32 -28.56
CA GLY A 39 -21.79 -41.39 -29.25
C GLY A 39 -22.33 -42.43 -28.29
N PHE A 40 -21.56 -42.78 -27.25
CA PHE A 40 -22.02 -43.80 -26.31
C PHE A 40 -23.14 -43.26 -25.43
N ILE A 41 -23.03 -41.99 -25.03
CA ILE A 41 -24.10 -41.34 -24.27
C ILE A 41 -25.43 -41.46 -25.01
N ALA A 42 -25.44 -41.09 -26.29
CA ALA A 42 -26.66 -41.18 -27.11
C ALA A 42 -27.23 -42.59 -27.12
N GLU A 43 -26.40 -43.60 -27.40
CA GLU A 43 -26.89 -44.97 -27.44
C GLU A 43 -27.56 -45.36 -26.14
N VAL A 44 -26.90 -45.07 -25.02
CA VAL A 44 -27.39 -45.46 -23.69
C VAL A 44 -28.72 -44.79 -23.39
N GLU A 45 -28.82 -43.49 -23.65
CA GLU A 45 -30.07 -42.80 -23.36
C GLU A 45 -31.19 -43.29 -24.27
N SER A 46 -30.85 -43.70 -25.51
CA SER A 46 -31.84 -44.30 -26.40
C SER A 46 -32.35 -45.63 -25.87
N LEU A 47 -31.49 -46.39 -25.18
CA LEU A 47 -31.89 -47.61 -24.50
C LEU A 47 -32.64 -47.33 -23.19
N GLY A 48 -32.87 -46.06 -22.86
CA GLY A 48 -33.61 -45.69 -21.69
C GLY A 48 -32.82 -45.58 -20.40
N LYS A 49 -31.50 -45.48 -20.48
CA LYS A 49 -30.66 -45.37 -19.29
C LYS A 49 -30.17 -43.94 -19.13
N ASP A 50 -29.44 -43.69 -18.04
CA ASP A 50 -29.01 -42.35 -17.68
C ASP A 50 -27.49 -42.21 -17.85
N ALA A 51 -27.06 -41.17 -18.54
CA ALA A 51 -25.64 -40.92 -18.77
C ALA A 51 -25.25 -39.51 -18.34
N LEU A 52 -25.85 -39.00 -17.24
CA LEU A 52 -25.60 -37.62 -16.86
C LEU A 52 -24.19 -37.44 -16.30
N LYS A 53 -23.68 -38.43 -15.54
CA LYS A 53 -22.32 -38.33 -15.06
C LYS A 53 -21.32 -38.20 -16.21
N GLU A 54 -21.50 -39.01 -17.25
CA GLU A 54 -20.60 -38.95 -18.42
C GLU A 54 -20.74 -37.65 -19.17
N LYS A 55 -21.94 -37.07 -19.19
CA LYS A 55 -22.09 -35.74 -19.77
C LYS A 55 -21.29 -34.71 -18.97
N LEU A 56 -21.17 -34.89 -17.66
CA LEU A 56 -20.30 -34.03 -16.87
C LEU A 56 -18.84 -34.21 -17.28
N ALA A 57 -18.44 -35.45 -17.56
CA ALA A 57 -17.09 -35.72 -18.00
C ALA A 57 -16.75 -34.94 -19.26
N VAL A 58 -17.60 -35.05 -20.29
CA VAL A 58 -17.35 -34.38 -21.56
C VAL A 58 -17.16 -32.88 -21.36
N ARG A 59 -18.09 -32.24 -20.64
CA ARG A 59 -17.99 -30.82 -20.38
C ARG A 59 -16.70 -30.47 -19.66
N THR A 60 -16.41 -31.17 -18.56
CA THR A 60 -15.15 -30.95 -17.85
C THR A 60 -13.96 -31.05 -18.80
N ALA A 61 -14.06 -31.94 -19.79
CA ALA A 61 -12.98 -32.13 -20.75
C ALA A 61 -12.88 -30.93 -21.70
N GLU A 62 -14.02 -30.55 -22.28
CA GLU A 62 -14.08 -29.33 -23.09
C GLU A 62 -13.54 -28.12 -22.34
N VAL A 63 -14.04 -27.88 -21.12
CA VAL A 63 -13.60 -26.71 -20.36
C VAL A 63 -12.08 -26.73 -20.18
N PHE A 64 -11.54 -27.85 -19.71
CA PHE A 64 -10.11 -27.88 -19.40
C PHE A 64 -9.24 -27.95 -20.65
N LEU A 65 -9.76 -28.42 -21.80
CA LEU A 65 -9.02 -28.26 -23.04
C LEU A 65 -8.79 -26.79 -23.32
N LYS A 66 -9.82 -25.98 -23.04
CA LYS A 66 -9.71 -24.52 -23.19
C LYS A 66 -8.71 -23.95 -22.18
N PHE A 67 -8.81 -24.38 -20.91
CA PHE A 67 -7.85 -23.93 -19.90
C PHE A 67 -6.41 -24.19 -20.34
N ALA A 68 -6.16 -25.36 -20.95
CA ALA A 68 -4.78 -25.76 -21.22
C ALA A 68 -4.20 -25.03 -22.43
N ASN A 69 -5.03 -24.71 -23.42
CA ASN A 69 -4.56 -23.89 -24.54
C ASN A 69 -4.20 -22.48 -24.08
N TRP A 70 -4.95 -21.91 -23.14
CA TRP A 70 -4.55 -20.62 -22.55
C TRP A 70 -3.26 -20.76 -21.74
N ASP A 71 -3.10 -21.87 -21.03
CA ASP A 71 -1.87 -22.06 -20.29
C ASP A 71 -0.66 -22.08 -21.25
N GLU A 72 -0.78 -22.83 -22.35
CA GLU A 72 0.32 -22.94 -23.30
C GLU A 72 0.75 -21.58 -23.83
N ASN A 73 -0.17 -20.64 -23.92
CA ASN A 73 0.11 -19.34 -24.48
C ASN A 73 0.47 -18.31 -23.42
N ASN A 74 0.54 -18.73 -22.16
CA ASN A 74 0.76 -17.82 -21.04
C ASN A 74 1.69 -18.45 -20.00
N ILE A 75 2.79 -19.01 -20.49
CA ILE A 75 3.80 -19.61 -19.61
C ILE A 75 4.33 -18.58 -18.61
N GLU A 76 4.57 -17.35 -19.06
CA GLU A 76 5.14 -16.34 -18.17
C GLU A 76 4.18 -16.00 -17.02
N GLU A 77 2.88 -15.83 -17.31
CA GLU A 77 1.96 -15.57 -16.21
C GLU A 77 1.90 -16.77 -15.28
N ASN A 78 1.81 -17.98 -15.84
CA ASN A 78 1.68 -19.15 -14.99
C ASN A 78 2.92 -19.36 -14.14
N LYS A 79 4.10 -19.14 -14.73
CA LYS A 79 5.35 -19.20 -13.98
C LYS A 79 5.34 -18.23 -12.80
N SER A 80 4.78 -17.02 -12.97
CA SER A 80 4.79 -16.10 -11.85
C SER A 80 3.86 -16.58 -10.74
N HIS A 81 2.77 -17.28 -11.07
CA HIS A 81 1.87 -17.79 -10.05
C HIS A 81 2.53 -18.92 -9.26
N PHE A 82 3.18 -19.86 -9.98
CA PHE A 82 3.91 -20.94 -9.32
C PHE A 82 5.04 -20.41 -8.43
N GLU A 83 5.60 -19.25 -8.74
CA GLU A 83 6.60 -18.67 -7.87
C GLU A 83 6.00 -18.17 -6.56
N LYS A 84 4.69 -17.93 -6.53
CA LYS A 84 4.05 -17.42 -5.31
C LYS A 84 3.81 -18.47 -4.25
N TYR A 85 4.06 -19.76 -4.54
CA TYR A 85 3.83 -20.84 -3.58
C TYR A 85 5.12 -21.63 -3.35
N TRP A 86 5.47 -21.80 -2.08
CA TRP A 86 6.84 -22.18 -1.74
C TRP A 86 7.17 -23.58 -2.25
N LEU A 87 6.19 -24.48 -2.19
CA LEU A 87 6.36 -25.82 -2.72
C LEU A 87 6.82 -25.82 -4.19
N TYR A 88 6.33 -24.90 -5.00
CA TYR A 88 6.59 -24.87 -6.45
C TYR A 88 7.52 -23.74 -6.86
N LYS A 89 8.00 -22.96 -5.88
CA LYS A 89 8.81 -21.77 -6.18
C LYS A 89 10.03 -22.13 -7.05
N ASN A 90 10.78 -23.15 -6.67
CA ASN A 90 12.05 -23.49 -7.32
C ASN A 90 11.88 -24.23 -8.63
N VAL A 91 10.64 -24.57 -9.02
CA VAL A 91 10.42 -25.30 -10.26
C VAL A 91 9.29 -24.60 -11.02
N ALA A 92 9.12 -23.31 -10.75
CA ALA A 92 8.05 -22.53 -11.36
C ALA A 92 8.06 -22.67 -12.89
N THR A 93 9.19 -22.33 -13.53
CA THR A 93 9.36 -22.51 -14.98
C THR A 93 8.95 -23.90 -15.43
N GLN A 94 9.48 -24.93 -14.76
CA GLN A 94 9.15 -26.32 -15.08
C GLN A 94 7.65 -26.59 -14.98
N MET A 95 7.02 -26.08 -13.92
CA MET A 95 5.61 -26.36 -13.69
C MET A 95 4.76 -25.66 -14.75
N ALA A 96 5.05 -24.39 -15.02
CA ALA A 96 4.27 -23.64 -16.01
C ALA A 96 4.42 -24.25 -17.39
N GLN A 97 5.62 -24.72 -17.74
CA GLN A 97 5.85 -25.34 -19.05
C GLN A 97 5.12 -26.67 -19.20
N GLU A 98 5.13 -27.48 -18.15
CA GLU A 98 4.51 -28.80 -18.20
C GLU A 98 2.99 -28.76 -17.96
N LEU A 99 2.46 -27.71 -17.35
CA LEU A 99 1.04 -27.66 -16.98
C LEU A 99 0.08 -28.01 -18.12
N PRO A 100 0.20 -27.42 -19.34
CA PRO A 100 -0.80 -27.73 -20.39
C PRO A 100 -0.89 -29.21 -20.74
N ASP A 101 0.26 -29.91 -20.82
CA ASP A 101 0.24 -31.33 -21.13
C ASP A 101 -0.13 -32.19 -19.92
N PHE A 102 0.11 -31.71 -18.69
CA PHE A 102 -0.48 -32.36 -17.51
C PHE A 102 -2.00 -32.36 -17.61
N GLU A 103 -2.57 -31.18 -17.83
CA GLU A 103 -4.03 -31.09 -17.86
C GLU A 103 -4.63 -31.95 -18.96
N ARG A 104 -4.06 -31.86 -20.17
CA ARG A 104 -4.53 -32.64 -21.30
C ARG A 104 -4.50 -34.14 -21.01
N ASN A 105 -3.42 -34.64 -20.41
CA ASN A 105 -3.30 -36.07 -20.13
C ASN A 105 -4.21 -36.48 -18.98
N ASP A 106 -4.39 -35.60 -18.01
CA ASP A 106 -5.44 -35.81 -17.03
C ASP A 106 -6.80 -35.92 -17.71
N ILE A 107 -7.04 -35.09 -18.74
CA ILE A 107 -8.30 -35.17 -19.47
C ILE A 107 -8.46 -36.52 -20.16
N LEU A 108 -7.37 -37.05 -20.72
CA LEU A 108 -7.47 -38.33 -21.40
C LEU A 108 -7.88 -39.43 -20.44
N LYS A 109 -7.21 -39.51 -19.28
CA LYS A 109 -7.56 -40.51 -18.28
C LYS A 109 -9.02 -40.38 -17.88
N MET A 110 -9.49 -39.15 -17.73
CA MET A 110 -10.88 -38.88 -17.41
C MET A 110 -11.82 -39.44 -18.46
N LEU A 111 -11.55 -39.16 -19.74
CA LEU A 111 -12.41 -39.66 -20.81
C LEU A 111 -12.38 -41.19 -20.87
N ASP A 112 -11.20 -41.80 -20.68
CA ASP A 112 -11.07 -43.26 -20.68
C ASP A 112 -11.91 -43.89 -19.56
N GLU A 113 -11.77 -43.36 -18.34
CA GLU A 113 -12.54 -43.86 -17.20
C GLU A 113 -14.05 -43.80 -17.47
N SER A 114 -14.52 -42.68 -18.06
CA SER A 114 -15.94 -42.55 -18.39
C SER A 114 -16.34 -43.46 -19.54
N ILE A 115 -15.49 -43.57 -20.56
CA ILE A 115 -15.82 -44.42 -21.70
C ILE A 115 -16.03 -45.86 -21.25
N ALA A 116 -15.10 -46.36 -20.43
CA ALA A 116 -15.23 -47.72 -19.91
C ALA A 116 -16.52 -47.88 -19.10
N TYR A 117 -16.87 -46.89 -18.28
CA TYR A 117 -18.04 -47.07 -17.45
C TYR A 117 -19.31 -47.03 -18.28
N ILE A 118 -19.38 -46.12 -19.26
CA ILE A 118 -20.62 -46.05 -20.03
C ILE A 118 -20.79 -47.31 -20.88
N LYS A 119 -19.71 -48.05 -21.15
CA LYS A 119 -19.88 -49.37 -21.78
C LYS A 119 -20.48 -50.37 -20.80
N LYS A 120 -20.10 -50.32 -19.52
CA LYS A 120 -20.74 -51.20 -18.55
C LYS A 120 -22.20 -50.85 -18.37
N ILE A 121 -22.53 -49.55 -18.41
CA ILE A 121 -23.92 -49.13 -18.45
C ILE A 121 -24.64 -49.74 -19.65
N LYS A 122 -24.01 -49.63 -20.83
CA LYS A 122 -24.60 -50.13 -22.07
C LYS A 122 -24.83 -51.64 -21.99
N LYS A 123 -23.85 -52.37 -21.47
CA LYS A 123 -23.86 -53.83 -21.43
C LYS A 123 -24.53 -54.36 -20.16
N GLU A 124 -24.97 -53.46 -19.28
CA GLU A 124 -25.70 -53.83 -18.08
C GLU A 124 -24.85 -54.67 -17.14
N GLU A 125 -23.53 -54.50 -17.23
CA GLU A 125 -22.61 -55.01 -16.23
C GLU A 125 -22.69 -54.23 -14.91
N VAL A 126 -23.33 -53.06 -14.93
CA VAL A 126 -23.68 -52.27 -13.74
C VAL A 126 -25.10 -51.76 -13.94
N PHE A 127 -25.76 -51.43 -12.84
CA PHE A 127 -27.03 -50.72 -12.88
C PHE A 127 -26.88 -49.47 -12.01
N ARG A 128 -27.00 -48.30 -12.62
CA ARG A 128 -26.88 -47.04 -11.89
C ARG A 128 -28.18 -46.27 -12.06
N ALA A 129 -28.81 -45.93 -10.93
CA ALA A 129 -30.08 -45.24 -10.96
C ALA A 129 -29.95 -43.88 -11.63
N PRO A 130 -30.97 -43.43 -12.34
CA PRO A 130 -30.92 -42.09 -12.91
C PRO A 130 -30.54 -41.04 -11.87
N ILE A 131 -29.52 -40.27 -12.20
CA ILE A 131 -29.07 -39.15 -11.37
C ILE A 131 -30.07 -38.00 -11.51
N PRO A 132 -30.59 -37.45 -10.40
CA PRO A 132 -31.41 -36.24 -10.51
C PRO A 132 -30.58 -35.06 -11.02
N LYS A 133 -31.18 -34.24 -11.89
CA LYS A 133 -30.54 -33.03 -12.38
C LYS A 133 -31.07 -31.87 -11.55
N VAL A 134 -30.19 -31.27 -10.77
CA VAL A 134 -30.56 -30.20 -9.85
C VAL A 134 -30.66 -28.91 -10.66
N ASP A 135 -31.87 -28.47 -10.93
CA ASP A 135 -32.09 -27.12 -11.45
C ASP A 135 -32.11 -26.18 -10.25
N TRP A 136 -31.14 -25.27 -10.15
CA TRP A 136 -31.13 -24.38 -9.01
C TRP A 136 -32.38 -23.48 -8.97
N SER A 137 -33.04 -23.30 -10.11
CA SER A 137 -34.27 -22.49 -10.21
C SER A 137 -35.47 -23.18 -9.61
N LYS A 138 -35.34 -24.46 -9.27
CA LYS A 138 -36.44 -25.25 -8.76
C LYS A 138 -35.96 -26.06 -7.55
N VAL A 139 -35.43 -25.34 -6.56
CA VAL A 139 -34.99 -25.89 -5.28
C VAL A 139 -35.43 -24.93 -4.18
N THR A 140 -35.77 -25.51 -3.03
CA THR A 140 -36.27 -24.77 -1.88
C THR A 140 -35.34 -25.06 -0.70
N VAL A 141 -34.93 -24.02 0.02
CA VAL A 141 -33.98 -24.14 1.11
C VAL A 141 -34.79 -24.17 2.40
N GLY A 142 -34.83 -25.32 3.05
CA GLY A 142 -35.59 -25.49 4.27
C GLY A 142 -34.78 -25.20 5.52
N GLN A 143 -35.31 -25.65 6.65
CA GLN A 143 -34.59 -25.43 7.90
C GLN A 143 -33.37 -26.36 7.97
N ASP A 144 -33.58 -27.64 7.68
CA ASP A 144 -32.48 -28.60 7.81
C ASP A 144 -32.26 -29.40 6.53
N GLU A 145 -32.92 -29.03 5.45
CA GLU A 145 -32.68 -29.68 4.17
C GLU A 145 -32.93 -28.68 3.05
N ILE A 146 -32.36 -29.01 1.90
CA ILE A 146 -32.66 -28.36 0.63
C ILE A 146 -33.37 -29.39 -0.24
N THR A 147 -34.45 -28.99 -0.90
CA THR A 147 -35.26 -29.94 -1.67
C THR A 147 -35.64 -29.35 -3.02
N MET A 148 -35.72 -30.21 -4.03
CA MET A 148 -36.22 -29.76 -5.32
C MET A 148 -37.69 -30.14 -5.43
N ASP A 149 -38.20 -30.29 -6.65
CA ASP A 149 -39.56 -30.76 -6.82
C ASP A 149 -39.72 -32.14 -6.19
N ASN A 150 -40.98 -32.58 -6.06
CA ASN A 150 -41.29 -33.90 -5.54
C ASN A 150 -40.83 -34.03 -4.09
N ASN A 151 -40.31 -32.92 -3.53
CA ASN A 151 -39.74 -32.88 -2.19
C ASN A 151 -38.53 -33.81 -2.04
N LYS A 152 -37.88 -34.19 -3.15
CA LYS A 152 -36.64 -34.94 -3.04
C LYS A 152 -35.55 -34.04 -2.44
N PRO A 153 -34.89 -34.47 -1.37
CA PRO A 153 -33.75 -33.68 -0.86
C PRO A 153 -32.61 -33.61 -1.85
N VAL A 154 -31.88 -32.48 -1.84
CA VAL A 154 -30.68 -32.28 -2.65
C VAL A 154 -29.61 -31.52 -1.87
N PHE A 155 -28.40 -31.60 -2.40
CA PHE A 155 -27.20 -30.94 -1.91
C PHE A 155 -26.62 -30.10 -3.03
N LEU A 156 -26.23 -28.87 -2.73
CA LEU A 156 -25.82 -27.85 -3.68
C LEU A 156 -24.30 -27.64 -3.69
N ALA A 157 -23.70 -27.48 -4.87
CA ALA A 157 -22.27 -27.22 -4.93
C ALA A 157 -21.95 -26.21 -6.02
N ASP A 158 -21.22 -25.16 -5.65
CA ASP A 158 -20.69 -24.16 -6.58
C ASP A 158 -19.26 -23.85 -6.15
N TYR A 159 -18.66 -22.83 -6.78
CA TYR A 159 -17.30 -22.42 -6.48
C TYR A 159 -17.24 -20.92 -6.22
N THR A 160 -16.32 -20.54 -5.33
CA THR A 160 -15.92 -19.15 -5.16
C THR A 160 -15.52 -18.55 -6.52
N TRP A 161 -16.15 -17.41 -6.88
CA TRP A 161 -15.91 -16.62 -8.10
C TRP A 161 -16.09 -17.37 -9.43
N LYS A 162 -16.86 -18.44 -9.51
CA LYS A 162 -17.05 -19.08 -10.80
C LYS A 162 -17.77 -18.11 -11.76
N PRO A 163 -17.39 -18.07 -13.03
CA PRO A 163 -18.17 -17.25 -13.98
C PRO A 163 -19.61 -17.76 -14.13
N ASP A 164 -20.54 -16.81 -14.28
CA ASP A 164 -21.96 -17.12 -14.44
C ASP A 164 -22.31 -17.25 -15.93
N THR A 165 -21.84 -18.34 -16.54
CA THR A 165 -22.13 -18.64 -17.92
C THR A 165 -22.87 -19.95 -18.07
N PRO A 166 -23.63 -20.12 -19.17
CA PRO A 166 -24.30 -21.40 -19.42
C PRO A 166 -23.36 -22.58 -19.37
N GLU A 167 -22.15 -22.41 -19.92
CA GLU A 167 -21.19 -23.49 -19.97
C GLU A 167 -20.90 -24.03 -18.57
N LEU A 168 -20.73 -23.14 -17.59
CA LEU A 168 -20.37 -23.55 -16.24
C LEU A 168 -21.55 -23.79 -15.33
N THR A 169 -22.67 -23.08 -15.49
CA THR A 169 -23.78 -23.30 -14.58
C THR A 169 -24.49 -24.62 -14.84
N GLU A 170 -24.27 -25.25 -16.00
CA GLU A 170 -25.02 -26.47 -16.27
C GLU A 170 -24.66 -27.57 -15.27
N PHE A 171 -23.38 -27.68 -14.90
CA PHE A 171 -22.94 -28.70 -13.95
C PHE A 171 -22.23 -28.19 -12.73
N TYR A 172 -21.73 -26.96 -12.74
CA TYR A 172 -20.89 -26.48 -11.66
C TYR A 172 -21.59 -25.48 -10.75
N GLY A 173 -22.90 -25.44 -10.78
CA GLY A 173 -23.63 -24.68 -9.79
C GLY A 173 -24.07 -23.31 -10.31
N GLU A 174 -25.10 -22.78 -9.66
CA GLU A 174 -25.68 -21.49 -9.98
C GLU A 174 -25.91 -20.69 -8.69
N LEU A 175 -24.91 -20.62 -7.83
CA LEU A 175 -25.06 -19.90 -6.57
C LEU A 175 -25.22 -18.39 -6.83
N ASN A 176 -26.24 -17.80 -6.17
CA ASN A 176 -26.53 -16.38 -6.21
C ASN A 176 -25.85 -15.68 -5.02
N GLY A 177 -26.06 -14.37 -4.93
CA GLY A 177 -25.51 -13.64 -3.82
C GLY A 177 -25.59 -12.15 -4.04
N PHE A 178 -25.25 -11.42 -2.98
CA PHE A 178 -25.11 -9.97 -3.04
C PHE A 178 -24.04 -9.56 -2.05
N TYR A 179 -23.32 -8.52 -2.41
CA TYR A 179 -22.17 -8.04 -1.67
C TYR A 179 -22.44 -6.62 -1.21
N ILE A 180 -22.32 -6.38 0.11
CA ILE A 180 -22.35 -5.05 0.68
C ILE A 180 -21.10 -4.83 1.53
N SER A 181 -20.77 -3.57 1.75
CA SER A 181 -19.53 -3.16 2.41
C SER A 181 -19.77 -1.77 2.97
N PRO A 182 -19.18 -1.43 4.12
CA PRO A 182 -19.36 -0.07 4.66
C PRO A 182 -18.89 1.03 3.72
N TYR A 183 -18.08 0.69 2.71
CA TYR A 183 -17.63 1.65 1.70
C TYR A 183 -18.80 2.21 0.88
N TYR A 184 -19.96 1.56 0.94
CA TYR A 184 -21.16 2.01 0.23
C TYR A 184 -21.93 3.07 0.99
N VAL A 185 -21.63 3.29 2.27
CA VAL A 185 -22.20 4.44 2.98
C VAL A 185 -21.33 5.65 2.59
N THR A 186 -21.83 6.48 1.69
CA THR A 186 -20.98 7.51 1.08
C THR A 186 -20.89 8.78 1.91
N ASN A 187 -21.86 9.06 2.78
CA ASN A 187 -21.73 10.18 3.70
C ASN A 187 -22.25 9.80 5.08
N ALA A 188 -21.98 10.68 6.05
CA ALA A 188 -22.33 10.43 7.45
C ALA A 188 -23.83 10.50 7.70
N SER A 189 -24.60 11.02 6.75
CA SER A 189 -26.05 10.95 6.83
C SER A 189 -26.58 9.57 6.45
N GLY A 190 -25.73 8.66 5.98
CA GLY A 190 -26.18 7.33 5.61
C GLY A 190 -26.65 7.16 4.18
N LYS A 191 -26.27 8.06 3.27
CA LYS A 191 -26.55 7.85 1.86
C LYS A 191 -25.77 6.65 1.38
N ILE A 192 -26.47 5.76 0.68
CA ILE A 192 -25.86 4.58 0.08
C ILE A 192 -25.44 4.93 -1.34
N ASN A 193 -24.28 4.42 -1.76
CA ASN A 193 -23.80 4.50 -3.14
C ASN A 193 -24.94 4.21 -4.12
N GLN A 194 -25.08 5.10 -5.12
CA GLN A 194 -26.27 5.09 -5.98
C GLN A 194 -26.27 3.90 -6.94
N ASN A 195 -25.09 3.52 -7.48
CA ASN A 195 -25.00 2.36 -8.36
C ASN A 195 -25.39 1.06 -7.64
N VAL A 196 -25.24 1.04 -6.32
CA VAL A 196 -25.64 -0.11 -5.51
C VAL A 196 -27.15 -0.13 -5.33
N ILE A 197 -27.75 1.04 -5.09
CA ILE A 197 -29.21 1.13 -4.98
C ILE A 197 -29.87 0.76 -6.29
N ASN A 198 -29.34 1.26 -7.41
CA ASN A 198 -29.83 0.91 -8.74
C ASN A 198 -29.77 -0.60 -8.96
N ASN A 199 -28.64 -1.22 -8.63
CA ASN A 199 -28.49 -2.67 -8.74
C ASN A 199 -29.51 -3.40 -7.87
N LEU A 200 -29.61 -3.01 -6.60
CA LEU A 200 -30.59 -3.63 -5.69
C LEU A 200 -32.02 -3.42 -6.15
N ASN A 201 -32.31 -2.28 -6.77
CA ASN A 201 -33.67 -2.06 -7.26
C ASN A 201 -34.00 -2.95 -8.45
N THR A 202 -33.03 -3.29 -9.28
CA THR A 202 -33.31 -4.03 -10.51
C THR A 202 -32.90 -5.50 -10.46
N LYS A 203 -32.20 -5.94 -9.42
CA LYS A 203 -31.79 -7.32 -9.34
C LYS A 203 -32.97 -8.21 -8.95
N ALA A 204 -33.21 -9.24 -9.74
CA ALA A 204 -34.36 -10.10 -9.47
C ALA A 204 -34.04 -11.04 -8.32
N SER A 205 -35.06 -11.80 -7.90
CA SER A 205 -34.84 -12.81 -6.87
C SER A 205 -33.75 -13.80 -7.30
N GLY A 206 -33.88 -14.36 -8.50
CA GLY A 206 -32.86 -15.28 -9.02
C GLY A 206 -32.78 -16.61 -8.28
N THR A 207 -31.71 -17.33 -8.53
CA THR A 207 -31.45 -18.59 -7.85
C THR A 207 -31.10 -18.37 -6.39
N PRO A 208 -31.11 -19.42 -5.56
CA PRO A 208 -30.74 -19.26 -4.15
C PRO A 208 -29.28 -18.86 -3.99
N GLY A 209 -29.03 -17.94 -3.06
CA GLY A 209 -27.68 -17.59 -2.68
C GLY A 209 -27.62 -16.98 -1.28
N PHE A 210 -26.56 -16.21 -1.00
CA PHE A 210 -26.37 -15.64 0.32
C PHE A 210 -25.81 -14.22 0.22
N VAL A 211 -26.00 -13.45 1.29
CA VAL A 211 -25.56 -12.05 1.37
C VAL A 211 -24.17 -12.01 2.01
N PHE A 212 -23.22 -11.41 1.30
CA PHE A 212 -21.86 -11.24 1.80
C PHE A 212 -21.74 -9.85 2.39
N ILE A 213 -21.49 -9.78 3.68
CA ILE A 213 -21.21 -8.51 4.35
C ILE A 213 -19.69 -8.37 4.49
N ASN A 214 -19.12 -7.45 3.71
CA ASN A 214 -17.73 -7.09 3.86
C ASN A 214 -17.56 -6.26 5.12
N ASN A 215 -16.42 -6.40 5.77
CA ASN A 215 -16.14 -5.52 6.91
C ASN A 215 -14.81 -4.81 6.76
N LYS A 216 -14.42 -4.51 5.52
CA LYS A 216 -13.22 -3.75 5.18
C LYS A 216 -13.61 -2.46 4.43
N ASN A 217 -12.61 -1.68 4.03
CA ASN A 217 -12.82 -0.41 3.33
C ASN A 217 -13.74 0.52 4.13
N VAL A 218 -13.30 0.88 5.33
CA VAL A 218 -14.03 1.89 6.12
C VAL A 218 -14.13 3.17 5.29
N PRO A 219 -15.30 3.81 5.22
CA PRO A 219 -15.44 5.02 4.41
C PRO A 219 -14.77 6.23 5.05
N GLN A 220 -14.50 7.24 4.22
CA GLN A 220 -13.71 8.39 4.64
C GLN A 220 -14.43 9.23 5.70
N TRP A 221 -15.77 9.30 5.64
CA TRP A 221 -16.46 10.11 6.64
C TRP A 221 -16.30 9.51 8.02
N ALA A 222 -16.27 8.18 8.11
CA ALA A 222 -16.02 7.52 9.39
C ALA A 222 -14.63 7.85 9.90
N ILE A 223 -13.63 7.76 9.02
CA ILE A 223 -12.26 8.12 9.37
C ILE A 223 -12.20 9.56 9.86
N ASP A 224 -12.85 10.48 9.12
CA ASP A 224 -12.84 11.89 9.46
C ASP A 224 -13.55 12.17 10.76
N SER A 225 -14.66 11.48 11.00
CA SER A 225 -15.45 11.75 12.19
C SER A 225 -14.81 11.14 13.41
N TYR A 226 -14.39 9.88 13.31
CA TYR A 226 -14.01 9.11 14.46
C TYR A 226 -12.50 9.04 14.69
N GLY A 227 -11.69 9.53 13.75
CA GLY A 227 -10.27 9.66 14.00
C GLY A 227 -9.48 8.39 13.76
N ALA A 228 -8.22 8.44 14.19
CA ALA A 228 -7.31 7.34 13.89
C ALA A 228 -7.63 6.11 14.72
N ASP A 229 -8.15 6.33 15.93
CA ASP A 229 -8.44 5.24 16.85
C ASP A 229 -9.51 4.31 16.32
N PHE A 230 -10.33 4.78 15.36
CA PHE A 230 -11.44 3.99 14.86
C PHE A 230 -10.96 2.76 14.10
N THR A 231 -9.82 2.85 13.40
CA THR A 231 -9.31 1.72 12.65
C THR A 231 -7.96 1.23 13.17
N LYS A 232 -7.53 1.73 14.32
CA LYS A 232 -6.28 1.30 14.92
C LYS A 232 -6.43 -0.06 15.59
N PHE A 233 -7.66 -0.50 15.82
CA PHE A 233 -7.95 -1.72 16.55
C PHE A 233 -8.87 -2.54 15.66
N GLN A 234 -8.43 -3.75 15.31
CA GLN A 234 -9.07 -4.46 14.22
C GLN A 234 -9.31 -5.92 14.57
N GLY A 235 -10.26 -6.49 13.84
CA GLY A 235 -10.51 -7.92 13.84
C GLY A 235 -9.87 -8.47 12.59
N ALA A 236 -8.58 -8.17 12.43
CA ALA A 236 -7.84 -8.43 11.21
C ALA A 236 -7.81 -9.93 10.88
N PRO A 237 -7.73 -10.27 9.59
CA PRO A 237 -7.60 -9.36 8.46
C PRO A 237 -8.90 -9.03 7.73
N PHE A 238 -10.05 -9.38 8.30
CA PHE A 238 -11.29 -9.18 7.56
C PHE A 238 -12.27 -8.19 8.20
N LEU A 239 -11.96 -7.59 9.34
CA LEU A 239 -12.76 -6.49 9.87
C LEU A 239 -11.83 -5.38 10.31
N ASP A 240 -11.98 -4.19 9.72
CA ASP A 240 -10.96 -3.14 9.77
C ASP A 240 -11.25 -2.04 10.79
N TYR A 241 -12.18 -2.25 11.72
CA TYR A 241 -12.61 -1.16 12.62
C TYR A 241 -12.84 -1.71 14.03
N ASP A 242 -13.12 -0.83 14.97
CA ASP A 242 -13.18 -1.20 16.39
C ASP A 242 -14.61 -1.54 16.74
N ILE A 243 -14.91 -2.84 16.91
CA ILE A 243 -16.31 -3.24 17.11
C ILE A 243 -16.87 -2.64 18.39
N ASP A 244 -16.01 -2.22 19.32
CA ASP A 244 -16.45 -1.59 20.56
C ASP A 244 -16.52 -0.06 20.50
N HIS A 245 -16.03 0.56 19.43
CA HIS A 245 -16.25 1.99 19.22
C HIS A 245 -17.71 2.27 18.87
N PRO A 246 -18.31 3.32 19.43
CA PRO A 246 -19.72 3.60 19.12
C PRO A 246 -19.95 3.86 17.65
N GLY A 247 -18.99 4.46 16.98
CA GLY A 247 -19.11 4.66 15.55
C GLY A 247 -19.28 3.38 14.75
N ALA A 248 -18.80 2.25 15.28
CA ALA A 248 -18.91 1.01 14.53
C ALA A 248 -20.36 0.66 14.24
N LYS A 249 -21.24 0.85 15.24
CA LYS A 249 -22.65 0.60 15.04
C LYS A 249 -23.28 1.65 14.13
N VAL A 250 -22.92 2.93 14.31
CA VAL A 250 -23.46 3.99 13.45
C VAL A 250 -23.23 3.64 11.99
N MET A 251 -22.00 3.20 11.68
CA MET A 251 -21.63 2.91 10.31
C MET A 251 -22.33 1.65 9.80
N MET A 252 -22.28 0.56 10.59
CA MET A 252 -22.90 -0.69 10.13
C MET A 252 -24.42 -0.57 10.05
N SER A 253 -25.03 0.17 11.00
CA SER A 253 -26.45 0.45 10.91
C SER A 253 -26.79 1.19 9.61
N HIS A 254 -26.02 2.22 9.27
CA HIS A 254 -26.27 2.95 8.04
C HIS A 254 -26.31 2.00 6.85
N LEU A 255 -25.32 1.09 6.74
CA LEU A 255 -25.28 0.16 5.61
C LEU A 255 -26.45 -0.80 5.62
N LEU A 256 -26.71 -1.43 6.77
CA LEU A 256 -27.85 -2.36 6.87
C LEU A 256 -29.19 -1.64 6.64
N LYS A 257 -29.37 -0.45 7.20
CA LYS A 257 -30.66 0.21 7.03
C LYS A 257 -30.92 0.55 5.57
N GLY A 258 -29.89 0.98 4.86
CA GLY A 258 -30.06 1.44 3.50
C GLY A 258 -30.07 0.38 2.42
N THR A 259 -29.79 -0.88 2.74
CA THR A 259 -29.80 -1.88 1.68
C THR A 259 -30.71 -3.06 1.96
N VAL A 260 -30.92 -3.39 3.23
CA VAL A 260 -31.46 -4.72 3.55
C VAL A 260 -32.93 -4.82 3.25
N THR A 261 -33.71 -3.77 3.50
CA THR A 261 -35.12 -3.85 3.20
C THR A 261 -35.37 -4.16 1.73
N LYS A 262 -34.40 -3.87 0.84
CA LYS A 262 -34.52 -4.22 -0.56
C LYS A 262 -34.27 -5.69 -0.81
N MET A 263 -33.69 -6.40 0.16
CA MET A 263 -33.30 -7.80 0.01
C MET A 263 -34.30 -8.79 0.59
N LYS A 264 -35.15 -8.35 1.53
CA LYS A 264 -36.14 -9.19 2.21
C LYS A 264 -36.88 -10.11 1.26
N GLY A 265 -36.79 -11.41 1.50
CA GLY A 265 -37.48 -12.39 0.67
C GLY A 265 -36.92 -12.62 -0.72
N LYS A 266 -35.78 -12.03 -1.07
CA LYS A 266 -35.15 -12.36 -2.34
C LYS A 266 -34.42 -13.69 -2.21
N HIS A 267 -34.45 -14.48 -3.29
CA HIS A 267 -33.82 -15.80 -3.26
C HIS A 267 -32.32 -15.72 -3.00
N TYR A 268 -31.70 -14.57 -3.23
CA TYR A 268 -30.28 -14.47 -2.89
C TYR A 268 -30.03 -14.23 -1.40
N THR A 269 -31.06 -14.33 -0.56
CA THR A 269 -30.85 -14.41 0.88
C THR A 269 -31.17 -15.79 1.44
N ASP A 270 -31.40 -16.78 0.56
CA ASP A 270 -31.92 -18.07 1.01
C ASP A 270 -30.93 -18.81 1.88
N LEU A 271 -29.63 -18.66 1.59
CA LEU A 271 -28.55 -19.23 2.40
C LEU A 271 -27.95 -18.20 3.34
N GLY A 272 -28.74 -17.19 3.69
CA GLY A 272 -28.43 -16.35 4.82
C GLY A 272 -27.69 -15.07 4.48
N TYR A 273 -27.41 -14.35 5.56
CA TYR A 273 -26.61 -13.15 5.60
C TYR A 273 -25.31 -13.53 6.29
N MET A 274 -24.19 -13.51 5.56
CA MET A 274 -22.91 -13.80 6.17
C MET A 274 -22.42 -12.57 6.92
N LEU A 275 -22.51 -12.59 8.27
CA LEU A 275 -22.19 -11.38 9.03
C LEU A 275 -20.71 -11.02 8.95
N CYS A 276 -19.82 -12.01 8.83
CA CYS A 276 -18.40 -11.73 8.74
C CYS A 276 -17.67 -12.87 8.03
N ASN A 277 -16.68 -12.50 7.22
CA ASN A 277 -15.77 -13.43 6.53
C ASN A 277 -14.64 -13.82 7.49
N GLU A 278 -14.55 -15.11 7.87
CA GLU A 278 -13.51 -15.66 8.74
C GLU A 278 -13.24 -14.72 9.91
N PRO A 279 -14.19 -14.54 10.84
CA PRO A 279 -13.97 -13.59 11.95
C PRO A 279 -12.89 -14.07 12.91
N ARG A 280 -12.16 -13.11 13.47
CA ARG A 280 -11.20 -13.37 14.55
C ARG A 280 -10.76 -12.03 15.12
N TRP A 281 -10.42 -12.06 16.41
CA TRP A 281 -9.87 -10.88 17.10
C TRP A 281 -8.67 -11.42 17.88
N ILE A 282 -7.58 -11.64 17.14
CA ILE A 282 -6.38 -12.22 17.74
C ILE A 282 -5.72 -11.15 18.58
N THR A 283 -5.49 -11.46 19.87
CA THR A 283 -5.05 -10.44 20.81
C THR A 283 -3.92 -10.94 21.71
N TYR A 284 -3.14 -11.90 21.27
CA TYR A 284 -1.99 -12.36 22.01
C TYR A 284 -0.70 -12.01 21.27
N LYS A 285 0.39 -12.13 22.02
CA LYS A 285 1.76 -11.84 21.66
C LYS A 285 2.60 -13.08 21.93
N ASP A 286 3.83 -13.10 21.39
CA ASP A 286 4.76 -14.20 21.69
C ASP A 286 6.19 -13.68 21.70
N GLY A 287 6.54 -12.93 22.74
CA GLY A 287 7.83 -12.26 22.79
C GLY A 287 8.13 -11.46 21.54
N THR A 288 9.21 -11.79 20.84
CA THR A 288 9.56 -11.10 19.60
C THR A 288 9.18 -11.87 18.34
N LYS A 289 8.49 -13.00 18.48
CA LYS A 289 7.94 -13.66 17.29
C LYS A 289 6.77 -12.85 16.73
N LYS A 290 6.61 -12.88 15.43
CA LYS A 290 5.52 -12.15 14.80
C LYS A 290 4.25 -12.98 14.93
N VAL A 291 3.21 -12.42 15.53
CA VAL A 291 1.89 -13.05 15.57
C VAL A 291 1.03 -12.41 14.50
N TRP A 292 0.61 -13.19 13.51
CA TRP A 292 -0.18 -12.65 12.42
C TRP A 292 -1.54 -12.15 12.92
N TYR A 293 -1.96 -10.97 12.48
CA TYR A 293 -3.32 -10.42 12.71
C TYR A 293 -3.57 -9.90 14.12
N THR A 294 -2.62 -10.01 15.03
CA THR A 294 -2.86 -9.59 16.40
C THR A 294 -3.08 -8.10 16.50
N SER A 295 -3.87 -7.69 17.50
CA SER A 295 -4.21 -6.30 17.68
C SER A 295 -4.41 -6.01 19.16
N GLY A 296 -4.21 -4.74 19.53
CA GLY A 296 -4.61 -4.26 20.83
C GLY A 296 -6.08 -3.90 20.82
N VAL A 297 -6.56 -3.41 21.97
CA VAL A 297 -7.95 -2.99 22.10
C VAL A 297 -8.04 -1.55 22.57
N SER A 298 -9.14 -0.90 22.22
CA SER A 298 -9.39 0.49 22.54
C SER A 298 -9.83 0.68 24.00
N THR A 299 -9.98 1.96 24.37
CA THR A 299 -10.52 2.28 25.69
C THR A 299 -11.94 1.76 25.86
N TYR A 300 -12.70 1.72 24.76
CA TYR A 300 -14.06 1.18 24.80
C TYR A 300 -14.06 -0.29 25.18
N THR A 301 -13.08 -1.06 24.70
CA THR A 301 -13.03 -2.49 25.04
C THR A 301 -12.64 -2.69 26.50
N LEU A 302 -11.62 -1.95 26.96
CA LEU A 302 -11.24 -2.01 28.39
C LEU A 302 -12.40 -1.64 29.30
N ASP A 303 -13.19 -0.63 28.93
CA ASP A 303 -14.37 -0.27 29.72
C ASP A 303 -15.37 -1.42 29.84
N LYS A 304 -15.54 -2.20 28.77
CA LYS A 304 -16.42 -3.36 28.88
C LYS A 304 -15.75 -4.49 29.67
N PHE A 305 -14.43 -4.67 29.47
CA PHE A 305 -13.69 -5.65 30.27
C PHE A 305 -13.83 -5.35 31.77
N LYS A 306 -13.75 -4.05 32.14
CA LYS A 306 -13.90 -3.69 33.54
C LYS A 306 -15.28 -4.07 34.04
N GLY A 307 -16.32 -3.73 33.28
CA GLY A 307 -17.65 -4.19 33.64
C GLY A 307 -17.72 -5.70 33.73
N TRP A 308 -17.08 -6.39 32.79
CA TRP A 308 -17.08 -7.85 32.82
C TRP A 308 -16.34 -8.37 34.05
N LEU A 309 -15.24 -7.71 34.41
CA LEU A 309 -14.49 -8.14 35.58
C LEU A 309 -15.30 -7.93 36.87
N GLN A 310 -16.08 -6.85 36.92
CA GLN A 310 -16.97 -6.55 38.04
C GLN A 310 -17.99 -7.68 38.25
N ASN A 311 -18.61 -8.15 37.17
CA ASN A 311 -19.58 -9.23 37.26
C ASN A 311 -18.92 -10.57 37.61
N LYS A 312 -17.70 -10.81 37.10
CA LYS A 312 -17.01 -12.08 37.33
C LYS A 312 -16.49 -12.19 38.77
N HIS A 313 -15.90 -11.11 39.31
CA HIS A 313 -15.24 -11.18 40.62
C HIS A 313 -15.97 -10.49 41.76
N GLN A 314 -16.90 -9.58 41.48
CA GLN A 314 -17.71 -8.89 42.49
C GLN A 314 -16.89 -7.82 43.24
N ASN A 315 -15.72 -8.17 43.77
CA ASN A 315 -14.92 -7.17 44.47
C ASN A 315 -13.48 -7.23 43.98
N ILE A 316 -12.79 -6.09 44.15
CA ILE A 316 -11.46 -5.94 43.58
C ILE A 316 -10.44 -6.84 44.27
N ALA A 317 -10.66 -7.18 45.53
CA ALA A 317 -9.68 -8.02 46.24
C ALA A 317 -9.59 -9.40 45.60
N GLN A 318 -10.74 -9.94 45.17
CA GLN A 318 -10.76 -11.25 44.53
C GLN A 318 -9.94 -11.25 43.25
N LEU A 319 -10.16 -10.24 42.41
CA LEU A 319 -9.35 -10.09 41.22
C LEU A 319 -7.89 -9.89 41.61
N ASN A 320 -7.64 -9.12 42.68
CA ASN A 320 -6.25 -8.81 42.96
C ASN A 320 -5.49 -10.04 43.43
N ALA A 321 -6.18 -10.97 44.10
CA ALA A 321 -5.50 -12.17 44.57
C ALA A 321 -5.17 -13.11 43.41
N LEU A 322 -6.01 -13.11 42.38
CA LEU A 322 -5.85 -14.02 41.25
C LEU A 322 -4.88 -13.45 40.23
N TRP A 323 -4.91 -12.14 40.04
CA TRP A 323 -4.01 -11.48 39.12
C TRP A 323 -2.68 -11.14 39.79
N HIS A 324 -2.59 -11.28 41.12
CA HIS A 324 -1.46 -10.78 41.89
C HIS A 324 -1.28 -9.29 41.61
N SER A 325 -2.40 -8.59 41.57
CA SER A 325 -2.43 -7.17 41.29
C SER A 325 -2.75 -6.46 42.59
N SER A 326 -2.74 -5.13 42.54
CA SER A 326 -3.09 -4.35 43.71
C SER A 326 -3.90 -3.12 43.31
N PHE A 327 -4.87 -3.32 42.39
CA PHE A 327 -5.82 -2.25 42.10
C PHE A 327 -6.69 -1.93 43.32
N SER A 328 -7.05 -0.64 43.44
CA SER A 328 -7.94 -0.23 44.51
C SER A 328 -9.42 -0.34 44.13
N ASN A 329 -9.71 -0.29 42.84
CA ASN A 329 -11.08 -0.52 42.40
C ASN A 329 -11.01 -1.04 40.97
N PHE A 330 -12.17 -1.26 40.38
CA PHE A 330 -12.21 -1.79 39.03
C PHE A 330 -11.91 -0.72 37.98
N GLU A 331 -12.18 0.55 38.27
CA GLU A 331 -11.88 1.59 37.28
C GLU A 331 -10.39 1.71 37.03
N GLU A 332 -9.56 1.15 37.91
CA GLU A 332 -8.12 1.23 37.80
C GLU A 332 -7.49 -0.02 37.22
N VAL A 333 -8.27 -1.02 36.83
CA VAL A 333 -7.70 -2.20 36.19
C VAL A 333 -6.96 -1.82 34.92
N VAL A 334 -5.76 -2.36 34.76
CA VAL A 334 -4.97 -2.18 33.56
C VAL A 334 -4.53 -3.56 33.08
N ILE A 335 -4.55 -3.74 31.77
CA ILE A 335 -4.00 -4.96 31.16
C ILE A 335 -3.33 -4.60 29.86
N GLU A 336 -2.17 -5.21 29.61
CA GLU A 336 -1.47 -5.03 28.35
C GLU A 336 -2.04 -6.00 27.30
N ILE A 337 -2.63 -5.46 26.29
CA ILE A 337 -3.15 -6.22 25.13
C ILE A 337 -2.40 -5.71 23.90
N PRO A 338 -1.85 -6.60 23.04
CA PRO A 338 -1.84 -8.07 23.14
C PRO A 338 -1.17 -8.63 24.41
N ILE A 339 -1.77 -9.67 24.97
CA ILE A 339 -1.28 -10.32 26.18
C ILE A 339 -0.37 -11.49 25.79
N ASP A 340 0.80 -11.54 26.42
CA ASP A 340 1.79 -12.54 26.00
C ASP A 340 1.31 -13.96 26.31
N ILE A 341 1.58 -14.86 25.37
CA ILE A 341 1.13 -16.26 25.43
C ILE A 341 1.78 -16.99 26.60
N SER A 342 2.83 -16.43 27.18
CA SER A 342 3.44 -17.04 28.36
C SER A 342 2.54 -16.97 29.57
N LEU A 343 1.54 -16.08 29.56
CA LEU A 343 0.57 -16.01 30.65
C LEU A 343 -0.54 -17.04 30.54
N MET A 344 -0.54 -17.92 29.55
CA MET A 344 -1.62 -18.88 29.43
C MET A 344 -1.58 -19.88 30.58
N GLY A 345 -2.76 -20.14 31.15
CA GLY A 345 -2.88 -20.87 32.39
C GLY A 345 -3.10 -20.01 33.61
N THR A 346 -2.81 -18.69 33.53
CA THR A 346 -3.01 -17.79 34.66
C THR A 346 -4.43 -17.23 34.69
N PRO A 347 -4.91 -16.84 35.87
CA PRO A 347 -6.25 -16.23 35.94
C PRO A 347 -6.43 -15.02 35.02
N LYS A 348 -5.38 -14.19 34.85
CA LYS A 348 -5.51 -13.00 34.01
C LYS A 348 -5.63 -13.38 32.54
N TRP A 349 -4.90 -14.42 32.11
CA TRP A 349 -5.10 -14.92 30.76
C TRP A 349 -6.50 -15.46 30.56
N TYR A 350 -7.04 -16.21 31.54
CA TYR A 350 -8.41 -16.71 31.39
C TYR A 350 -9.40 -15.55 31.26
N ASP A 351 -9.26 -14.52 32.09
CA ASP A 351 -10.25 -13.45 32.07
C ASP A 351 -10.25 -12.75 30.72
N TRP A 352 -9.05 -12.44 30.20
CA TRP A 352 -8.98 -11.72 28.94
C TRP A 352 -9.55 -12.55 27.78
N VAL A 353 -9.04 -13.76 27.58
CA VAL A 353 -9.51 -14.61 26.49
C VAL A 353 -11.02 -14.85 26.57
N THR A 354 -11.54 -15.13 27.77
CA THR A 354 -12.98 -15.33 27.92
C THR A 354 -13.76 -14.06 27.61
N PHE A 355 -13.32 -12.91 28.16
CA PHE A 355 -14.02 -11.66 27.85
C PHE A 355 -13.97 -11.37 26.36
N ASN A 356 -12.81 -11.58 25.75
CA ASN A 356 -12.65 -11.37 24.31
C ASN A 356 -13.64 -12.20 23.51
N GLU A 357 -13.87 -13.45 23.93
CA GLU A 357 -14.88 -14.28 23.27
C GLU A 357 -16.24 -13.65 23.41
N ASP A 358 -16.56 -13.20 24.64
CA ASP A 358 -17.88 -12.70 24.93
C ASP A 358 -18.14 -11.38 24.20
N ARG A 359 -17.13 -10.52 24.13
CA ARG A 359 -17.35 -9.21 23.52
C ARG A 359 -17.54 -9.34 22.01
N VAL A 360 -16.84 -10.29 21.37
CA VAL A 360 -17.07 -10.60 19.96
C VAL A 360 -18.47 -11.16 19.75
N THR A 361 -18.92 -12.04 20.64
CA THR A 361 -20.28 -12.56 20.50
C THR A 361 -21.29 -11.44 20.65
N ASP A 362 -21.00 -10.48 21.51
CA ASP A 362 -21.90 -9.36 21.70
C ASP A 362 -22.03 -8.56 20.40
N TRP A 363 -20.91 -8.34 19.71
CA TRP A 363 -20.94 -7.59 18.46
C TRP A 363 -21.86 -8.27 17.44
N PHE A 364 -21.79 -9.59 17.35
CA PHE A 364 -22.66 -10.28 16.39
C PHE A 364 -24.08 -10.43 16.92
N THR A 365 -24.28 -10.47 18.24
CA THR A 365 -25.64 -10.35 18.76
C THR A 365 -26.24 -9.01 18.33
N TRP A 366 -25.43 -7.93 18.37
CA TRP A 366 -25.95 -6.63 17.95
C TRP A 366 -26.18 -6.59 16.46
N MET A 367 -25.20 -7.08 15.69
CA MET A 367 -25.28 -7.03 14.24
C MET A 367 -26.50 -7.78 13.72
N LYS A 368 -26.85 -8.90 14.38
CA LYS A 368 -28.02 -9.67 13.95
C LYS A 368 -29.30 -8.91 14.23
N SER A 369 -29.44 -8.36 15.44
CA SER A 369 -30.69 -7.66 15.76
C SER A 369 -30.87 -6.41 14.90
N GLU A 370 -29.76 -5.74 14.55
CA GLU A 370 -29.89 -4.60 13.63
C GLU A 370 -30.37 -5.08 12.27
N LEU A 371 -29.78 -6.15 11.77
CA LEU A 371 -30.21 -6.77 10.53
C LEU A 371 -31.70 -7.09 10.53
N ARG A 372 -32.20 -7.62 11.66
CA ARG A 372 -33.59 -8.08 11.70
C ARG A 372 -34.57 -6.93 11.62
N LYS A 373 -34.17 -5.73 12.02
CA LYS A 373 -35.05 -4.57 11.90
C LYS A 373 -35.47 -4.35 10.46
N TYR A 374 -34.65 -4.78 9.49
CA TYR A 374 -34.84 -4.48 8.08
C TYR A 374 -35.20 -5.71 7.25
N ASP A 375 -34.89 -6.90 7.73
CA ASP A 375 -35.40 -8.15 7.19
C ASP A 375 -35.72 -9.04 8.40
N PRO A 376 -36.97 -9.02 8.87
CA PRO A 376 -37.33 -9.77 10.09
C PRO A 376 -37.18 -11.28 9.97
N THR A 377 -37.05 -11.79 8.75
CA THR A 377 -36.92 -13.22 8.49
C THR A 377 -35.46 -13.63 8.27
N ALA A 378 -34.54 -12.67 8.32
CA ALA A 378 -33.14 -12.91 7.95
C ALA A 378 -32.53 -14.08 8.72
N LYS A 379 -31.80 -14.93 8.00
CA LYS A 379 -31.07 -16.04 8.60
C LYS A 379 -29.59 -15.66 8.74
N ALA A 380 -29.14 -15.43 9.96
CA ALA A 380 -27.76 -15.06 10.17
C ALA A 380 -26.84 -16.28 10.06
N GLN A 381 -25.60 -16.03 9.64
CA GLN A 381 -24.58 -17.06 9.61
C GLN A 381 -23.26 -16.35 9.47
N LEU A 382 -22.18 -17.09 9.72
CA LEU A 382 -20.87 -16.51 9.64
C LEU A 382 -20.01 -17.50 8.88
N LYS A 383 -18.96 -17.01 8.26
CA LYS A 383 -18.00 -17.94 7.63
C LYS A 383 -16.89 -18.21 8.64
N ILE A 384 -17.24 -19.02 9.67
CA ILE A 384 -16.30 -19.27 10.77
C ILE A 384 -15.36 -20.41 10.39
N MET A 385 -14.09 -20.28 10.76
CA MET A 385 -13.17 -21.41 10.61
C MET A 385 -13.22 -22.30 11.86
N PRO A 386 -13.68 -23.55 11.74
CA PRO A 386 -13.75 -24.44 12.91
C PRO A 386 -12.38 -24.89 13.41
N SER A 387 -11.33 -24.69 12.62
CA SER A 387 -9.97 -25.02 13.05
C SER A 387 -9.56 -24.21 14.27
N PHE A 388 -10.20 -23.06 14.52
CA PHE A 388 -9.90 -22.39 15.79
C PHE A 388 -10.32 -23.27 16.94
N PHE A 389 -11.42 -23.99 16.77
CA PHE A 389 -11.96 -24.87 17.80
C PHE A 389 -11.19 -26.18 17.84
N THR A 390 -11.04 -26.85 16.69
CA THR A 390 -10.44 -28.19 16.68
C THR A 390 -8.95 -28.15 16.97
N GLU A 391 -8.26 -27.08 16.56
CA GLU A 391 -6.83 -26.89 16.83
C GLU A 391 -6.58 -26.06 18.08
N ASN A 392 -7.62 -25.51 18.68
CA ASN A 392 -7.52 -24.71 19.90
C ASN A 392 -6.58 -23.52 19.70
N ASP A 393 -6.88 -22.70 18.71
CA ASP A 393 -6.03 -21.52 18.52
C ASP A 393 -6.17 -20.59 19.73
N PRO A 394 -5.08 -19.97 20.16
CA PRO A 394 -5.15 -19.12 21.36
C PRO A 394 -5.74 -17.73 21.08
N ALA A 395 -6.54 -17.26 22.03
CA ALA A 395 -6.95 -15.86 22.10
C ALA A 395 -7.47 -15.32 20.76
N THR A 396 -8.44 -16.04 20.18
CA THR A 396 -9.07 -15.64 18.93
C THR A 396 -10.35 -14.82 19.13
N GLY A 397 -10.97 -14.90 20.31
CA GLY A 397 -12.26 -14.29 20.53
C GLY A 397 -13.42 -15.00 19.88
N ILE A 398 -13.22 -16.16 19.27
CA ILE A 398 -14.26 -16.86 18.53
C ILE A 398 -14.83 -17.97 19.42
N ASP A 399 -16.06 -17.76 19.90
CA ASP A 399 -16.82 -18.76 20.63
C ASP A 399 -17.67 -19.52 19.60
N LEU A 400 -17.13 -20.62 19.08
CA LEU A 400 -17.82 -21.33 18.01
C LEU A 400 -19.25 -21.70 18.40
N GLU A 401 -19.43 -22.20 19.60
CA GLU A 401 -20.78 -22.50 20.06
C GLU A 401 -21.66 -21.25 20.05
N ALA A 402 -21.20 -20.16 20.68
CA ALA A 402 -22.11 -19.04 20.91
C ALA A 402 -22.49 -18.36 19.60
N LEU A 403 -21.57 -18.30 18.63
CA LEU A 403 -21.89 -17.76 17.31
C LEU A 403 -22.75 -18.73 16.49
N THR A 404 -22.64 -20.02 16.75
CA THR A 404 -23.52 -20.96 16.05
C THR A 404 -24.92 -20.96 16.64
N GLU A 405 -25.05 -20.70 17.92
CA GLU A 405 -26.41 -20.56 18.50
C GLU A 405 -27.15 -19.40 17.80
N LEU A 406 -26.48 -18.27 17.58
CA LEU A 406 -27.10 -17.04 17.01
C LEU A 406 -27.31 -17.14 15.49
N SER A 407 -26.89 -18.24 14.90
CA SER A 407 -27.03 -18.43 13.44
C SER A 407 -28.24 -19.35 13.12
N GLU A 408 -28.99 -19.03 12.05
CA GLU A 408 -30.05 -19.92 11.57
C GLU A 408 -29.55 -20.94 10.58
N ILE A 409 -28.31 -20.78 10.12
CA ILE A 409 -27.68 -21.66 9.17
C ILE A 409 -26.28 -21.89 9.71
N ASN A 410 -25.80 -23.12 9.67
CA ASN A 410 -24.53 -23.41 10.34
C ASN A 410 -23.38 -23.06 9.38
N GLY A 411 -23.06 -21.76 9.33
CA GLY A 411 -22.03 -21.31 8.41
C GLY A 411 -20.63 -21.70 8.86
N ASN A 412 -19.71 -21.79 7.88
CA ASN A 412 -18.35 -22.22 8.15
C ASN A 412 -17.56 -22.27 6.83
N ASP A 413 -16.24 -22.41 6.96
CA ASP A 413 -15.41 -22.76 5.79
C ASP A 413 -14.36 -23.79 6.22
N VAL A 414 -14.83 -24.90 6.80
CA VAL A 414 -13.93 -25.93 7.30
C VAL A 414 -13.03 -26.45 6.17
N ALA A 415 -11.90 -27.02 6.56
CA ALA A 415 -10.86 -27.49 5.66
C ALA A 415 -10.58 -28.96 5.93
N ALA A 416 -9.82 -29.56 5.00
CA ALA A 416 -9.22 -30.87 5.22
C ALA A 416 -7.85 -30.85 4.57
N ASN A 417 -6.95 -31.69 5.05
CA ASN A 417 -5.55 -31.65 4.63
C ASN A 417 -5.22 -32.92 3.84
N TYR A 418 -5.27 -32.82 2.51
CA TYR A 418 -4.71 -33.87 1.67
C TYR A 418 -3.24 -34.11 1.99
N ASN A 419 -2.50 -33.05 2.29
CA ASN A 419 -1.15 -33.17 2.84
C ASN A 419 -0.91 -31.96 3.74
N TYR A 420 0.33 -31.82 4.21
CA TYR A 420 0.74 -30.66 4.99
C TYR A 420 2.04 -30.13 4.39
N MET A 421 2.06 -28.85 4.03
CA MET A 421 3.29 -28.21 3.54
C MET A 421 4.05 -27.63 4.72
N VAL A 422 5.23 -28.20 5.01
CA VAL A 422 6.11 -27.76 6.09
C VAL A 422 7.35 -27.17 5.45
N LYS A 423 7.54 -25.87 5.64
CA LYS A 423 8.72 -25.16 5.17
C LYS A 423 8.92 -25.38 3.67
N GLY A 424 7.81 -25.50 2.94
CA GLY A 424 7.85 -25.62 1.49
C GLY A 424 8.05 -27.00 0.95
N GLU A 425 7.68 -28.04 1.71
CA GLU A 425 7.79 -29.43 1.29
C GLU A 425 6.46 -30.11 1.64
N ILE A 426 6.14 -31.18 0.91
CA ILE A 426 4.93 -31.97 1.22
C ILE A 426 5.23 -32.97 2.32
N VAL A 427 4.37 -33.01 3.33
CA VAL A 427 4.35 -34.02 4.38
C VAL A 427 2.95 -34.63 4.41
N LYS A 428 2.87 -35.94 4.54
CA LYS A 428 1.59 -36.62 4.60
C LYS A 428 1.16 -36.79 6.06
N ASP A 429 -0.14 -36.97 6.28
CA ASP A 429 -0.61 -37.29 7.63
C ASP A 429 0.08 -38.55 8.14
N GLU A 430 0.62 -38.46 9.36
CA GLU A 430 1.36 -39.58 9.91
C GLU A 430 0.46 -40.75 10.24
N LYS A 431 -0.83 -40.51 10.41
CA LYS A 431 -1.67 -41.56 10.92
C LYS A 431 -2.73 -42.05 9.94
N TYR A 432 -3.20 -41.17 9.05
CA TYR A 432 -4.36 -41.49 8.23
C TYR A 432 -4.07 -41.09 6.78
N ALA A 433 -5.02 -41.44 5.90
CA ALA A 433 -4.95 -41.02 4.49
C ALA A 433 -4.81 -39.51 4.35
N PHE A 434 -5.58 -38.75 5.13
CA PHE A 434 -5.56 -37.29 5.11
C PHE A 434 -6.04 -36.80 6.46
N GLY A 435 -5.82 -35.51 6.70
CA GLY A 435 -6.32 -34.88 7.91
C GLY A 435 -7.81 -34.63 7.85
N TRP A 436 -8.57 -35.42 8.61
CA TRP A 436 -10.03 -35.34 8.66
C TRP A 436 -10.58 -34.80 9.98
N LYS A 437 -9.75 -34.75 11.05
CA LYS A 437 -10.16 -34.29 12.38
C LYS A 437 -10.99 -33.02 12.32
N GLU A 438 -10.50 -32.04 11.55
CA GLU A 438 -11.11 -30.73 11.52
C GLU A 438 -12.53 -30.81 10.97
N LEU A 439 -12.73 -31.65 9.94
CA LEU A 439 -14.06 -31.80 9.38
C LEU A 439 -14.98 -32.56 10.32
N TYR A 440 -14.52 -33.70 10.85
CA TYR A 440 -15.40 -34.53 11.69
C TYR A 440 -15.68 -33.86 13.04
N MET A 441 -14.63 -33.46 13.76
CA MET A 441 -14.84 -32.74 15.01
C MET A 441 -15.61 -31.45 14.79
N GLY A 442 -15.19 -30.66 13.80
CA GLY A 442 -15.88 -29.43 13.47
C GLY A 442 -17.37 -29.62 13.24
N TYR A 443 -17.74 -30.46 12.28
CA TYR A 443 -19.15 -30.58 11.92
C TYR A 443 -19.95 -31.31 12.97
N ASP A 444 -19.35 -32.28 13.67
CA ASP A 444 -20.07 -32.91 14.77
C ASP A 444 -20.38 -31.90 15.88
N PHE A 445 -19.46 -30.98 16.15
CA PHE A 445 -19.74 -29.92 17.11
C PHE A 445 -20.82 -28.98 16.58
N LEU A 446 -20.75 -28.56 15.30
CA LEU A 446 -21.81 -27.71 14.74
C LEU A 446 -23.19 -28.35 14.88
N LYS A 447 -23.27 -29.66 14.59
CA LYS A 447 -24.53 -30.38 14.65
C LYS A 447 -24.91 -30.79 16.05
N SER A 448 -24.01 -30.62 17.03
CA SER A 448 -24.45 -30.74 18.42
C SER A 448 -25.06 -29.44 18.89
N VAL A 449 -24.47 -28.30 18.52
CA VAL A 449 -25.04 -27.02 18.95
C VAL A 449 -26.35 -26.72 18.21
N GLN A 450 -26.40 -26.94 16.91
CA GLN A 450 -27.61 -26.70 16.11
C GLN A 450 -27.96 -27.96 15.35
N PRO A 451 -28.53 -28.97 16.03
CA PRO A 451 -28.78 -30.25 15.36
C PRO A 451 -29.80 -30.16 14.23
N ASN A 452 -30.68 -29.18 14.25
CA ASN A 452 -31.79 -29.14 13.30
C ASN A 452 -31.63 -28.04 12.27
N GLN A 453 -30.38 -27.76 11.88
CA GLN A 453 -30.08 -26.67 11.00
C GLN A 453 -29.12 -27.15 9.92
N LEU A 454 -29.26 -26.52 8.76
CA LEU A 454 -28.44 -26.81 7.59
C LEU A 454 -26.98 -26.43 7.84
N ILE A 455 -26.06 -27.15 7.19
CA ILE A 455 -24.65 -26.76 7.14
C ILE A 455 -24.36 -26.18 5.75
N PHE A 456 -23.76 -24.99 5.75
CA PHE A 456 -23.43 -24.26 4.54
C PHE A 456 -21.95 -23.90 4.64
N ASN A 457 -21.13 -24.63 3.91
CA ASN A 457 -19.69 -24.33 3.84
C ASN A 457 -19.54 -23.31 2.72
N SER A 458 -19.46 -22.02 3.08
CA SER A 458 -19.45 -20.94 2.08
C SER A 458 -18.08 -20.66 1.47
N GLU A 459 -17.02 -21.36 1.87
CA GLU A 459 -15.72 -21.24 1.22
C GLU A 459 -14.95 -22.54 1.48
N SER A 460 -15.42 -23.62 0.84
CA SER A 460 -14.95 -24.94 1.20
C SER A 460 -13.47 -25.10 0.92
N HIS A 461 -12.71 -25.42 1.97
CA HIS A 461 -11.28 -25.69 1.88
C HIS A 461 -10.98 -27.18 2.08
N LEU A 462 -11.91 -28.05 1.66
CA LEU A 462 -11.65 -29.48 1.65
C LEU A 462 -10.70 -29.90 0.54
N LEU A 463 -10.55 -29.11 -0.52
CA LEU A 463 -9.59 -29.44 -1.57
C LEU A 463 -8.21 -28.86 -1.27
N SER A 464 -8.13 -27.54 -1.10
CA SER A 464 -6.83 -26.88 -0.90
C SER A 464 -6.99 -25.76 0.10
N THR A 465 -5.87 -25.38 0.70
CA THR A 465 -5.85 -24.31 1.68
C THR A 465 -4.41 -23.80 1.78
N ASN A 466 -4.13 -23.03 2.82
CA ASN A 466 -2.81 -22.45 3.05
C ASN A 466 -1.70 -23.49 3.02
N ASN A 467 -1.94 -24.66 3.61
CA ASN A 467 -0.84 -25.62 3.79
C ASN A 467 -1.24 -26.99 3.27
N ALA A 468 -2.00 -27.02 2.18
CA ALA A 468 -2.46 -28.28 1.63
C ALA A 468 -2.66 -28.05 0.14
N ARG A 469 -1.90 -28.78 -0.67
CA ARG A 469 -1.92 -28.56 -2.10
C ARG A 469 -1.10 -29.64 -2.76
N ASP A 470 -1.59 -30.11 -3.91
CA ASP A 470 -0.88 -31.08 -4.75
C ASP A 470 -1.50 -31.08 -6.14
N LEU A 471 -0.86 -30.40 -7.10
CA LEU A 471 -1.32 -30.45 -8.49
C LEU A 471 -1.75 -31.85 -8.89
N TYR A 472 -0.94 -32.85 -8.54
CA TYR A 472 -1.17 -34.21 -8.94
C TYR A 472 -2.04 -34.97 -7.96
N MET A 473 -2.85 -34.27 -7.17
CA MET A 473 -3.66 -34.90 -6.14
C MET A 473 -4.53 -36.00 -6.73
N ASP A 474 -4.55 -37.14 -6.04
CA ASP A 474 -5.33 -38.32 -6.43
C ASP A 474 -6.83 -38.00 -6.47
N PRO A 475 -7.51 -38.25 -7.58
CA PRO A 475 -8.94 -37.91 -7.70
C PRO A 475 -9.85 -38.69 -6.75
N LYS A 476 -9.34 -39.70 -6.07
CA LYS A 476 -10.17 -40.37 -5.07
C LYS A 476 -10.37 -39.51 -3.83
N TYR A 477 -9.47 -38.57 -3.58
CA TYR A 477 -9.54 -37.79 -2.34
C TYR A 477 -10.74 -36.84 -2.31
N PRO A 478 -10.98 -35.99 -3.31
CA PRO A 478 -12.18 -35.14 -3.24
C PRO A 478 -13.45 -35.95 -3.08
N ARG A 479 -13.48 -37.15 -3.67
CA ARG A 479 -14.64 -38.01 -3.52
C ARG A 479 -14.88 -38.37 -2.06
N ALA A 480 -13.84 -38.90 -1.38
CA ALA A 480 -13.97 -39.33 0.00
C ALA A 480 -14.35 -38.17 0.92
N VAL A 481 -13.73 -37.01 0.75
CA VAL A 481 -13.92 -35.95 1.75
C VAL A 481 -15.24 -35.21 1.56
N TYR A 482 -15.70 -35.08 0.32
CA TYR A 482 -17.01 -34.49 0.09
C TYR A 482 -18.12 -35.47 0.44
N TRP A 483 -17.90 -36.77 0.18
CA TRP A 483 -18.82 -37.76 0.68
C TRP A 483 -18.91 -37.71 2.21
N ALA A 484 -17.75 -37.73 2.88
CA ALA A 484 -17.71 -37.63 4.35
C ALA A 484 -18.38 -36.36 4.84
N ALA A 485 -18.09 -35.24 4.18
CA ALA A 485 -18.67 -33.98 4.64
C ALA A 485 -20.18 -34.02 4.61
N HIS A 486 -20.76 -34.75 3.66
CA HIS A 486 -22.21 -34.76 3.52
C HIS A 486 -22.87 -35.71 4.51
N THR A 487 -22.20 -36.81 4.86
CA THR A 487 -22.72 -37.65 5.95
C THR A 487 -22.77 -36.87 7.25
N LEU A 488 -21.87 -35.92 7.43
CA LEU A 488 -21.76 -35.17 8.68
C LEU A 488 -22.71 -33.98 8.78
N GLY A 489 -23.52 -33.71 7.78
CA GLY A 489 -24.42 -32.58 7.82
C GLY A 489 -24.26 -31.56 6.70
N LEU A 490 -23.20 -31.65 5.86
CA LEU A 490 -23.04 -30.68 4.78
C LEU A 490 -24.26 -30.71 3.85
N ASN A 491 -24.88 -29.55 3.63
CA ASN A 491 -26.03 -29.47 2.72
C ASN A 491 -25.79 -28.57 1.52
N ALA A 492 -24.85 -27.64 1.59
CA ALA A 492 -24.53 -26.73 0.48
C ALA A 492 -23.10 -26.25 0.65
N SER A 493 -22.42 -25.98 -0.48
CA SER A 493 -21.01 -25.61 -0.41
C SER A 493 -20.61 -24.75 -1.60
N GLN A 494 -19.89 -23.67 -1.29
CA GLN A 494 -19.16 -22.88 -2.26
C GLN A 494 -17.70 -23.25 -2.11
N THR A 495 -17.15 -23.98 -3.07
CA THR A 495 -15.80 -24.52 -2.95
C THR A 495 -14.75 -23.53 -3.44
N TRP A 496 -13.70 -23.35 -2.63
CA TRP A 496 -12.54 -22.53 -2.96
C TRP A 496 -11.64 -23.31 -3.91
N TYR A 497 -11.48 -22.87 -5.18
CA TYR A 497 -12.11 -21.70 -5.82
C TYR A 497 -11.89 -21.77 -7.32
N TRP A 498 -12.58 -20.90 -8.05
CA TRP A 498 -12.60 -20.89 -9.51
C TRP A 498 -12.22 -19.51 -10.03
N PRO A 499 -10.94 -19.13 -9.90
CA PRO A 499 -10.50 -17.80 -10.35
C PRO A 499 -10.37 -17.67 -11.85
N ARG A 500 -10.46 -18.76 -12.60
CA ARG A 500 -10.41 -18.67 -14.05
C ARG A 500 -11.64 -17.95 -14.59
N LYS A 501 -11.41 -17.05 -15.53
CA LYS A 501 -12.46 -16.40 -16.29
C LYS A 501 -13.04 -17.32 -17.36
N GLU A 502 -13.94 -16.78 -18.17
CA GLU A 502 -14.67 -17.55 -19.16
C GLU A 502 -13.74 -18.17 -20.20
N ASP A 503 -12.79 -17.39 -20.69
CA ASP A 503 -11.89 -17.84 -21.75
C ASP A 503 -10.68 -18.62 -21.24
N GLY A 504 -10.66 -18.95 -19.94
CA GLY A 504 -9.59 -19.70 -19.34
C GLY A 504 -8.49 -18.86 -18.74
N SER A 505 -8.53 -17.55 -18.94
CA SER A 505 -7.55 -16.70 -18.28
C SER A 505 -7.86 -16.65 -16.78
N LEU A 506 -7.03 -15.92 -16.04
CA LEU A 506 -7.18 -15.81 -14.60
C LEU A 506 -7.59 -14.40 -14.20
N LYS A 507 -8.49 -14.32 -13.21
CA LYS A 507 -8.78 -13.07 -12.54
C LYS A 507 -7.50 -12.41 -12.10
N SER A 508 -7.51 -11.08 -12.00
CA SER A 508 -6.39 -10.40 -11.42
C SER A 508 -6.41 -10.58 -9.89
N GLY A 509 -5.23 -10.46 -9.29
CA GLY A 509 -5.10 -10.65 -7.86
C GLY A 509 -4.76 -12.05 -7.45
N ILE A 510 -4.22 -12.85 -8.37
CA ILE A 510 -3.86 -14.23 -8.08
C ILE A 510 -2.78 -14.23 -7.00
N THR A 511 -3.00 -15.00 -5.94
CA THR A 511 -2.04 -15.16 -4.84
C THR A 511 -1.45 -16.57 -4.87
N GLY A 512 -0.61 -16.85 -3.88
CA GLY A 512 0.02 -18.16 -3.76
C GLY A 512 -0.96 -19.31 -3.64
N ALA A 513 -2.21 -19.04 -3.26
CA ALA A 513 -3.20 -20.11 -3.15
C ALA A 513 -3.52 -20.74 -4.49
N TYR A 514 -3.14 -20.11 -5.60
CA TYR A 514 -3.67 -20.62 -6.87
C TYR A 514 -2.95 -21.87 -7.34
N ALA A 515 -1.63 -21.88 -7.31
CA ALA A 515 -0.89 -22.94 -7.99
C ALA A 515 -1.22 -24.31 -7.40
N GLY A 516 -1.58 -25.26 -8.25
CA GLY A 516 -1.91 -26.60 -7.86
C GLY A 516 -3.38 -26.85 -7.56
N SER A 517 -4.17 -25.79 -7.41
CA SER A 517 -5.56 -25.88 -6.95
C SER A 517 -6.47 -26.40 -8.07
N ASN A 518 -7.79 -26.34 -7.85
CA ASN A 518 -8.71 -27.16 -8.64
C ASN A 518 -8.88 -26.63 -10.08
N ASN A 519 -8.54 -25.37 -10.36
CA ASN A 519 -8.66 -24.91 -11.74
C ASN A 519 -7.50 -25.36 -12.61
N GLN A 520 -6.59 -26.17 -12.06
CA GLN A 520 -5.56 -26.89 -12.79
C GLN A 520 -5.72 -28.40 -12.63
N GLN A 521 -6.91 -28.88 -12.31
CA GLN A 521 -7.11 -30.30 -11.98
C GLN A 521 -8.38 -30.79 -12.64
N PRO A 522 -8.30 -31.30 -13.88
CA PRO A 522 -9.54 -31.75 -14.54
C PRO A 522 -10.23 -32.89 -13.78
N ARG A 523 -9.47 -33.87 -13.30
CA ARG A 523 -10.09 -35.05 -12.69
C ARG A 523 -10.48 -34.80 -11.23
N VAL A 524 -9.79 -33.90 -10.53
CA VAL A 524 -10.26 -33.46 -9.21
C VAL A 524 -11.57 -32.73 -9.33
N THR A 525 -11.70 -31.83 -10.32
CA THR A 525 -12.96 -31.11 -10.47
C THR A 525 -14.07 -32.06 -10.88
N ASN A 526 -13.77 -32.98 -11.79
CA ASN A 526 -14.74 -33.99 -12.19
C ASN A 526 -15.22 -34.83 -11.02
N ALA A 527 -14.30 -35.30 -10.18
CA ALA A 527 -14.68 -36.14 -9.04
C ALA A 527 -15.69 -35.45 -8.15
N LEU A 528 -15.50 -34.15 -7.93
CA LEU A 528 -16.34 -33.40 -6.98
C LEU A 528 -17.81 -33.48 -7.39
N HIS A 529 -18.12 -33.11 -8.64
CA HIS A 529 -19.53 -33.09 -9.02
C HIS A 529 -20.06 -34.47 -9.32
N ALA A 530 -19.18 -35.39 -9.76
CA ALA A 530 -19.57 -36.79 -9.89
C ALA A 530 -19.93 -37.41 -8.53
N THR A 531 -19.17 -37.08 -7.48
CA THR A 531 -19.57 -37.52 -6.15
C THR A 531 -20.85 -36.85 -5.70
N MET A 532 -21.05 -35.58 -6.05
CA MET A 532 -22.33 -34.95 -5.75
C MET A 532 -23.48 -35.67 -6.43
N MET A 533 -23.30 -36.18 -7.66
CA MET A 533 -24.45 -36.87 -8.25
C MET A 533 -24.77 -38.18 -7.54
N ASP A 534 -23.76 -38.90 -7.05
CA ASP A 534 -24.03 -40.05 -6.19
C ASP A 534 -24.79 -39.64 -4.94
N LEU A 535 -24.33 -38.56 -4.30
CA LEU A 535 -24.97 -38.10 -3.07
C LEU A 535 -26.42 -37.70 -3.33
N ASN A 536 -26.66 -37.04 -4.47
CA ASN A 536 -28.01 -36.60 -4.75
C ASN A 536 -28.90 -37.77 -5.14
N THR A 537 -28.36 -38.72 -5.90
CA THR A 537 -29.12 -39.92 -6.27
C THR A 537 -29.72 -40.56 -5.02
N HIS A 538 -28.89 -40.76 -3.99
CA HIS A 538 -29.27 -41.44 -2.75
C HIS A 538 -29.44 -40.46 -1.59
N SER A 539 -30.08 -39.31 -1.85
CA SER A 539 -30.06 -38.21 -0.89
C SER A 539 -30.91 -38.50 0.34
N GLU A 540 -31.97 -39.31 0.19
CA GLU A 540 -32.80 -39.68 1.34
C GLU A 540 -31.99 -40.46 2.36
N LEU A 541 -31.09 -41.34 1.89
CA LEU A 541 -30.23 -42.07 2.83
C LEU A 541 -29.24 -41.13 3.52
N ILE A 542 -28.74 -40.13 2.79
CA ILE A 542 -27.80 -39.20 3.40
C ILE A 542 -28.49 -38.34 4.47
N MET A 543 -29.73 -37.91 4.21
CA MET A 543 -30.46 -37.08 5.17
C MET A 543 -30.77 -37.88 6.42
N LYS A 544 -30.94 -39.19 6.27
CA LYS A 544 -31.13 -40.01 7.45
C LYS A 544 -29.85 -40.05 8.28
N MET A 545 -28.66 -40.13 7.63
CA MET A 545 -27.49 -40.06 8.50
C MET A 545 -27.31 -38.66 9.08
N GLN A 546 -27.65 -37.61 8.34
CA GLN A 546 -27.53 -36.27 8.92
C GLN A 546 -28.48 -36.07 10.09
N ARG A 547 -29.64 -36.72 10.07
CA ARG A 547 -30.60 -36.52 11.14
C ARG A 547 -30.47 -37.53 12.26
N GLU A 548 -29.56 -38.49 12.13
CA GLU A 548 -29.46 -39.54 13.14
C GLU A 548 -29.10 -38.97 14.51
N ARG A 549 -29.79 -39.46 15.53
CA ARG A 549 -29.46 -39.24 16.93
C ARG A 549 -27.98 -39.46 17.20
N LYS A 550 -27.43 -38.69 18.16
CA LYS A 550 -26.03 -38.77 18.57
C LYS A 550 -25.95 -39.21 20.03
N PRO A 551 -25.85 -40.51 20.31
CA PRO A 551 -26.07 -40.99 21.69
C PRO A 551 -24.90 -40.75 22.63
N ILE A 552 -23.69 -40.62 22.09
CA ILE A 552 -22.47 -40.39 22.86
C ILE A 552 -21.99 -38.96 22.61
N ARG A 553 -21.86 -38.17 23.68
CA ARG A 553 -21.43 -36.79 23.63
C ARG A 553 -20.11 -36.62 24.39
N VAL A 554 -19.04 -36.26 23.69
CA VAL A 554 -17.77 -35.94 24.30
C VAL A 554 -17.85 -34.51 24.82
N PHE A 555 -17.56 -34.32 26.12
CA PHE A 555 -17.71 -33.02 26.75
C PHE A 555 -16.61 -32.07 26.31
N TYR A 556 -16.96 -30.79 26.16
CA TYR A 556 -16.02 -29.77 25.72
C TYR A 556 -16.19 -28.57 26.64
N SER A 557 -15.09 -28.06 27.18
CA SER A 557 -15.12 -26.86 28.01
C SER A 557 -14.24 -25.77 27.43
N LYS A 558 -14.84 -24.59 27.26
CA LYS A 558 -14.10 -23.40 26.86
C LYS A 558 -13.09 -22.99 27.92
N ALA A 559 -13.38 -23.29 29.19
CA ALA A 559 -12.47 -22.98 30.29
C ALA A 559 -11.24 -23.86 30.24
N ALA A 560 -11.41 -25.15 30.01
CA ALA A 560 -10.26 -26.01 29.84
C ALA A 560 -9.45 -25.57 28.62
N ALA A 561 -10.15 -25.20 27.53
CA ALA A 561 -9.50 -24.78 26.28
C ALA A 561 -8.67 -23.52 26.47
N ALA A 562 -9.19 -22.53 27.20
CA ALA A 562 -8.46 -21.29 27.41
C ALA A 562 -7.17 -21.51 28.19
N ASN A 563 -7.09 -22.59 28.97
CA ASN A 563 -6.01 -22.74 29.95
C ASN A 563 -4.87 -23.62 29.45
N LYS A 564 -5.16 -24.55 28.54
CA LYS A 564 -4.26 -25.61 28.12
C LYS A 564 -4.19 -25.58 26.60
N GLY A 565 -3.10 -25.07 26.04
CA GLY A 565 -2.99 -25.02 24.59
C GLY A 565 -3.22 -26.36 23.93
N SER A 566 -2.71 -27.42 24.53
CA SER A 566 -2.82 -28.78 24.03
C SER A 566 -4.16 -29.46 24.37
N TYR A 567 -5.17 -28.70 24.84
CA TYR A 567 -6.39 -29.31 25.34
C TYR A 567 -7.08 -30.16 24.27
N MET A 568 -7.12 -29.69 23.04
CA MET A 568 -7.88 -30.45 22.06
C MET A 568 -7.16 -31.71 21.57
N GLU A 569 -5.91 -31.93 21.98
CA GLU A 569 -5.28 -33.22 21.69
C GLU A 569 -5.89 -34.32 22.53
N GLY A 570 -6.10 -34.07 23.83
CA GLY A 570 -6.79 -35.04 24.65
C GLY A 570 -8.25 -35.23 24.26
N VAL A 571 -8.90 -34.19 23.76
CA VAL A 571 -10.28 -34.34 23.34
C VAL A 571 -10.37 -35.24 22.10
N PHE A 572 -9.56 -34.95 21.09
CA PHE A 572 -9.53 -35.76 19.87
C PHE A 572 -9.21 -37.21 20.19
N GLU A 573 -8.31 -37.42 21.14
CA GLU A 573 -7.95 -38.76 21.57
C GLU A 573 -9.21 -39.56 21.94
N MET A 574 -10.14 -38.94 22.66
CA MET A 574 -11.38 -39.63 23.03
C MET A 574 -12.32 -39.76 21.83
N TYR A 575 -12.58 -38.65 21.14
CA TYR A 575 -13.34 -38.68 19.90
C TYR A 575 -12.80 -39.73 18.92
N GLU A 576 -11.49 -39.72 18.67
CA GLU A 576 -10.93 -40.66 17.70
C GLU A 576 -11.25 -42.10 18.09
N GLY A 577 -11.07 -42.44 19.37
CA GLY A 577 -11.30 -43.81 19.81
C GLY A 577 -12.74 -44.27 19.67
N LEU A 578 -13.67 -43.33 19.52
CA LEU A 578 -15.08 -43.64 19.40
C LEU A 578 -15.60 -43.59 17.97
N ASN A 579 -14.79 -43.11 17.01
CA ASN A 579 -15.34 -42.67 15.73
C ASN A 579 -15.42 -43.76 14.67
N PHE A 580 -15.22 -45.01 15.03
CA PHE A 580 -15.23 -46.07 14.02
C PHE A 580 -16.15 -47.19 14.45
N GLU A 581 -17.30 -46.81 15.04
CA GLU A 581 -18.23 -47.79 15.58
C GLU A 581 -19.57 -47.73 14.89
N GLY A 582 -19.70 -47.00 13.77
CA GLY A 582 -21.01 -46.83 13.18
C GLY A 582 -21.93 -45.89 13.91
N ILE A 583 -21.40 -45.08 14.81
CA ILE A 583 -22.17 -44.13 15.62
C ILE A 583 -21.75 -42.71 15.23
N PRO A 584 -22.67 -41.85 14.83
CA PRO A 584 -22.29 -40.45 14.58
C PRO A 584 -21.96 -39.79 15.90
N LEU A 585 -20.78 -39.18 15.96
CA LEU A 585 -20.35 -38.61 17.23
C LEU A 585 -20.94 -37.23 17.44
N GLY A 586 -21.04 -36.86 18.74
CA GLY A 586 -21.48 -35.55 19.15
C GLY A 586 -20.63 -35.00 20.28
N PHE A 587 -20.95 -33.75 20.67
CA PHE A 587 -20.30 -33.12 21.81
C PHE A 587 -21.36 -32.68 22.81
N ALA A 588 -20.90 -32.42 24.04
CA ALA A 588 -21.73 -31.78 25.04
C ALA A 588 -20.97 -30.58 25.59
N THR A 589 -21.73 -29.60 26.07
CA THR A 589 -21.20 -28.39 26.72
C THR A 589 -22.21 -27.96 27.77
N LYS A 590 -21.87 -26.90 28.53
CA LYS A 590 -22.81 -26.39 29.52
C LYS A 590 -24.13 -26.00 28.86
N ASN A 591 -24.07 -25.26 27.74
CA ASN A 591 -25.29 -24.83 27.10
C ASN A 591 -26.06 -25.98 26.46
N ILE A 592 -25.38 -27.01 25.97
CA ILE A 592 -26.11 -28.09 25.33
C ILE A 592 -26.92 -28.85 26.38
N ILE A 593 -26.34 -29.00 27.57
CA ILE A 593 -27.02 -29.66 28.69
C ILE A 593 -28.09 -28.76 29.27
N SER A 594 -27.80 -27.45 29.42
CA SER A 594 -28.76 -26.50 29.98
C SER A 594 -29.99 -26.32 29.12
N LYS A 595 -29.84 -26.47 27.81
CA LYS A 595 -30.85 -26.00 26.88
C LYS A 595 -31.57 -27.09 26.11
N GLN A 596 -30.99 -28.28 26.00
CA GLN A 596 -31.55 -29.28 25.12
C GLN A 596 -31.96 -30.52 25.91
N ASP A 597 -32.84 -31.29 25.28
CA ASP A 597 -33.48 -32.45 25.90
C ASP A 597 -32.47 -33.58 26.07
N SER A 598 -32.18 -33.96 27.33
CA SER A 598 -31.19 -35.01 27.61
C SER A 598 -31.54 -36.34 26.95
N SER A 599 -32.81 -36.58 26.69
CA SER A 599 -33.22 -37.79 26.00
C SER A 599 -32.64 -37.92 24.59
N LEU A 600 -32.05 -36.84 24.05
CA LEU A 600 -31.41 -36.90 22.73
C LEU A 600 -30.08 -37.66 22.72
N TRP A 601 -29.57 -38.03 23.88
CA TRP A 601 -28.33 -38.81 23.94
C TRP A 601 -28.40 -39.73 25.14
N ASP A 602 -27.40 -40.60 25.24
CA ASP A 602 -27.35 -41.61 26.30
C ASP A 602 -26.28 -41.38 27.33
N VAL A 603 -25.14 -40.80 26.95
CA VAL A 603 -24.00 -40.68 27.86
C VAL A 603 -23.11 -39.51 27.44
N ILE A 604 -22.49 -38.87 28.42
CA ILE A 604 -21.49 -37.84 28.23
C ILE A 604 -20.16 -38.38 28.73
N VAL A 605 -19.13 -38.25 27.91
CA VAL A 605 -17.79 -38.74 28.21
C VAL A 605 -16.87 -37.54 28.41
N VAL A 606 -16.24 -37.48 29.58
CA VAL A 606 -15.24 -36.47 29.87
C VAL A 606 -13.86 -37.12 29.81
N HIS A 607 -12.94 -36.44 29.14
CA HIS A 607 -11.60 -36.97 29.05
C HIS A 607 -10.62 -35.81 28.98
N LYS A 608 -9.67 -35.81 29.91
CA LYS A 608 -8.57 -34.85 29.98
C LYS A 608 -9.07 -33.40 29.86
N THR A 609 -10.08 -33.09 30.67
CA THR A 609 -10.65 -31.76 30.84
C THR A 609 -10.41 -31.33 32.29
N GLU A 610 -9.20 -30.85 32.55
CA GLU A 610 -8.70 -30.64 33.90
C GLU A 610 -9.25 -29.40 34.57
N GLN A 611 -9.69 -28.40 33.82
CA GLN A 611 -10.19 -27.17 34.42
C GLN A 611 -11.53 -26.82 33.79
N VAL A 612 -12.54 -26.59 34.65
CA VAL A 612 -13.87 -26.19 34.18
C VAL A 612 -14.43 -25.10 35.10
N THR A 613 -15.40 -24.34 34.58
CA THR A 613 -16.09 -23.43 35.48
C THR A 613 -17.06 -24.19 36.42
N LEU A 614 -17.47 -23.51 37.49
CA LEU A 614 -18.45 -24.09 38.40
C LEU A 614 -19.79 -24.31 37.69
N GLY A 615 -20.19 -23.37 36.83
CA GLY A 615 -21.37 -23.59 36.01
C GLY A 615 -21.27 -24.86 35.19
N GLU A 616 -20.10 -25.12 34.61
CA GLU A 616 -19.97 -26.37 33.88
C GLU A 616 -20.14 -27.57 34.80
N LEU A 617 -19.41 -27.58 35.93
CA LEU A 617 -19.54 -28.70 36.87
C LEU A 617 -20.99 -28.94 37.28
N ASN A 618 -21.67 -27.89 37.75
CA ASN A 618 -23.02 -28.06 38.28
C ASN A 618 -23.99 -28.51 37.20
N THR A 619 -23.78 -28.08 35.95
CA THR A 619 -24.64 -28.54 34.86
C THR A 619 -24.43 -30.02 34.58
N LEU A 620 -23.20 -30.50 34.70
CA LEU A 620 -22.95 -31.92 34.60
C LEU A 620 -23.55 -32.67 35.78
N GLN A 621 -23.52 -32.08 36.97
CA GLN A 621 -24.24 -32.67 38.10
C GLN A 621 -25.76 -32.66 37.88
N ASP A 622 -26.33 -31.54 37.38
CA ASP A 622 -27.75 -31.52 37.06
C ASP A 622 -28.12 -32.63 36.10
N TYR A 623 -27.24 -32.93 35.14
CA TYR A 623 -27.55 -33.97 34.17
C TYR A 623 -27.60 -35.34 34.84
N ILE A 624 -26.71 -35.59 35.80
CA ILE A 624 -26.76 -36.85 36.56
C ILE A 624 -27.94 -36.86 37.56
N ASP A 625 -28.19 -35.74 38.23
CA ASP A 625 -29.32 -35.64 39.15
C ASP A 625 -30.63 -36.00 38.46
N ASN A 626 -30.74 -35.78 37.15
CA ASN A 626 -31.98 -36.04 36.45
C ASN A 626 -31.91 -37.34 35.65
N GLY A 627 -31.09 -38.31 36.07
CA GLY A 627 -31.07 -39.64 35.50
C GLY A 627 -30.05 -39.90 34.40
N GLY A 628 -29.17 -38.93 34.09
CA GLY A 628 -28.15 -39.18 33.09
C GLY A 628 -26.93 -39.96 33.59
N THR A 629 -26.09 -40.36 32.62
CA THR A 629 -24.85 -41.09 32.82
C THR A 629 -23.66 -40.32 32.26
N VAL A 630 -22.63 -40.19 33.09
CA VAL A 630 -21.41 -39.46 32.78
C VAL A 630 -20.23 -40.40 32.98
N ILE A 631 -19.43 -40.60 31.94
CA ILE A 631 -18.14 -41.27 32.08
C ILE A 631 -17.07 -40.20 32.11
N THR A 632 -16.19 -40.25 33.11
CA THR A 632 -15.12 -39.28 33.23
C THR A 632 -13.87 -40.00 33.73
N ASP A 633 -12.73 -39.39 33.46
CA ASP A 633 -11.50 -39.87 34.08
C ASP A 633 -11.31 -39.17 35.43
N ALA A 634 -10.37 -39.68 36.22
CA ALA A 634 -10.20 -39.13 37.56
C ALA A 634 -9.63 -37.72 37.55
N ILE A 635 -8.82 -37.36 36.54
CA ILE A 635 -8.15 -36.07 36.53
C ILE A 635 -9.01 -34.90 36.10
N SER A 636 -10.18 -35.14 35.55
CA SER A 636 -11.01 -34.04 35.07
C SER A 636 -11.93 -33.51 36.17
N LEU A 637 -12.41 -32.28 35.97
CA LEU A 637 -13.56 -31.72 36.69
C LEU A 637 -13.28 -31.38 38.15
N LYS A 638 -12.03 -31.05 38.49
CA LYS A 638 -11.62 -30.90 39.87
C LYS A 638 -10.81 -29.64 40.15
N LYS A 639 -10.59 -28.81 39.15
CA LYS A 639 -10.02 -27.48 39.31
C LYS A 639 -10.92 -26.54 38.54
N ASN A 640 -11.03 -25.28 39.00
CA ASN A 640 -11.87 -24.34 38.27
C ASN A 640 -11.00 -23.58 37.28
N GLU A 641 -11.59 -22.57 36.63
CA GLU A 641 -10.91 -21.83 35.56
C GLU A 641 -9.67 -21.11 36.08
N TYR A 642 -9.55 -20.94 37.39
CA TYR A 642 -8.43 -20.29 38.04
C TYR A 642 -7.49 -21.29 38.72
N GLY A 643 -7.76 -22.59 38.56
CA GLY A 643 -6.91 -23.60 39.15
C GLY A 643 -7.24 -23.99 40.58
N LEU A 644 -8.31 -23.44 41.14
CA LEU A 644 -8.75 -23.72 42.49
C LEU A 644 -9.55 -25.04 42.50
N PRO A 645 -9.50 -25.78 43.62
CA PRO A 645 -10.08 -27.13 43.64
C PRO A 645 -11.61 -27.15 43.58
N LEU A 646 -12.14 -28.08 42.79
CA LEU A 646 -13.56 -28.37 42.64
C LEU A 646 -13.83 -29.79 43.15
N GLU A 647 -15.07 -30.03 43.56
CA GLU A 647 -15.42 -31.30 44.19
C GLU A 647 -15.53 -32.45 43.19
N GLY A 648 -15.63 -32.14 41.88
CA GLY A 648 -15.94 -33.19 40.92
C GLY A 648 -17.41 -33.54 40.98
N LEU A 649 -17.74 -34.75 40.52
CA LEU A 649 -19.11 -35.22 40.39
C LEU A 649 -19.42 -36.27 41.44
N LYS A 650 -20.72 -36.56 41.59
CA LYS A 650 -21.25 -37.57 42.49
C LYS A 650 -22.37 -38.34 41.79
N GLN A 651 -22.49 -39.63 42.10
CA GLN A 651 -23.60 -40.39 41.57
C GLN A 651 -24.81 -40.18 42.47
N THR A 652 -25.90 -39.73 41.87
CA THR A 652 -27.15 -39.60 42.61
C THR A 652 -28.18 -40.51 41.99
N LYS A 653 -29.19 -39.95 41.34
CA LYS A 653 -30.16 -40.79 40.65
C LYS A 653 -29.59 -41.36 39.35
N GLY A 654 -28.90 -40.54 38.57
CA GLY A 654 -28.17 -41.05 37.43
C GLY A 654 -26.91 -41.81 37.83
N LYS A 655 -26.03 -42.03 36.84
CA LYS A 655 -24.83 -42.81 37.08
C LYS A 655 -23.57 -42.01 36.77
N LEU A 656 -22.51 -42.32 37.52
CA LEU A 656 -21.18 -41.75 37.34
C LEU A 656 -20.19 -42.90 37.21
N ILE A 657 -19.53 -43.00 36.06
CA ILE A 657 -18.61 -44.08 35.75
C ILE A 657 -17.23 -43.49 35.56
N LEU A 658 -16.26 -44.03 36.29
CA LEU A 658 -14.88 -43.55 36.28
C LEU A 658 -14.07 -44.44 35.34
N ALA A 659 -13.27 -43.82 34.47
CA ALA A 659 -12.53 -44.56 33.45
C ALA A 659 -11.43 -43.67 32.90
N ASN A 660 -10.17 -44.02 33.17
CA ASN A 660 -9.04 -43.16 32.82
C ASN A 660 -8.61 -43.26 31.35
N THR A 661 -8.62 -44.45 30.78
CA THR A 661 -8.09 -44.58 29.43
C THR A 661 -9.19 -44.46 28.38
N VAL A 662 -8.80 -44.02 27.21
CA VAL A 662 -9.76 -43.96 26.11
C VAL A 662 -10.38 -45.33 25.87
N ALA A 663 -9.60 -46.40 26.04
CA ALA A 663 -10.11 -47.75 25.82
C ALA A 663 -11.20 -48.10 26.81
N GLN A 664 -11.02 -47.74 28.07
CA GLN A 664 -12.00 -48.07 29.08
C GLN A 664 -13.27 -47.24 28.91
N ALA A 665 -13.12 -45.92 28.72
CA ALA A 665 -14.27 -45.08 28.46
C ALA A 665 -15.05 -45.54 27.24
N LYS A 666 -14.34 -46.08 26.24
CA LYS A 666 -14.99 -46.61 25.04
C LYS A 666 -15.81 -47.85 25.35
N ILE A 667 -15.25 -48.76 26.14
CA ILE A 667 -15.99 -49.94 26.59
C ILE A 667 -17.19 -49.53 27.44
N GLU A 668 -16.99 -48.61 28.39
CA GLU A 668 -18.09 -48.18 29.25
C GLU A 668 -19.18 -47.50 28.43
N ALA A 669 -18.79 -46.61 27.52
CA ALA A 669 -19.76 -45.86 26.71
C ALA A 669 -20.57 -46.79 25.80
N LEU A 670 -19.92 -47.75 25.18
CA LEU A 670 -20.65 -48.63 24.28
C LEU A 670 -21.61 -49.53 25.04
N GLN A 671 -21.28 -49.87 26.29
CA GLN A 671 -22.17 -50.68 27.11
C GLN A 671 -23.45 -49.93 27.42
N ILE A 672 -23.36 -48.63 27.71
CA ILE A 672 -24.56 -47.83 28.01
C ILE A 672 -25.52 -47.82 26.84
N LEU A 673 -24.97 -47.74 25.64
CA LEU A 673 -25.79 -47.84 24.44
C LEU A 673 -26.37 -49.24 24.32
N GLU A 674 -25.58 -50.25 24.65
CA GLU A 674 -26.10 -51.61 24.58
C GLU A 674 -27.28 -51.76 25.51
N THR A 675 -27.18 -51.23 26.73
CA THR A 675 -28.28 -51.33 27.70
C THR A 675 -29.52 -50.63 27.17
N LYS A 676 -29.33 -49.43 26.63
CA LYS A 676 -30.42 -48.59 26.12
C LYS A 676 -30.83 -49.00 24.71
N ASN A 677 -30.16 -50.01 24.13
CA ASN A 677 -30.57 -50.64 22.87
C ASN A 677 -30.32 -49.71 21.68
N HIS A 678 -29.16 -49.03 21.69
CA HIS A 678 -28.84 -48.00 20.70
C HIS A 678 -27.55 -48.30 19.95
N LEU A 679 -27.05 -49.51 20.05
CA LEU A 679 -25.94 -49.89 19.20
C LEU A 679 -26.47 -50.13 17.79
N PRO A 680 -25.63 -49.89 16.77
CA PRO A 680 -25.99 -50.28 15.41
C PRO A 680 -26.42 -51.73 15.37
N LYS A 681 -27.42 -52.03 14.54
CA LYS A 681 -27.86 -53.41 14.31
C LYS A 681 -26.99 -54.14 13.28
N VAL A 682 -25.79 -53.64 13.05
CA VAL A 682 -24.85 -54.23 12.12
C VAL A 682 -23.50 -54.18 12.81
N THR A 683 -22.68 -55.21 12.61
CA THR A 683 -21.30 -55.13 13.06
C THR A 683 -20.40 -55.06 11.83
N VAL A 684 -19.27 -54.36 12.00
CA VAL A 684 -18.20 -54.26 11.01
C VAL A 684 -16.89 -54.53 11.73
N THR A 685 -16.13 -55.53 11.25
CA THR A 685 -14.82 -55.83 11.78
C THR A 685 -13.79 -55.64 10.66
N GLU A 686 -12.66 -55.01 11.00
CA GLU A 686 -11.72 -54.48 10.02
C GLU A 686 -10.35 -55.10 10.22
N THR A 687 -9.75 -55.60 9.15
CA THR A 687 -8.33 -55.92 9.12
C THR A 687 -7.58 -54.83 8.37
N ASN A 688 -6.45 -54.39 8.93
CA ASN A 688 -5.52 -53.57 8.17
C ASN A 688 -4.12 -53.77 8.74
N ALA A 689 -3.14 -53.25 8.03
CA ALA A 689 -1.74 -53.36 8.44
C ALA A 689 -1.31 -52.19 9.33
N GLU A 690 -2.24 -51.58 10.08
CA GLU A 690 -1.90 -50.39 10.86
C GLU A 690 -2.15 -50.53 12.33
N GLY A 691 -2.93 -51.51 12.77
CA GLY A 691 -3.19 -51.68 14.19
C GLY A 691 -4.25 -50.77 14.77
N TYR A 692 -4.93 -49.96 13.94
CA TYR A 692 -6.11 -49.20 14.34
C TYR A 692 -7.07 -49.09 13.17
N LYS A 693 -8.35 -48.95 13.50
CA LYS A 693 -9.40 -48.80 12.50
C LYS A 693 -9.22 -47.49 11.77
N GLY A 694 -9.53 -47.50 10.46
CA GLY A 694 -9.56 -46.28 9.67
C GLY A 694 -10.79 -46.16 8.77
N CYS A 695 -11.65 -47.19 8.77
CA CYS A 695 -12.89 -47.14 8.00
C CYS A 695 -14.01 -46.63 8.88
N THR A 696 -14.44 -45.39 8.63
CA THR A 696 -15.53 -44.81 9.39
C THR A 696 -16.84 -45.04 8.65
N TRP A 697 -17.89 -45.38 9.40
CA TRP A 697 -19.11 -45.86 8.76
C TRP A 697 -20.33 -45.30 9.45
N ARG A 698 -21.43 -45.33 8.72
CA ARG A 698 -22.74 -44.94 9.20
C ARG A 698 -23.71 -46.05 8.84
N CYS A 699 -24.79 -46.16 9.61
CA CYS A 699 -25.78 -47.22 9.41
C CYS A 699 -27.16 -46.64 9.70
N VAL A 700 -28.06 -46.76 8.74
CA VAL A 700 -29.45 -46.33 8.91
C VAL A 700 -30.32 -47.32 8.19
N LYS A 701 -31.61 -47.29 8.52
CA LYS A 701 -32.60 -48.18 7.92
C LYS A 701 -33.31 -47.46 6.77
N ASN A 702 -33.49 -48.16 5.65
CA ASN A 702 -34.15 -47.54 4.51
C ASN A 702 -35.64 -47.86 4.56
N GLU A 703 -36.38 -47.51 3.49
CA GLU A 703 -37.83 -47.64 3.53
C GLU A 703 -38.28 -49.09 3.50
N GLN A 704 -37.65 -49.91 2.65
CA GLN A 704 -37.91 -51.35 2.66
C GLN A 704 -37.48 -52.00 3.97
N GLY A 705 -36.89 -51.24 4.90
CA GLY A 705 -36.47 -51.81 6.15
C GLY A 705 -35.16 -52.55 6.11
N ASN A 706 -34.34 -52.34 5.07
CA ASN A 706 -33.02 -52.94 4.99
C ASN A 706 -31.96 -51.94 5.46
N TYR A 707 -30.95 -52.44 6.16
CA TYR A 707 -29.91 -51.56 6.68
C TYR A 707 -28.95 -51.18 5.58
N VAL A 708 -28.49 -49.93 5.62
CA VAL A 708 -27.62 -49.36 4.59
C VAL A 708 -26.43 -48.75 5.30
N LEU A 709 -25.23 -49.06 4.83
CA LEU A 709 -23.99 -48.54 5.37
C LEU A 709 -23.33 -47.57 4.41
N SER A 710 -22.83 -46.45 4.95
CA SER A 710 -21.85 -45.62 4.28
C SER A 710 -20.51 -45.88 4.95
N ILE A 711 -19.48 -46.18 4.16
CA ILE A 711 -18.13 -46.46 4.68
C ILE A 711 -17.12 -45.64 3.89
N VAL A 712 -16.20 -44.99 4.60
CA VAL A 712 -15.06 -44.30 4.02
C VAL A 712 -13.77 -44.81 4.67
N ASN A 713 -12.80 -45.23 3.84
CA ASN A 713 -11.47 -45.60 4.34
C ASN A 713 -10.61 -44.35 4.52
N LEU A 714 -10.49 -43.90 5.78
CA LEU A 714 -9.59 -42.83 6.19
C LEU A 714 -8.18 -43.32 6.46
N GLY A 715 -7.95 -44.64 6.45
CA GLY A 715 -6.64 -45.16 6.78
C GLY A 715 -5.69 -45.08 5.63
N LYS A 716 -4.39 -45.12 5.90
CA LYS A 716 -3.46 -45.03 4.78
C LYS A 716 -3.11 -46.38 4.17
N THR A 717 -3.77 -47.47 4.59
CA THR A 717 -3.58 -48.74 3.91
C THR A 717 -4.91 -49.47 3.75
N GLU A 718 -4.86 -50.50 2.91
CA GLU A 718 -6.06 -51.20 2.50
C GLU A 718 -6.71 -51.91 3.69
N ALA A 719 -8.03 -51.93 3.67
CA ALA A 719 -8.78 -52.52 4.76
C ALA A 719 -9.71 -53.60 4.23
N THR A 720 -9.80 -54.69 4.95
CA THR A 720 -10.78 -55.72 4.64
C THR A 720 -11.85 -55.69 5.72
N LEU A 721 -13.12 -55.66 5.29
CA LEU A 721 -14.25 -55.48 6.19
C LEU A 721 -15.16 -56.69 6.13
N ASN A 722 -15.44 -57.29 7.28
CA ASN A 722 -16.47 -58.32 7.41
C ASN A 722 -17.71 -57.67 8.04
N VAL A 723 -18.76 -57.51 7.23
CA VAL A 723 -19.97 -56.81 7.66
C VAL A 723 -21.09 -57.83 7.84
N GLN A 724 -21.74 -57.80 9.01
CA GLN A 724 -22.80 -58.75 9.29
C GLN A 724 -23.96 -58.07 10.00
N LEU A 725 -25.16 -58.54 9.69
CA LEU A 725 -26.34 -58.18 10.48
C LEU A 725 -26.26 -58.82 11.87
N LYS A 726 -27.02 -58.26 12.81
CA LYS A 726 -27.03 -58.76 14.18
C LYS A 726 -28.06 -59.86 14.41
N GLN A 727 -29.15 -59.87 13.64
CA GLN A 727 -30.24 -60.82 13.82
C GLN A 727 -30.46 -61.69 12.59
N ALA A 728 -29.40 -61.91 11.80
CA ALA A 728 -29.58 -62.49 10.46
C ALA A 728 -30.20 -63.88 10.56
N LYS A 729 -31.24 -64.11 9.77
CA LYS A 729 -31.90 -65.40 9.77
C LYS A 729 -31.25 -66.39 8.81
N ASN A 730 -30.75 -65.90 7.69
CA ASN A 730 -30.03 -66.69 6.69
C ASN A 730 -28.57 -66.32 6.56
N GLY A 731 -28.26 -65.03 6.54
CA GLY A 731 -26.91 -64.55 6.33
C GLY A 731 -26.93 -63.08 6.01
N THR A 732 -25.75 -62.53 5.73
CA THR A 732 -25.65 -61.13 5.34
C THR A 732 -24.98 -61.05 3.97
N VAL A 733 -25.73 -60.57 2.97
CA VAL A 733 -25.20 -60.38 1.62
C VAL A 733 -25.31 -58.90 1.26
N ALA A 734 -24.18 -58.30 0.88
CA ALA A 734 -24.10 -56.87 0.62
C ALA A 734 -24.24 -56.57 -0.88
N LYS A 735 -24.97 -55.50 -1.18
CA LYS A 735 -25.23 -55.03 -2.53
C LYS A 735 -24.75 -53.58 -2.68
N ASP A 736 -24.04 -53.31 -3.75
CA ASP A 736 -23.53 -51.98 -4.01
C ASP A 736 -24.65 -51.09 -4.54
N LEU A 737 -25.08 -50.10 -3.75
CA LEU A 737 -26.15 -49.24 -4.22
C LEU A 737 -25.68 -48.30 -5.34
N LEU A 738 -24.38 -48.02 -5.42
CA LEU A 738 -23.92 -47.08 -6.43
C LEU A 738 -23.95 -47.69 -7.83
N ASN A 739 -23.75 -48.99 -7.95
CA ASN A 739 -23.67 -49.62 -9.26
C ASN A 739 -24.49 -50.91 -9.34
N GLY A 740 -25.27 -51.23 -8.30
CA GLY A 740 -26.30 -52.24 -8.38
C GLY A 740 -25.83 -53.67 -8.44
N LEU A 741 -24.65 -53.98 -7.92
CA LEU A 741 -24.10 -55.32 -7.91
C LEU A 741 -24.00 -55.88 -6.50
N LYS A 742 -23.95 -57.20 -6.41
CA LYS A 742 -23.70 -57.90 -5.16
C LYS A 742 -22.20 -58.01 -4.93
N LEU A 743 -21.77 -57.76 -3.71
CA LEU A 743 -20.37 -57.61 -3.36
C LEU A 743 -19.84 -58.84 -2.63
N PRO A 744 -18.53 -59.06 -2.64
CA PRO A 744 -17.96 -60.23 -1.94
C PRO A 744 -17.93 -60.05 -0.43
N SER A 745 -18.08 -61.19 0.27
CA SER A 745 -18.21 -61.19 1.73
C SER A 745 -17.14 -60.35 2.41
N GLN A 746 -15.90 -60.44 1.95
CA GLN A 746 -14.84 -59.61 2.49
C GLN A 746 -14.68 -58.39 1.59
N LEU A 747 -15.28 -57.26 2.01
CA LEU A 747 -15.10 -56.00 1.31
C LEU A 747 -13.68 -55.51 1.53
N VAL A 748 -13.03 -55.10 0.44
CA VAL A 748 -11.69 -54.54 0.46
C VAL A 748 -11.80 -53.06 0.13
N LEU A 749 -11.22 -52.22 0.98
CA LEU A 749 -11.22 -50.78 0.79
C LEU A 749 -9.79 -50.27 0.69
N LYS A 750 -9.46 -49.71 -0.47
CA LYS A 750 -8.25 -48.94 -0.57
C LYS A 750 -8.42 -47.64 0.23
N PRO A 751 -7.31 -47.03 0.70
CA PRO A 751 -7.41 -45.67 1.27
C PRO A 751 -8.25 -44.79 0.36
N TYR A 752 -9.09 -43.93 0.96
CA TYR A 752 -10.05 -43.03 0.29
C TYR A 752 -11.29 -43.71 -0.28
N ASP A 753 -11.37 -45.04 -0.29
CA ASP A 753 -12.52 -45.70 -0.90
C ASP A 753 -13.81 -45.43 -0.16
N VAL A 754 -14.91 -45.47 -0.91
CA VAL A 754 -16.23 -45.07 -0.48
C VAL A 754 -17.19 -46.17 -0.88
N TYR A 755 -17.94 -46.70 0.08
CA TYR A 755 -18.95 -47.70 -0.18
C TYR A 755 -20.29 -47.18 0.32
N LEU A 756 -21.33 -47.41 -0.48
CA LEU A 756 -22.71 -47.22 -0.06
C LEU A 756 -23.41 -48.53 -0.39
N ILE A 757 -23.81 -49.28 0.64
CA ILE A 757 -24.24 -50.67 0.48
C ILE A 757 -25.51 -50.93 1.25
N GLU A 758 -26.30 -51.87 0.74
CA GLU A 758 -27.54 -52.32 1.39
C GLU A 758 -27.38 -53.78 1.80
N LEU A 759 -27.73 -54.10 3.05
CA LEU A 759 -27.58 -55.44 3.59
C LEU A 759 -28.88 -56.23 3.49
N ILE A 760 -28.78 -57.46 2.97
CA ILE A 760 -29.92 -58.32 2.64
C ILE A 760 -29.75 -59.65 3.38
N ASP A 761 -30.85 -60.17 3.93
CA ASP A 761 -30.83 -61.41 4.72
C ASP A 761 -30.99 -62.62 3.80
N GLU A 762 -29.87 -63.26 3.43
CA GLU A 762 -29.88 -64.34 2.43
C GLU A 762 -28.91 -65.49 2.73
N THR B 25 13.31 -3.35 -37.38
CA THR B 25 14.06 -2.14 -37.02
C THR B 25 13.77 -1.75 -35.58
N LEU B 26 14.67 -0.95 -35.00
CA LEU B 26 14.48 -0.45 -33.64
C LEU B 26 13.11 0.22 -33.49
N GLU B 27 12.71 1.04 -34.47
CA GLU B 27 11.40 1.68 -34.42
C GLU B 27 10.28 0.65 -34.47
N GLN B 28 10.37 -0.31 -35.39
CA GLN B 28 9.34 -1.33 -35.50
C GLN B 28 9.16 -2.10 -34.18
N LYS B 29 10.26 -2.46 -33.52
CA LYS B 29 10.11 -3.06 -32.20
C LYS B 29 9.39 -2.12 -31.25
N ALA B 30 9.69 -0.81 -31.32
CA ALA B 30 9.06 0.13 -30.41
C ALA B 30 7.57 0.31 -30.70
N ARG B 31 7.17 0.28 -31.97
CA ARG B 31 5.74 0.40 -32.28
C ARG B 31 4.98 -0.83 -31.80
N ILE B 32 5.60 -2.00 -31.92
CA ILE B 32 5.01 -3.21 -31.35
C ILE B 32 4.81 -3.03 -29.85
N LYS B 33 5.85 -2.54 -29.16
CA LYS B 33 5.80 -2.39 -27.71
C LYS B 33 4.77 -1.36 -27.31
N ILE B 34 4.56 -0.34 -28.15
CA ILE B 34 3.53 0.67 -27.88
C ILE B 34 2.14 0.06 -27.98
N ASP B 35 1.86 -0.68 -29.05
CA ASP B 35 0.55 -1.30 -29.16
C ASP B 35 0.32 -2.30 -28.02
N SER B 36 1.38 -2.97 -27.58
CA SER B 36 1.28 -3.86 -26.43
C SER B 36 0.95 -3.10 -25.14
N LEU B 37 1.61 -1.95 -24.91
CA LEU B 37 1.35 -1.20 -23.68
C LEU B 37 -0.04 -0.59 -23.70
N ASN B 38 -0.42 0.01 -24.83
CA ASN B 38 -1.80 0.49 -24.99
C ASN B 38 -2.80 -0.60 -24.65
N GLY B 39 -2.54 -1.82 -25.15
CA GLY B 39 -3.39 -2.94 -24.82
C GLY B 39 -3.50 -3.18 -23.32
N PHE B 40 -2.39 -3.02 -22.60
CA PHE B 40 -2.45 -3.16 -21.16
C PHE B 40 -3.06 -1.94 -20.49
N ILE B 41 -3.02 -0.78 -21.14
CA ILE B 41 -3.71 0.36 -20.55
C ILE B 41 -5.22 0.15 -20.62
N ALA B 42 -5.72 -0.42 -21.72
CA ALA B 42 -7.16 -0.63 -21.84
C ALA B 42 -7.66 -1.66 -20.83
N GLU B 43 -6.87 -2.73 -20.60
CA GLU B 43 -7.24 -3.74 -19.61
C GLU B 43 -7.28 -3.15 -18.21
N VAL B 44 -6.23 -2.43 -17.83
CA VAL B 44 -6.14 -1.83 -16.51
C VAL B 44 -7.31 -0.88 -16.28
N GLU B 45 -7.53 0.03 -17.23
CA GLU B 45 -8.56 1.06 -17.07
C GLU B 45 -9.96 0.46 -17.04
N SER B 46 -10.16 -0.70 -17.66
CA SER B 46 -11.46 -1.36 -17.58
C SER B 46 -11.73 -1.87 -16.17
N LEU B 47 -10.78 -2.64 -15.62
CA LEU B 47 -10.86 -3.12 -14.24
C LEU B 47 -10.87 -1.98 -13.22
N GLY B 48 -10.79 -0.72 -13.65
CA GLY B 48 -10.93 0.41 -12.76
C GLY B 48 -9.63 0.91 -12.18
N LYS B 49 -8.51 0.63 -12.81
CA LYS B 49 -7.22 1.03 -12.28
C LYS B 49 -6.60 2.05 -13.22
N ASP B 50 -5.84 2.98 -12.66
CA ASP B 50 -5.32 4.07 -13.47
C ASP B 50 -3.95 3.74 -14.04
N ALA B 51 -3.76 4.10 -15.31
CA ALA B 51 -2.51 3.85 -16.03
C ALA B 51 -2.00 5.13 -16.66
N LEU B 52 -2.27 6.26 -16.02
CA LEU B 52 -1.88 7.56 -16.57
C LEU B 52 -0.38 7.64 -16.79
N LYS B 53 0.41 7.14 -15.82
CA LYS B 53 1.87 7.21 -15.93
C LYS B 53 2.38 6.44 -17.15
N GLU B 54 1.70 5.37 -17.53
CA GLU B 54 2.13 4.64 -18.70
C GLU B 54 1.61 5.30 -19.96
N LYS B 55 0.44 5.95 -19.88
CA LYS B 55 0.04 6.84 -20.97
C LYS B 55 1.12 7.86 -21.23
N LEU B 56 1.73 8.38 -20.16
CA LEU B 56 2.81 9.34 -20.31
C LEU B 56 3.98 8.73 -21.09
N ALA B 57 4.35 7.49 -20.75
CA ALA B 57 5.48 6.86 -21.44
C ALA B 57 5.16 6.54 -22.89
N VAL B 58 3.87 6.31 -23.18
CA VAL B 58 3.45 6.06 -24.55
C VAL B 58 3.59 7.33 -25.37
N ARG B 59 3.04 8.44 -24.86
CA ARG B 59 3.24 9.75 -25.46
C ARG B 59 4.74 10.03 -25.66
N THR B 60 5.52 9.95 -24.58
CA THR B 60 6.96 10.20 -24.67
C THR B 60 7.64 9.26 -25.67
N ALA B 61 7.07 8.07 -25.89
CA ALA B 61 7.64 7.17 -26.90
C ALA B 61 7.32 7.66 -28.30
N GLU B 62 6.04 7.91 -28.57
CA GLU B 62 5.62 8.46 -29.85
C GLU B 62 6.36 9.77 -30.17
N VAL B 63 6.34 10.70 -29.22
CA VAL B 63 7.01 12.00 -29.41
C VAL B 63 8.47 11.81 -29.82
N PHE B 64 9.23 11.04 -29.03
CA PHE B 64 10.64 10.89 -29.30
C PHE B 64 10.94 9.96 -30.48
N LEU B 65 9.96 9.18 -30.95
CA LEU B 65 10.18 8.49 -32.22
C LEU B 65 10.26 9.50 -33.36
N LYS B 66 9.36 10.49 -33.39
CA LYS B 66 9.52 11.62 -34.30
C LYS B 66 10.92 12.21 -34.19
N PHE B 67 11.36 12.48 -32.96
CA PHE B 67 12.61 13.20 -32.75
C PHE B 67 13.77 12.51 -33.45
N ALA B 68 13.91 11.19 -33.28
CA ALA B 68 15.07 10.51 -33.83
C ALA B 68 14.96 10.33 -35.34
N ASN B 69 13.76 10.44 -35.90
CA ASN B 69 13.60 10.42 -37.35
C ASN B 69 14.08 11.72 -37.98
N TRP B 70 13.63 12.87 -37.48
CA TRP B 70 14.23 14.11 -37.94
C TRP B 70 15.74 14.08 -37.71
N ASP B 71 16.17 13.71 -36.50
CA ASP B 71 17.60 13.51 -36.23
C ASP B 71 18.24 12.62 -37.29
N GLU B 72 17.50 11.64 -37.81
CA GLU B 72 18.08 10.76 -38.83
C GLU B 72 18.32 11.50 -40.14
N ASN B 73 17.35 12.32 -40.57
CA ASN B 73 17.44 13.04 -41.83
C ASN B 73 18.36 14.27 -41.75
N ASN B 74 18.89 14.57 -40.56
CA ASN B 74 19.65 15.78 -40.28
C ASN B 74 20.88 15.44 -39.44
N ILE B 75 21.60 14.39 -39.86
CA ILE B 75 22.88 14.03 -39.26
C ILE B 75 23.87 15.18 -39.38
N GLU B 76 23.70 15.98 -40.43
CA GLU B 76 24.57 17.11 -40.72
C GLU B 76 24.29 18.29 -39.79
N GLU B 77 23.02 18.62 -39.61
CA GLU B 77 22.69 19.62 -38.60
C GLU B 77 23.17 19.18 -37.21
N ASN B 78 22.69 18.04 -36.72
CA ASN B 78 23.06 17.65 -35.36
C ASN B 78 24.57 17.56 -35.15
N LYS B 79 25.35 17.36 -36.21
CA LYS B 79 26.81 17.29 -36.03
C LYS B 79 27.36 18.66 -35.70
N SER B 80 26.85 19.68 -36.37
CA SER B 80 27.25 21.04 -36.00
C SER B 80 26.91 21.33 -34.55
N HIS B 81 25.83 20.77 -34.00
CA HIS B 81 25.51 21.23 -32.66
C HIS B 81 26.42 20.55 -31.64
N PHE B 82 26.68 19.25 -31.81
CA PHE B 82 27.61 18.61 -30.90
C PHE B 82 28.96 19.29 -30.93
N GLU B 83 29.29 19.95 -32.05
CA GLU B 83 30.51 20.73 -32.15
C GLU B 83 30.51 21.89 -31.16
N LYS B 84 29.36 22.57 -31.02
CA LYS B 84 29.28 23.79 -30.20
C LYS B 84 29.54 23.54 -28.73
N TYR B 85 29.93 22.33 -28.33
CA TYR B 85 30.16 22.00 -26.93
C TYR B 85 31.42 21.16 -26.78
N TRP B 86 32.19 21.42 -25.72
CA TRP B 86 33.50 20.81 -25.54
C TRP B 86 33.46 19.30 -25.54
N LEU B 87 32.81 18.72 -24.53
CA LEU B 87 32.80 17.28 -24.33
C LEU B 87 32.41 16.50 -25.58
N TYR B 88 31.69 17.14 -26.51
CA TYR B 88 31.14 16.45 -27.68
C TYR B 88 31.70 17.00 -29.00
N LYS B 89 32.83 17.71 -28.96
CA LYS B 89 33.40 18.24 -30.21
C LYS B 89 34.12 17.16 -31.02
N ASN B 90 35.14 16.51 -30.42
CA ASN B 90 35.85 15.48 -31.16
C ASN B 90 34.87 14.46 -31.74
N VAL B 91 33.96 13.96 -30.91
CA VAL B 91 33.08 12.87 -31.28
C VAL B 91 31.77 13.41 -31.86
N ALA B 92 31.83 14.62 -32.44
CA ALA B 92 30.61 15.26 -32.91
C ALA B 92 29.94 14.47 -34.02
N THR B 93 30.73 13.83 -34.90
CA THR B 93 30.14 13.03 -35.98
C THR B 93 29.60 11.71 -35.46
N GLN B 94 30.35 11.03 -34.59
CA GLN B 94 29.86 9.79 -33.99
C GLN B 94 28.64 10.04 -33.12
N MET B 95 28.58 11.19 -32.45
CA MET B 95 27.38 11.55 -31.71
C MET B 95 26.20 11.74 -32.65
N ALA B 96 26.43 12.40 -33.79
CA ALA B 96 25.34 12.72 -34.71
C ALA B 96 24.83 11.48 -35.43
N GLN B 97 25.69 10.50 -35.70
CA GLN B 97 25.28 9.26 -36.34
C GLN B 97 24.70 8.25 -35.36
N GLU B 98 25.12 8.28 -34.10
CA GLU B 98 24.57 7.37 -33.10
C GLU B 98 23.31 7.87 -32.43
N LEU B 99 23.02 9.18 -32.49
CA LEU B 99 21.90 9.73 -31.73
C LEU B 99 20.55 9.09 -32.05
N PRO B 100 20.14 8.93 -33.32
CA PRO B 100 18.77 8.40 -33.55
C PRO B 100 18.56 7.00 -32.99
N ASP B 101 19.60 6.18 -32.96
CA ASP B 101 19.48 4.83 -32.42
C ASP B 101 19.69 4.82 -30.91
N PHE B 102 20.44 5.79 -30.38
CA PHE B 102 20.51 5.93 -28.94
C PHE B 102 19.15 6.28 -28.37
N GLU B 103 18.47 7.23 -29.00
CA GLU B 103 17.13 7.59 -28.59
C GLU B 103 16.17 6.41 -28.78
N ARG B 104 16.27 5.71 -29.93
CA ARG B 104 15.38 4.58 -30.18
C ARG B 104 15.58 3.46 -29.17
N ASN B 105 16.83 3.04 -28.94
CA ASN B 105 17.07 2.02 -27.92
C ASN B 105 16.62 2.49 -26.55
N ASP B 106 16.88 3.76 -26.22
CA ASP B 106 16.35 4.38 -25.01
C ASP B 106 14.84 4.25 -24.95
N ILE B 107 14.15 4.39 -26.08
CA ILE B 107 12.69 4.26 -26.06
C ILE B 107 12.28 2.83 -25.78
N LEU B 108 13.02 1.86 -26.33
CA LEU B 108 12.77 0.45 -26.04
C LEU B 108 12.85 0.16 -24.54
N LYS B 109 13.86 0.73 -23.87
CA LYS B 109 14.03 0.51 -22.44
C LYS B 109 12.85 1.09 -21.67
N MET B 110 12.51 2.34 -22.00
CA MET B 110 11.34 3.02 -21.46
C MET B 110 10.10 2.13 -21.52
N LEU B 111 9.79 1.61 -22.71
CA LEU B 111 8.55 0.86 -22.86
C LEU B 111 8.62 -0.49 -22.14
N ASP B 112 9.77 -1.15 -22.18
CA ASP B 112 9.90 -2.39 -21.42
C ASP B 112 9.63 -2.15 -19.95
N GLU B 113 10.23 -1.10 -19.38
CA GLU B 113 9.98 -0.74 -17.99
C GLU B 113 8.49 -0.55 -17.74
N SER B 114 7.84 0.22 -18.60
CA SER B 114 6.42 0.50 -18.39
C SER B 114 5.55 -0.75 -18.56
N ILE B 115 5.94 -1.68 -19.45
CA ILE B 115 5.20 -2.93 -19.59
C ILE B 115 5.33 -3.76 -18.32
N ALA B 116 6.55 -3.89 -17.81
CA ALA B 116 6.79 -4.73 -16.64
C ALA B 116 6.05 -4.20 -15.42
N TYR B 117 5.93 -2.88 -15.31
CA TYR B 117 5.23 -2.30 -14.17
C TYR B 117 3.72 -2.41 -14.33
N ILE B 118 3.21 -2.22 -15.55
CA ILE B 118 1.77 -2.27 -15.75
C ILE B 118 1.28 -3.70 -15.59
N LYS B 119 2.15 -4.68 -15.86
CA LYS B 119 1.78 -6.06 -15.59
C LYS B 119 1.61 -6.28 -14.09
N LYS B 120 2.42 -5.60 -13.27
CA LYS B 120 2.25 -5.68 -11.83
C LYS B 120 0.97 -4.98 -11.37
N ILE B 121 0.58 -3.89 -12.04
CA ILE B 121 -0.68 -3.22 -11.71
C ILE B 121 -1.87 -4.12 -12.04
N LYS B 122 -1.79 -4.80 -13.18
CA LYS B 122 -2.89 -5.68 -13.60
C LYS B 122 -3.04 -6.85 -12.63
N LYS B 123 -1.95 -7.60 -12.39
CA LYS B 123 -1.97 -8.72 -11.46
C LYS B 123 -2.23 -8.32 -10.02
N GLU B 124 -2.18 -7.02 -9.70
CA GLU B 124 -2.25 -6.52 -8.32
C GLU B 124 -1.05 -6.94 -7.48
N GLU B 125 0.15 -6.88 -8.06
CA GLU B 125 1.36 -6.97 -7.27
C GLU B 125 1.81 -5.62 -6.73
N VAL B 126 1.29 -4.53 -7.28
CA VAL B 126 1.41 -3.21 -6.65
C VAL B 126 0.04 -2.56 -6.65
N PHE B 127 -0.09 -1.52 -5.83
CA PHE B 127 -1.31 -0.73 -5.67
C PHE B 127 -0.89 0.74 -5.72
N ARG B 128 -0.97 1.32 -6.92
CA ARG B 128 -0.64 2.73 -7.13
C ARG B 128 -1.91 3.56 -6.94
N ALA B 129 -1.87 4.49 -5.99
CA ALA B 129 -2.98 5.41 -5.80
C ALA B 129 -3.23 6.17 -7.10
N PRO B 130 -4.50 6.46 -7.42
CA PRO B 130 -4.80 7.26 -8.61
C PRO B 130 -3.95 8.52 -8.72
N ILE B 131 -3.38 8.73 -9.90
CA ILE B 131 -2.60 9.94 -10.22
C ILE B 131 -3.52 11.06 -10.69
N PRO B 132 -3.50 12.22 -10.03
CA PRO B 132 -4.30 13.34 -10.53
C PRO B 132 -3.81 13.75 -11.90
N LYS B 133 -4.75 14.19 -12.74
CA LYS B 133 -4.41 14.80 -14.03
C LYS B 133 -4.48 16.30 -13.84
N VAL B 134 -3.32 16.94 -13.84
CA VAL B 134 -3.27 18.38 -13.65
C VAL B 134 -3.79 19.03 -14.93
N ASP B 135 -4.98 19.62 -14.87
CA ASP B 135 -5.49 20.43 -15.95
C ASP B 135 -5.14 21.87 -15.58
N TRP B 136 -4.24 22.48 -16.35
CA TRP B 136 -3.72 23.80 -15.98
C TRP B 136 -4.82 24.84 -15.90
N SER B 137 -5.87 24.70 -16.71
CA SER B 137 -7.00 25.63 -16.65
C SER B 137 -7.81 25.48 -15.37
N LYS B 138 -7.43 24.58 -14.46
CA LYS B 138 -8.21 24.32 -13.25
C LYS B 138 -7.44 24.59 -11.96
N VAL B 139 -6.24 25.20 -12.03
CA VAL B 139 -5.41 25.43 -10.85
C VAL B 139 -5.51 26.88 -10.43
N THR B 140 -5.34 27.12 -9.12
CA THR B 140 -5.31 28.44 -8.52
C THR B 140 -3.93 28.65 -7.89
N VAL B 141 -3.26 29.74 -8.25
CA VAL B 141 -1.93 30.06 -7.70
C VAL B 141 -2.13 30.98 -6.49
N GLY B 142 -1.97 30.41 -5.29
CA GLY B 142 -2.03 31.17 -4.06
C GLY B 142 -0.65 31.57 -3.54
N GLN B 143 -0.59 31.86 -2.24
CA GLN B 143 0.61 32.48 -1.68
C GLN B 143 1.77 31.47 -1.56
N ASP B 144 1.51 30.33 -0.94
CA ASP B 144 2.55 29.34 -0.70
C ASP B 144 2.21 27.99 -1.30
N GLU B 145 1.19 27.91 -2.15
CA GLU B 145 0.80 26.64 -2.75
C GLU B 145 -0.02 26.92 -4.01
N ILE B 146 -0.11 25.90 -4.84
CA ILE B 146 -0.94 25.89 -6.04
C ILE B 146 -1.92 24.73 -5.90
N THR B 147 -3.21 25.01 -6.09
CA THR B 147 -4.26 24.03 -5.88
C THR B 147 -5.18 23.96 -7.11
N MET B 148 -5.78 22.79 -7.34
CA MET B 148 -6.79 22.72 -8.39
C MET B 148 -8.16 22.96 -7.77
N ASP B 149 -9.22 22.72 -8.56
CA ASP B 149 -10.59 22.91 -8.08
C ASP B 149 -10.86 22.13 -6.78
N ASN B 150 -10.36 20.88 -6.69
CA ASN B 150 -10.59 20.05 -5.50
C ASN B 150 -10.06 20.69 -4.23
N ASN B 151 -9.19 21.70 -4.37
CA ASN B 151 -8.43 22.37 -3.34
C ASN B 151 -7.20 21.52 -3.01
N LYS B 152 -6.99 20.43 -3.76
CA LYS B 152 -5.83 19.58 -3.56
C LYS B 152 -4.58 20.29 -4.09
N PRO B 153 -3.48 20.30 -3.34
CA PRO B 153 -2.28 20.99 -3.82
C PRO B 153 -1.64 20.24 -4.97
N VAL B 154 -0.95 21.00 -5.84
CA VAL B 154 -0.33 20.45 -7.04
C VAL B 154 0.93 21.25 -7.36
N PHE B 155 1.82 20.60 -8.10
CA PHE B 155 3.10 21.15 -8.52
C PHE B 155 3.15 21.10 -10.04
N LEU B 156 3.52 22.23 -10.66
CA LEU B 156 3.41 22.45 -12.09
C LEU B 156 4.77 22.33 -12.77
N ALA B 157 4.81 21.76 -13.97
CA ALA B 157 6.08 21.56 -14.67
C ALA B 157 5.92 21.75 -16.18
N ASP B 158 6.75 22.63 -16.74
CA ASP B 158 6.80 22.91 -18.17
C ASP B 158 8.28 23.10 -18.56
N TYR B 159 8.53 23.47 -19.82
CA TYR B 159 9.86 23.64 -20.39
C TYR B 159 9.99 24.99 -21.09
N THR B 160 11.22 25.50 -21.11
CA THR B 160 11.55 26.73 -21.83
C THR B 160 11.37 26.54 -23.35
N TRP B 161 10.58 27.42 -23.98
CA TRP B 161 10.23 27.38 -25.42
C TRP B 161 9.51 26.11 -25.87
N LYS B 162 8.82 25.39 -24.99
CA LYS B 162 8.04 24.24 -25.45
C LYS B 162 6.89 24.69 -26.35
N PRO B 163 6.67 24.07 -27.52
CA PRO B 163 5.55 24.48 -28.38
C PRO B 163 4.21 24.32 -27.66
N ASP B 164 3.29 25.25 -27.94
CA ASP B 164 1.97 25.21 -27.32
C ASP B 164 1.05 24.43 -28.27
N THR B 165 1.25 23.12 -28.26
CA THR B 165 0.51 22.22 -29.14
C THR B 165 -0.16 21.13 -28.31
N PRO B 166 -1.31 20.63 -28.77
CA PRO B 166 -2.04 19.62 -27.99
C PRO B 166 -1.23 18.39 -27.60
N GLU B 167 -0.46 17.85 -28.55
CA GLU B 167 0.39 16.68 -28.28
C GLU B 167 1.24 16.89 -27.04
N LEU B 168 1.84 18.08 -26.92
CA LEU B 168 2.83 18.32 -25.88
C LEU B 168 2.23 18.93 -24.63
N THR B 169 1.07 19.59 -24.74
CA THR B 169 0.45 20.16 -23.55
C THR B 169 -0.32 19.14 -22.72
N GLU B 170 -0.62 17.95 -23.28
CA GLU B 170 -1.33 16.94 -22.49
C GLU B 170 -0.52 16.58 -21.24
N PHE B 171 0.76 16.29 -21.41
CA PHE B 171 1.61 15.85 -20.32
C PHE B 171 2.69 16.83 -19.92
N TYR B 172 3.15 17.69 -20.82
CA TYR B 172 4.35 18.48 -20.55
C TYR B 172 4.03 19.94 -20.23
N GLY B 173 2.92 20.21 -19.55
CA GLY B 173 2.65 21.52 -18.99
C GLY B 173 2.01 22.49 -19.98
N GLU B 174 1.45 23.57 -19.44
CA GLU B 174 0.74 24.58 -20.21
C GLU B 174 1.02 25.98 -19.67
N LEU B 175 2.32 26.29 -19.48
CA LEU B 175 2.70 27.56 -18.87
C LEU B 175 2.39 28.71 -19.81
N ASN B 176 1.68 29.71 -19.29
CA ASN B 176 1.39 30.89 -20.08
C ASN B 176 2.43 31.97 -19.82
N GLY B 177 2.31 33.10 -20.52
CA GLY B 177 3.22 34.21 -20.31
C GLY B 177 3.13 35.32 -21.31
N PHE B 178 3.59 36.51 -20.93
CA PHE B 178 3.63 37.65 -21.84
C PHE B 178 5.00 38.29 -21.74
N TYR B 179 5.49 38.78 -22.88
CA TYR B 179 6.85 39.30 -23.02
C TYR B 179 6.78 40.79 -23.31
N ILE B 180 7.62 41.59 -22.64
CA ILE B 180 7.77 43.01 -22.95
C ILE B 180 9.26 43.36 -22.92
N SER B 181 9.65 44.28 -23.80
CA SER B 181 11.01 44.76 -23.97
C SER B 181 11.02 46.27 -24.16
N PRO B 182 12.10 46.96 -23.77
CA PRO B 182 12.19 48.39 -24.06
C PRO B 182 12.18 48.73 -25.54
N TYR B 183 12.61 47.79 -26.40
CA TYR B 183 12.44 47.94 -27.86
C TYR B 183 11.02 48.31 -28.23
N TYR B 184 10.06 47.91 -27.40
CA TYR B 184 8.65 48.14 -27.64
C TYR B 184 8.20 49.56 -27.34
N VAL B 185 9.11 50.41 -26.85
CA VAL B 185 8.83 51.81 -26.54
C VAL B 185 9.33 52.62 -27.74
N THR B 186 8.42 53.07 -28.60
CA THR B 186 8.82 53.46 -29.95
C THR B 186 9.21 54.94 -30.08
N ASN B 187 8.89 55.81 -29.12
CA ASN B 187 9.37 57.18 -29.19
C ASN B 187 9.64 57.69 -27.78
N ALA B 188 10.25 58.88 -27.71
CA ALA B 188 10.65 59.47 -26.44
C ALA B 188 9.45 59.81 -25.56
N SER B 189 8.32 60.15 -26.17
CA SER B 189 7.13 60.42 -25.37
C SER B 189 6.49 59.16 -24.82
N GLY B 190 7.07 58.00 -25.07
CA GLY B 190 6.62 56.78 -24.44
C GLY B 190 5.55 56.01 -25.17
N LYS B 191 5.50 56.08 -26.50
CA LYS B 191 4.49 55.35 -27.26
C LYS B 191 4.89 53.90 -27.41
N ILE B 192 3.91 53.01 -27.37
CA ILE B 192 4.14 51.57 -27.37
C ILE B 192 3.79 51.03 -28.74
N ASN B 193 4.64 50.16 -29.27
CA ASN B 193 4.33 49.36 -30.46
C ASN B 193 2.85 49.02 -30.58
N GLN B 194 2.30 49.22 -31.77
CA GLN B 194 0.86 49.01 -31.92
C GLN B 194 0.50 47.53 -31.79
N ASN B 195 1.29 46.66 -32.43
CA ASN B 195 1.01 45.23 -32.44
C ASN B 195 1.17 44.62 -31.05
N VAL B 196 2.07 45.17 -30.23
CA VAL B 196 2.13 44.77 -28.83
C VAL B 196 0.85 45.17 -28.11
N ILE B 197 0.38 46.40 -28.33
CA ILE B 197 -0.87 46.82 -27.71
C ILE B 197 -2.05 46.01 -28.26
N ASN B 198 -1.93 45.54 -29.52
CA ASN B 198 -2.97 44.72 -30.11
C ASN B 198 -3.04 43.35 -29.44
N ASN B 199 -1.90 42.65 -29.34
CA ASN B 199 -1.88 41.38 -28.60
C ASN B 199 -2.25 41.54 -27.14
N LEU B 200 -2.11 42.75 -26.57
CA LEU B 200 -2.49 42.96 -25.18
C LEU B 200 -3.99 43.03 -24.98
N ASN B 201 -4.73 43.44 -26.00
CA ASN B 201 -6.19 43.49 -25.87
C ASN B 201 -6.85 42.23 -26.39
N THR B 202 -6.13 41.43 -27.17
CA THR B 202 -6.61 40.18 -27.75
C THR B 202 -6.18 38.93 -27.00
N LYS B 203 -5.17 39.00 -26.13
CA LYS B 203 -4.71 37.82 -25.38
C LYS B 203 -5.67 37.56 -24.23
N ALA B 204 -6.27 36.37 -24.23
CA ALA B 204 -7.16 35.98 -23.15
C ALA B 204 -6.36 35.62 -21.91
N SER B 205 -7.00 35.79 -20.74
CA SER B 205 -6.42 35.43 -19.44
C SER B 205 -5.63 34.13 -19.51
N GLY B 206 -6.23 33.10 -20.12
CA GLY B 206 -5.61 31.83 -20.39
C GLY B 206 -5.17 31.14 -19.12
N THR B 207 -4.16 30.29 -19.27
CA THR B 207 -3.63 29.51 -18.16
C THR B 207 -2.63 30.33 -17.33
N PRO B 208 -2.29 29.86 -16.12
CA PRO B 208 -1.36 30.60 -15.28
C PRO B 208 -0.02 30.83 -15.97
N GLY B 209 0.55 32.01 -15.74
CA GLY B 209 1.86 32.32 -16.27
C GLY B 209 2.56 33.45 -15.53
N PHE B 210 3.69 33.86 -16.10
CA PHE B 210 4.44 34.99 -15.58
C PHE B 210 4.88 35.90 -16.72
N VAL B 211 5.10 37.17 -16.38
CA VAL B 211 5.51 38.18 -17.34
C VAL B 211 7.02 38.26 -17.39
N PHE B 212 7.58 38.12 -18.58
CA PHE B 212 9.01 38.20 -18.80
C PHE B 212 9.35 39.64 -19.21
N ILE B 213 10.19 40.31 -18.42
CA ILE B 213 10.55 41.69 -18.68
C ILE B 213 12.00 41.65 -19.16
N ASN B 214 12.16 41.73 -20.48
CA ASN B 214 13.46 41.85 -21.10
C ASN B 214 14.13 43.18 -20.73
N ASN B 215 15.44 43.15 -20.61
CA ASN B 215 16.17 44.38 -20.28
C ASN B 215 17.26 44.67 -21.31
N LYS B 216 17.03 44.24 -22.54
CA LYS B 216 17.96 44.45 -23.62
C LYS B 216 17.27 45.24 -24.71
N ASN B 217 17.92 45.35 -25.87
CA ASN B 217 17.29 45.85 -27.09
C ASN B 217 16.87 47.33 -26.90
N VAL B 218 17.85 48.15 -26.54
CA VAL B 218 17.53 49.52 -26.18
C VAL B 218 17.02 50.27 -27.40
N PRO B 219 15.91 50.99 -27.28
CA PRO B 219 15.35 51.70 -28.44
C PRO B 219 16.31 52.76 -28.99
N GLN B 220 16.02 53.20 -30.21
CA GLN B 220 16.88 54.16 -30.89
C GLN B 220 16.77 55.55 -30.29
N TRP B 221 15.54 56.00 -30.05
CA TRP B 221 15.35 57.29 -29.40
C TRP B 221 16.16 57.41 -28.12
N ALA B 222 16.31 56.31 -27.37
CA ALA B 222 17.15 56.35 -26.18
C ALA B 222 18.63 56.48 -26.55
N ILE B 223 19.10 55.70 -27.53
CA ILE B 223 20.50 55.81 -27.96
C ILE B 223 20.80 57.21 -28.50
N ASP B 224 19.85 57.82 -29.20
CA ASP B 224 20.06 59.17 -29.72
C ASP B 224 20.01 60.22 -28.62
N SER B 225 19.04 60.13 -27.73
CA SER B 225 18.95 61.12 -26.65
C SER B 225 20.18 61.06 -25.75
N TYR B 226 20.53 59.86 -25.27
CA TYR B 226 21.38 59.68 -24.10
C TYR B 226 22.84 59.38 -24.40
N GLY B 227 23.19 59.12 -25.66
CA GLY B 227 24.57 58.92 -26.04
C GLY B 227 25.06 57.51 -25.78
N ALA B 228 26.31 57.26 -26.21
CA ALA B 228 26.90 55.95 -26.04
C ALA B 228 27.05 55.58 -24.58
N ASP B 229 27.28 56.57 -23.71
CA ASP B 229 27.36 56.29 -22.29
C ASP B 229 26.13 55.59 -21.74
N PHE B 230 24.98 55.72 -22.40
CA PHE B 230 23.76 55.14 -21.84
C PHE B 230 23.88 53.62 -21.73
N THR B 231 24.67 52.99 -22.62
CA THR B 231 24.82 51.54 -22.64
C THR B 231 26.27 51.11 -22.40
N LYS B 232 27.16 52.05 -22.11
CA LYS B 232 28.55 51.70 -21.94
C LYS B 232 28.77 50.97 -20.62
N PHE B 233 27.78 51.03 -19.73
CA PHE B 233 27.88 50.53 -18.35
C PHE B 233 26.68 49.63 -18.11
N GLN B 234 26.91 48.32 -17.94
CA GLN B 234 25.83 47.36 -18.11
C GLN B 234 25.85 46.30 -17.03
N GLY B 235 24.68 45.68 -16.85
CA GLY B 235 24.54 44.49 -16.04
C GLY B 235 24.58 43.28 -16.94
N ALA B 236 25.69 43.16 -17.69
CA ALA B 236 25.80 42.18 -18.75
C ALA B 236 25.70 40.75 -18.20
N PRO B 237 25.14 39.81 -18.98
CA PRO B 237 24.68 40.06 -20.34
C PRO B 237 23.18 40.18 -20.49
N PHE B 238 22.39 40.39 -19.43
CA PHE B 238 20.94 40.46 -19.62
C PHE B 238 20.34 41.85 -19.36
N LEU B 239 21.14 42.84 -19.01
CA LEU B 239 20.69 44.23 -18.95
C LEU B 239 21.74 45.12 -19.60
N ASP B 240 21.32 45.88 -20.64
CA ASP B 240 22.21 46.57 -21.57
C ASP B 240 22.47 48.04 -21.24
N TYR B 241 21.74 48.64 -20.32
CA TYR B 241 21.81 50.06 -20.05
C TYR B 241 22.39 50.29 -18.66
N ASP B 242 22.54 51.58 -18.32
CA ASP B 242 23.07 52.05 -17.04
C ASP B 242 21.90 52.32 -16.11
N ILE B 243 21.74 51.49 -15.08
CA ILE B 243 20.61 51.59 -14.18
C ILE B 243 20.67 52.81 -13.29
N ASP B 244 21.82 53.49 -13.22
CA ASP B 244 21.93 54.71 -12.44
C ASP B 244 21.80 55.97 -13.28
N HIS B 245 21.78 55.84 -14.59
CA HIS B 245 21.52 56.96 -15.49
C HIS B 245 20.03 57.25 -15.45
N PRO B 246 19.60 58.52 -15.28
CA PRO B 246 18.16 58.79 -15.19
C PRO B 246 17.41 58.43 -16.47
N GLY B 247 18.12 58.27 -17.59
CA GLY B 247 17.48 57.77 -18.79
C GLY B 247 16.83 56.42 -18.55
N ALA B 248 17.50 55.57 -17.76
CA ALA B 248 16.99 54.22 -17.49
C ALA B 248 15.59 54.24 -16.92
N LYS B 249 15.35 55.09 -15.92
CA LYS B 249 14.04 55.10 -15.27
C LYS B 249 12.98 55.72 -16.17
N VAL B 250 13.36 56.70 -16.99
CA VAL B 250 12.43 57.23 -17.97
C VAL B 250 11.99 56.15 -18.94
N MET B 251 12.93 55.34 -19.44
CA MET B 251 12.60 54.42 -20.52
C MET B 251 11.80 53.21 -20.03
N MET B 252 12.12 52.70 -18.82
CA MET B 252 11.33 51.60 -18.28
C MET B 252 9.98 52.05 -17.76
N SER B 253 9.89 53.24 -17.19
CA SER B 253 8.59 53.75 -16.79
C SER B 253 7.67 53.88 -17.99
N HIS B 254 8.23 54.24 -19.16
CA HIS B 254 7.48 54.22 -20.41
C HIS B 254 7.00 52.81 -20.76
N LEU B 255 7.82 51.79 -20.48
CA LEU B 255 7.42 50.42 -20.78
C LEU B 255 6.32 49.95 -19.82
N LEU B 256 6.59 50.05 -18.51
CA LEU B 256 5.61 49.66 -17.48
C LEU B 256 4.28 50.37 -17.67
N LYS B 257 4.29 51.71 -17.75
CA LYS B 257 3.04 52.46 -17.85
C LYS B 257 2.20 52.03 -19.05
N GLY B 258 2.86 51.77 -20.18
CA GLY B 258 2.12 51.54 -21.41
C GLY B 258 1.36 50.22 -21.41
N THR B 259 1.94 49.18 -20.82
CA THR B 259 1.47 47.80 -20.98
C THR B 259 0.78 47.23 -19.76
N VAL B 260 1.27 47.55 -18.55
CA VAL B 260 0.96 46.74 -17.37
C VAL B 260 -0.49 46.94 -16.94
N THR B 261 -1.08 48.11 -17.18
CA THR B 261 -2.47 48.33 -16.80
C THR B 261 -3.40 47.28 -17.41
N LYS B 262 -3.07 46.77 -18.59
CA LYS B 262 -3.94 45.80 -19.24
C LYS B 262 -3.73 44.39 -18.67
N MET B 263 -2.49 44.06 -18.33
CA MET B 263 -2.08 42.75 -17.83
C MET B 263 -2.67 42.44 -16.46
N LYS B 264 -3.25 43.45 -15.79
CA LYS B 264 -3.74 43.33 -14.41
C LYS B 264 -4.82 42.27 -14.28
N GLY B 265 -4.63 41.37 -13.31
CA GLY B 265 -5.63 40.36 -13.00
C GLY B 265 -5.69 39.20 -13.98
N LYS B 266 -4.84 39.15 -14.99
CA LYS B 266 -4.86 38.01 -15.90
C LYS B 266 -4.00 36.86 -15.38
N HIS B 267 -4.41 35.65 -15.72
CA HIS B 267 -3.72 34.45 -15.25
C HIS B 267 -2.24 34.43 -15.67
N TYR B 268 -1.91 34.97 -16.87
CA TYR B 268 -0.50 35.01 -17.26
C TYR B 268 0.35 35.90 -16.35
N THR B 269 -0.20 36.50 -15.30
CA THR B 269 0.61 37.14 -14.28
C THR B 269 0.56 36.39 -12.95
N ASP B 270 -0.03 35.19 -12.91
CA ASP B 270 -0.22 34.47 -11.66
C ASP B 270 1.08 34.01 -11.03
N LEU B 271 2.10 33.74 -11.84
CA LEU B 271 3.43 33.42 -11.34
C LEU B 271 4.37 34.64 -11.40
N GLY B 272 3.82 35.83 -11.58
CA GLY B 272 4.48 37.06 -11.21
C GLY B 272 5.00 37.84 -12.39
N TYR B 273 5.72 38.93 -12.08
CA TYR B 273 6.48 39.70 -13.06
C TYR B 273 7.97 39.50 -12.79
N MET B 274 8.69 38.96 -13.75
CA MET B 274 10.14 38.78 -13.57
C MET B 274 10.83 40.07 -14.02
N LEU B 275 11.45 40.77 -13.06
CA LEU B 275 12.00 42.09 -13.31
C LEU B 275 13.33 42.03 -14.06
N CYS B 276 13.98 40.87 -14.06
CA CYS B 276 15.25 40.73 -14.76
C CYS B 276 15.61 39.27 -14.87
N ASN B 277 16.10 38.90 -16.05
CA ASN B 277 16.67 37.59 -16.29
C ASN B 277 18.08 37.55 -15.74
N GLU B 278 18.35 36.53 -14.94
CA GLU B 278 19.63 36.28 -14.28
C GLU B 278 20.42 37.57 -14.04
N PRO B 279 19.98 38.44 -13.15
CA PRO B 279 20.66 39.73 -12.98
C PRO B 279 22.07 39.55 -12.45
N ARG B 280 22.94 40.48 -12.81
CA ARG B 280 24.31 40.54 -12.27
C ARG B 280 24.94 41.83 -12.74
N TRP B 281 25.69 42.47 -11.83
CA TRP B 281 26.52 43.63 -12.14
C TRP B 281 27.93 43.27 -11.66
N ILE B 282 28.61 42.47 -12.48
CA ILE B 282 30.02 42.14 -12.27
C ILE B 282 30.88 43.37 -12.55
N THR B 283 31.67 43.76 -11.56
CA THR B 283 32.48 44.96 -11.56
C THR B 283 33.85 44.68 -10.94
N TYR B 284 34.37 43.47 -11.11
CA TYR B 284 35.73 43.19 -10.67
C TYR B 284 36.61 42.83 -11.86
N LYS B 285 37.91 42.79 -11.56
CA LYS B 285 39.02 42.56 -12.45
C LYS B 285 39.92 41.51 -11.81
N ASP B 286 40.72 40.83 -12.63
CA ASP B 286 41.71 39.94 -12.03
C ASP B 286 42.95 39.98 -12.93
N GLY B 287 43.80 40.98 -12.68
CA GLY B 287 44.99 41.14 -13.51
C GLY B 287 44.64 41.30 -14.98
N THR B 288 45.18 40.41 -15.83
CA THR B 288 44.92 40.49 -17.27
C THR B 288 43.97 39.40 -17.75
N LYS B 289 43.58 38.47 -16.89
CA LYS B 289 42.68 37.39 -17.29
C LYS B 289 41.31 37.94 -17.64
N LYS B 290 40.62 37.23 -18.52
CA LYS B 290 39.32 37.73 -18.96
C LYS B 290 38.28 37.43 -17.88
N VAL B 291 37.57 38.48 -17.47
CA VAL B 291 36.49 38.37 -16.52
C VAL B 291 35.21 38.59 -17.31
N TRP B 292 34.49 37.50 -17.56
CA TRP B 292 33.28 37.63 -18.35
C TRP B 292 32.29 38.58 -17.69
N TYR B 293 31.70 39.45 -18.52
CA TYR B 293 30.55 40.28 -18.21
C TYR B 293 30.91 41.48 -17.36
N THR B 294 32.20 41.75 -17.13
CA THR B 294 32.53 42.82 -16.20
C THR B 294 32.39 44.18 -16.87
N SER B 295 32.20 45.21 -16.06
CA SER B 295 31.83 46.52 -16.56
C SER B 295 32.36 47.60 -15.63
N GLY B 296 32.49 48.81 -16.18
CA GLY B 296 32.71 49.98 -15.38
C GLY B 296 31.38 50.50 -14.84
N VAL B 297 31.45 51.67 -14.20
CA VAL B 297 30.28 52.32 -13.66
C VAL B 297 30.30 53.78 -14.08
N SER B 298 29.14 54.39 -14.11
CA SER B 298 29.09 55.77 -14.58
C SER B 298 29.39 56.75 -13.45
N THR B 299 29.42 58.04 -13.78
CA THR B 299 29.51 59.08 -12.76
C THR B 299 28.21 59.17 -11.99
N TYR B 300 27.11 58.68 -12.56
CA TYR B 300 25.88 58.57 -11.79
C TYR B 300 26.05 57.57 -10.67
N THR B 301 26.70 56.43 -10.97
CA THR B 301 26.96 55.41 -9.95
C THR B 301 27.94 55.92 -8.90
N LEU B 302 29.03 56.59 -9.30
CA LEU B 302 29.98 57.10 -8.32
C LEU B 302 29.38 58.19 -7.43
N ASP B 303 28.47 59.01 -7.96
CA ASP B 303 27.83 60.02 -7.11
C ASP B 303 26.98 59.34 -6.03
N LYS B 304 26.28 58.30 -6.43
CA LYS B 304 25.57 57.47 -5.47
C LYS B 304 26.54 56.83 -4.49
N PHE B 305 27.69 56.36 -4.99
CA PHE B 305 28.69 55.73 -4.13
C PHE B 305 29.19 56.71 -3.08
N LYS B 306 29.51 57.94 -3.51
CA LYS B 306 29.98 58.99 -2.59
C LYS B 306 28.94 59.26 -1.51
N GLY B 307 27.66 59.21 -1.87
CA GLY B 307 26.63 59.34 -0.86
C GLY B 307 26.61 58.15 0.10
N TRP B 308 26.70 56.93 -0.44
CA TRP B 308 26.74 55.74 0.41
C TRP B 308 27.95 55.77 1.34
N LEU B 309 29.11 56.20 0.83
CA LEU B 309 30.30 56.36 1.66
C LEU B 309 30.09 57.39 2.77
N GLN B 310 29.40 58.49 2.46
CA GLN B 310 29.11 59.51 3.48
C GLN B 310 28.24 58.93 4.59
N ASN B 311 27.23 58.15 4.23
CA ASN B 311 26.41 57.47 5.23
C ASN B 311 27.21 56.45 6.02
N LYS B 312 28.10 55.69 5.36
CA LYS B 312 28.75 54.57 6.02
C LYS B 312 29.81 55.03 7.02
N HIS B 313 30.62 56.03 6.64
CA HIS B 313 31.78 56.46 7.44
C HIS B 313 31.56 57.77 8.20
N GLN B 314 30.47 58.49 7.92
CA GLN B 314 30.10 59.79 8.47
C GLN B 314 31.05 60.92 8.12
N ASN B 315 32.36 60.76 8.26
CA ASN B 315 33.28 61.82 7.87
C ASN B 315 34.48 61.25 7.10
N ILE B 316 35.08 62.12 6.28
CA ILE B 316 36.11 61.67 5.33
C ILE B 316 37.37 61.23 6.04
N ALA B 317 37.64 61.78 7.23
CA ALA B 317 38.73 61.28 8.06
C ALA B 317 38.61 59.78 8.30
N GLN B 318 37.41 59.31 8.64
CA GLN B 318 37.22 57.91 8.96
C GLN B 318 37.44 57.03 7.74
N LEU B 319 37.06 57.51 6.56
CA LEU B 319 37.34 56.76 5.34
C LEU B 319 38.82 56.81 4.98
N ASN B 320 39.47 57.97 5.12
CA ASN B 320 40.89 58.02 4.74
C ASN B 320 41.72 57.08 5.58
N ALA B 321 41.41 56.96 6.87
CA ALA B 321 42.20 56.07 7.72
C ALA B 321 42.11 54.63 7.23
N LEU B 322 40.89 54.17 6.92
CA LEU B 322 40.69 52.79 6.48
C LEU B 322 41.22 52.57 5.07
N TRP B 323 40.97 53.50 4.17
CA TRP B 323 41.42 53.33 2.79
C TRP B 323 42.89 53.71 2.61
N HIS B 324 43.52 54.31 3.63
CA HIS B 324 44.88 54.85 3.48
C HIS B 324 44.94 55.82 2.31
N SER B 325 43.89 56.61 2.15
CA SER B 325 43.81 57.62 1.10
C SER B 325 43.94 59.00 1.74
N SER B 326 43.97 60.04 0.92
CA SER B 326 44.03 61.39 1.48
C SER B 326 43.13 62.35 0.69
N PHE B 327 41.85 61.97 0.58
CA PHE B 327 40.83 62.84 0.01
C PHE B 327 40.44 63.94 0.99
N SER B 328 39.98 65.08 0.43
CA SER B 328 39.58 66.23 1.23
C SER B 328 38.12 66.23 1.69
N ASN B 329 37.28 65.38 1.09
CA ASN B 329 35.85 65.35 1.32
C ASN B 329 35.34 64.19 0.48
N PHE B 330 34.09 63.82 0.71
CA PHE B 330 33.54 62.68 -0.01
C PHE B 330 33.39 62.96 -1.50
N GLU B 331 33.26 64.23 -1.88
CA GLU B 331 33.14 64.55 -3.30
C GLU B 331 34.44 64.31 -4.07
N GLU B 332 35.59 64.26 -3.40
CA GLU B 332 36.83 63.98 -4.11
C GLU B 332 37.15 62.49 -4.20
N VAL B 333 36.34 61.62 -3.59
CA VAL B 333 36.61 60.19 -3.65
C VAL B 333 36.63 59.73 -5.09
N VAL B 334 37.63 58.93 -5.43
CA VAL B 334 37.79 58.32 -6.74
C VAL B 334 38.12 56.84 -6.55
N ILE B 335 37.56 55.99 -7.42
CA ILE B 335 37.78 54.54 -7.34
C ILE B 335 37.80 53.95 -8.74
N GLU B 336 38.76 53.05 -8.97
CA GLU B 336 38.91 52.37 -10.25
C GLU B 336 37.94 51.18 -10.31
N ILE B 337 36.98 51.25 -11.20
CA ILE B 337 36.01 50.19 -11.45
C ILE B 337 36.13 49.80 -12.92
N PRO B 338 36.31 48.51 -13.26
CA PRO B 338 36.35 47.35 -12.36
C PRO B 338 37.49 47.36 -11.35
N ILE B 339 37.19 46.91 -10.14
CA ILE B 339 38.14 46.85 -9.05
C ILE B 339 38.84 45.50 -9.09
N ASP B 340 40.17 45.51 -8.94
CA ASP B 340 40.91 44.26 -9.01
C ASP B 340 40.70 43.41 -7.77
N ILE B 341 40.48 42.12 -8.03
CA ILE B 341 40.15 41.14 -7.00
C ILE B 341 41.25 41.02 -5.94
N SER B 342 42.49 41.40 -6.28
CA SER B 342 43.58 41.35 -5.31
C SER B 342 43.30 42.19 -4.08
N LEU B 343 42.30 43.05 -4.13
CA LEU B 343 41.99 43.93 -3.01
C LEU B 343 40.91 43.36 -2.10
N MET B 344 40.41 42.16 -2.39
CA MET B 344 39.44 41.53 -1.52
C MET B 344 40.05 41.33 -0.15
N GLY B 345 39.27 41.63 0.89
CA GLY B 345 39.74 41.75 2.24
C GLY B 345 40.00 43.17 2.69
N THR B 346 40.31 44.09 1.76
CA THR B 346 40.58 45.47 2.10
C THR B 346 39.28 46.26 2.20
N PRO B 347 39.28 47.36 2.95
CA PRO B 347 38.04 48.12 3.16
C PRO B 347 37.46 48.73 1.91
N LYS B 348 38.30 49.15 0.98
CA LYS B 348 37.80 49.69 -0.29
C LYS B 348 37.03 48.64 -1.10
N TRP B 349 37.53 47.40 -1.12
CA TRP B 349 36.76 46.30 -1.70
C TRP B 349 35.45 46.09 -0.94
N TYR B 350 35.51 46.03 0.39
CA TYR B 350 34.28 45.81 1.13
C TYR B 350 33.25 46.89 0.80
N ASP B 351 33.64 48.16 0.89
CA ASP B 351 32.76 49.28 0.54
C ASP B 351 32.20 49.17 -0.89
N TRP B 352 33.08 48.94 -1.87
CA TRP B 352 32.56 48.88 -3.23
C TRP B 352 31.59 47.71 -3.41
N VAL B 353 31.98 46.52 -2.95
CA VAL B 353 31.15 45.36 -3.23
C VAL B 353 29.80 45.50 -2.56
N THR B 354 29.78 45.98 -1.30
CA THR B 354 28.51 46.18 -0.58
C THR B 354 27.65 47.24 -1.27
N PHE B 355 28.25 48.40 -1.57
CA PHE B 355 27.50 49.43 -2.28
C PHE B 355 26.96 48.90 -3.60
N ASN B 356 27.74 48.10 -4.32
CA ASN B 356 27.25 47.51 -5.57
C ASN B 356 26.01 46.66 -5.34
N GLU B 357 26.02 45.81 -4.31
CA GLU B 357 24.80 45.09 -3.91
C GLU B 357 23.67 46.06 -3.60
N ASP B 358 23.98 47.13 -2.86
CA ASP B 358 22.91 48.00 -2.39
C ASP B 358 22.28 48.80 -3.53
N ARG B 359 23.10 49.27 -4.50
CA ARG B 359 22.52 50.05 -5.59
C ARG B 359 21.66 49.19 -6.50
N VAL B 360 22.01 47.91 -6.65
CA VAL B 360 21.22 47.00 -7.49
C VAL B 360 19.85 46.77 -6.86
N THR B 361 19.82 46.53 -5.57
CA THR B 361 18.56 46.43 -4.84
C THR B 361 17.69 47.68 -4.99
N ASP B 362 18.31 48.87 -4.98
CA ASP B 362 17.52 50.10 -5.17
C ASP B 362 16.97 50.21 -6.58
N TRP B 363 17.69 49.71 -7.58
CA TRP B 363 17.10 49.67 -8.91
C TRP B 363 15.81 48.86 -8.88
N PHE B 364 15.88 47.66 -8.32
CA PHE B 364 14.71 46.80 -8.34
C PHE B 364 13.64 47.27 -7.36
N THR B 365 14.04 47.90 -6.26
CA THR B 365 13.08 48.59 -5.40
C THR B 365 12.27 49.61 -6.20
N TRP B 366 12.94 50.41 -7.04
CA TRP B 366 12.23 51.38 -7.86
C TRP B 366 11.38 50.71 -8.94
N MET B 367 11.95 49.73 -9.67
CA MET B 367 11.19 49.00 -10.68
C MET B 367 9.87 48.48 -10.13
N LYS B 368 9.91 47.85 -8.94
CA LYS B 368 8.70 47.31 -8.34
C LYS B 368 7.73 48.42 -7.99
N SER B 369 8.23 49.51 -7.37
CA SER B 369 7.36 50.64 -7.04
C SER B 369 6.65 51.15 -8.28
N GLU B 370 7.43 51.34 -9.36
CA GLU B 370 6.86 51.73 -10.64
C GLU B 370 5.83 50.72 -11.11
N LEU B 371 6.21 49.45 -11.18
CA LEU B 371 5.30 48.40 -11.65
C LEU B 371 3.97 48.43 -10.90
N ARG B 372 4.00 48.83 -9.63
CA ARG B 372 2.78 48.81 -8.82
C ARG B 372 1.89 50.02 -9.03
N LYS B 373 2.36 51.03 -9.78
CA LYS B 373 1.49 52.15 -10.15
C LYS B 373 0.43 51.73 -11.15
N TYR B 374 0.63 50.60 -11.80
CA TYR B 374 -0.21 50.13 -12.89
C TYR B 374 -0.79 48.76 -12.62
N ASP B 375 -0.32 48.08 -11.58
CA ASP B 375 -0.90 46.81 -11.16
C ASP B 375 -0.62 46.68 -9.69
N PRO B 376 -1.48 47.26 -8.84
CA PRO B 376 -1.17 47.30 -7.41
C PRO B 376 -1.08 45.92 -6.80
N THR B 377 -1.60 44.92 -7.49
CA THR B 377 -1.57 43.51 -7.11
C THR B 377 -0.41 42.76 -7.71
N ALA B 378 0.51 43.44 -8.38
CA ALA B 378 1.56 42.76 -9.14
C ALA B 378 2.50 41.99 -8.21
N LYS B 379 2.76 40.73 -8.55
CA LYS B 379 3.69 39.88 -7.79
C LYS B 379 5.09 40.00 -8.39
N ALA B 380 6.02 40.54 -7.62
CA ALA B 380 7.37 40.72 -8.12
C ALA B 380 8.20 39.48 -7.87
N GLN B 381 9.03 39.13 -8.85
CA GLN B 381 10.02 38.08 -8.73
C GLN B 381 11.15 38.35 -9.72
N LEU B 382 12.24 37.59 -9.56
CA LEU B 382 13.41 37.71 -10.42
C LEU B 382 14.00 36.34 -10.65
N LYS B 383 14.54 36.11 -11.85
CA LYS B 383 15.20 34.84 -12.15
C LYS B 383 16.66 34.90 -11.65
N ILE B 384 16.80 34.82 -10.30
CA ILE B 384 18.11 34.95 -9.67
C ILE B 384 18.87 33.63 -9.70
N MET B 385 20.18 33.69 -9.97
CA MET B 385 21.01 32.50 -9.88
C MET B 385 21.47 32.32 -8.44
N PRO B 386 20.98 31.31 -7.74
CA PRO B 386 21.44 31.07 -6.36
C PRO B 386 22.91 30.72 -6.29
N SER B 387 23.52 30.27 -7.39
CA SER B 387 24.93 29.91 -7.38
C SER B 387 25.82 31.07 -6.92
N PHE B 388 25.42 32.32 -7.20
CA PHE B 388 26.22 33.44 -6.70
C PHE B 388 26.30 33.40 -5.18
N PHE B 389 25.18 33.11 -4.51
CA PHE B 389 25.19 32.95 -3.06
C PHE B 389 25.96 31.69 -2.64
N THR B 390 25.60 30.53 -3.21
CA THR B 390 26.21 29.27 -2.76
C THR B 390 27.69 29.15 -3.15
N GLU B 391 28.11 29.76 -4.26
CA GLU B 391 29.52 29.73 -4.65
C GLU B 391 30.29 30.97 -4.22
N ASN B 392 29.62 31.95 -3.60
CA ASN B 392 30.22 33.19 -3.15
C ASN B 392 30.98 33.89 -4.28
N ASP B 393 30.32 34.03 -5.42
CA ASP B 393 30.95 34.72 -6.54
C ASP B 393 31.35 36.14 -6.13
N PRO B 394 32.49 36.65 -6.58
CA PRO B 394 32.91 38.00 -6.17
C PRO B 394 32.23 39.11 -6.98
N ALA B 395 31.76 40.13 -6.25
CA ALA B 395 31.37 41.42 -6.81
C ALA B 395 30.31 41.30 -7.91
N THR B 396 29.20 40.62 -7.58
CA THR B 396 28.05 40.44 -8.47
C THR B 396 26.97 41.49 -8.29
N GLY B 397 27.01 42.26 -7.22
CA GLY B 397 25.93 43.17 -6.92
C GLY B 397 24.60 42.49 -6.60
N ILE B 398 24.56 41.17 -6.47
CA ILE B 398 23.31 40.45 -6.27
C ILE B 398 23.18 40.15 -4.79
N ASP B 399 22.29 40.89 -4.13
CA ASP B 399 21.97 40.65 -2.72
C ASP B 399 20.77 39.68 -2.75
N LEU B 400 21.05 38.38 -2.62
CA LEU B 400 19.98 37.40 -2.77
C LEU B 400 18.86 37.63 -1.77
N GLU B 401 19.22 37.87 -0.50
CA GLU B 401 18.23 38.13 0.54
C GLU B 401 17.37 39.33 0.21
N ALA B 402 17.98 40.49 -0.04
CA ALA B 402 17.20 41.70 -0.29
C ALA B 402 16.36 41.64 -1.57
N LEU B 403 16.83 40.92 -2.61
CA LEU B 403 16.01 40.76 -3.81
C LEU B 403 14.84 39.80 -3.54
N THR B 404 15.10 38.76 -2.75
CA THR B 404 14.03 37.85 -2.35
C THR B 404 13.05 38.53 -1.40
N GLU B 405 13.52 39.47 -0.57
CA GLU B 405 12.62 40.21 0.31
C GLU B 405 11.57 41.00 -0.48
N LEU B 406 12.00 41.71 -1.54
CA LEU B 406 11.07 42.51 -2.34
C LEU B 406 10.26 41.67 -3.32
N SER B 407 10.36 40.36 -3.25
CA SER B 407 9.65 39.47 -4.15
C SER B 407 8.49 38.82 -3.39
N GLU B 408 7.35 38.70 -4.06
CA GLU B 408 6.18 38.01 -3.51
C GLU B 408 6.18 36.53 -3.87
N ILE B 409 6.90 36.17 -4.94
CA ILE B 409 7.19 34.79 -5.33
C ILE B 409 8.70 34.58 -5.23
N ASN B 410 9.13 33.44 -4.70
CA ASN B 410 10.56 33.17 -4.54
C ASN B 410 11.13 32.68 -5.87
N GLY B 411 11.41 33.64 -6.75
CA GLY B 411 11.92 33.29 -8.06
C GLY B 411 13.40 32.92 -8.04
N ASN B 412 13.84 32.26 -9.12
CA ASN B 412 15.20 31.71 -9.21
C ASN B 412 15.41 30.84 -10.44
N ASP B 413 16.66 30.46 -10.76
CA ASP B 413 16.88 29.36 -11.66
C ASP B 413 18.05 28.52 -11.15
N VAL B 414 17.85 27.92 -9.97
CA VAL B 414 18.87 27.08 -9.35
C VAL B 414 19.18 25.88 -10.25
N ALA B 415 20.44 25.43 -10.18
CA ALA B 415 20.94 24.29 -10.94
C ALA B 415 21.39 23.19 -10.00
N ALA B 416 21.72 22.05 -10.58
CA ALA B 416 22.41 20.96 -9.91
C ALA B 416 23.33 20.30 -10.92
N ASN B 417 24.39 19.68 -10.45
CA ASN B 417 25.45 19.15 -11.32
C ASN B 417 25.45 17.62 -11.29
N TYR B 418 24.82 17.02 -12.31
CA TYR B 418 24.96 15.58 -12.51
C TYR B 418 26.42 15.17 -12.62
N ASN B 419 27.24 16.03 -13.24
CA ASN B 419 28.68 15.86 -13.35
C ASN B 419 29.31 17.24 -13.40
N TYR B 420 30.61 17.29 -13.65
CA TYR B 420 31.32 18.55 -13.78
C TYR B 420 32.19 18.47 -15.03
N MET B 421 31.80 19.22 -16.08
CA MET B 421 32.73 19.57 -17.16
C MET B 421 33.96 20.30 -16.62
N VAL B 422 35.12 19.69 -16.78
CA VAL B 422 36.37 20.28 -16.35
C VAL B 422 37.36 20.14 -17.50
N LYS B 423 37.64 21.27 -18.16
CA LYS B 423 38.77 21.39 -19.08
C LYS B 423 38.68 20.35 -20.21
N GLY B 424 37.46 20.19 -20.75
CA GLY B 424 37.22 19.31 -21.88
C GLY B 424 36.62 17.96 -21.55
N GLU B 425 36.53 17.60 -20.27
CA GLU B 425 36.08 16.27 -19.90
C GLU B 425 35.07 16.31 -18.77
N ILE B 426 34.47 15.15 -18.52
CA ILE B 426 33.53 14.92 -17.43
C ILE B 426 34.33 14.54 -16.20
N VAL B 427 33.97 15.11 -15.05
CA VAL B 427 34.38 14.55 -13.77
C VAL B 427 33.12 14.45 -12.92
N LYS B 428 33.07 13.43 -12.08
CA LYS B 428 31.96 13.25 -11.16
C LYS B 428 32.28 13.94 -9.83
N ASP B 429 31.23 14.26 -9.09
CA ASP B 429 31.44 14.88 -7.78
C ASP B 429 32.32 13.97 -6.90
N GLU B 430 33.25 14.59 -6.17
CA GLU B 430 34.21 13.82 -5.39
C GLU B 430 33.59 13.21 -4.15
N LYS B 431 32.46 13.74 -3.69
CA LYS B 431 31.87 13.36 -2.41
C LYS B 431 30.49 12.75 -2.51
N TYR B 432 29.73 13.03 -3.58
CA TYR B 432 28.34 12.62 -3.63
C TYR B 432 28.04 12.09 -5.02
N ALA B 433 26.80 11.60 -5.19
CA ALA B 433 26.37 11.13 -6.51
C ALA B 433 26.25 12.27 -7.49
N PHE B 434 25.87 13.45 -7.01
CA PHE B 434 25.73 14.61 -7.86
C PHE B 434 25.87 15.87 -7.00
N GLY B 435 25.81 17.02 -7.66
CA GLY B 435 25.98 18.28 -6.96
C GLY B 435 24.66 18.83 -6.48
N TRP B 436 24.40 18.69 -5.18
CA TRP B 436 23.15 19.08 -4.55
C TRP B 436 23.29 20.35 -3.71
N LYS B 437 24.53 20.72 -3.37
CA LYS B 437 24.83 21.89 -2.55
C LYS B 437 24.07 23.13 -2.99
N GLU B 438 24.14 23.45 -4.28
CA GLU B 438 23.48 24.67 -4.78
C GLU B 438 21.97 24.60 -4.53
N LEU B 439 21.35 23.47 -4.89
CA LEU B 439 19.91 23.31 -4.70
C LEU B 439 19.52 23.41 -3.23
N TYR B 440 20.21 22.68 -2.35
CA TYR B 440 19.74 22.61 -0.98
C TYR B 440 19.99 23.93 -0.25
N MET B 441 21.20 24.47 -0.35
CA MET B 441 21.50 25.78 0.25
C MET B 441 20.66 26.88 -0.38
N GLY B 442 20.55 26.90 -1.70
CA GLY B 442 19.79 27.97 -2.32
C GLY B 442 18.36 27.99 -1.82
N TYR B 443 17.70 26.84 -1.84
CA TYR B 443 16.28 26.82 -1.55
C TYR B 443 16.02 27.03 -0.07
N ASP B 444 16.81 26.37 0.80
CA ASP B 444 16.68 26.61 2.24
C ASP B 444 16.93 28.06 2.60
N PHE B 445 17.80 28.75 1.85
CA PHE B 445 18.00 30.17 2.09
C PHE B 445 16.81 30.97 1.61
N LEU B 446 16.34 30.70 0.40
CA LEU B 446 15.12 31.34 -0.09
C LEU B 446 13.97 31.16 0.91
N LYS B 447 13.81 29.94 1.46
CA LYS B 447 12.69 29.67 2.34
C LYS B 447 12.92 30.10 3.79
N SER B 448 14.12 30.59 4.13
CA SER B 448 14.37 31.30 5.38
C SER B 448 14.05 32.79 5.26
N VAL B 449 14.34 33.39 4.11
CA VAL B 449 13.97 34.79 3.91
C VAL B 449 12.47 34.93 3.72
N GLN B 450 11.88 34.05 2.92
CA GLN B 450 10.44 34.09 2.63
C GLN B 450 9.81 32.71 2.84
N PRO B 451 9.56 32.34 4.09
CA PRO B 451 9.09 30.97 4.37
C PRO B 451 7.63 30.72 3.98
N ASN B 452 6.86 31.79 3.77
CA ASN B 452 5.41 31.64 3.47
C ASN B 452 5.13 31.99 2.00
N GLN B 453 6.09 31.75 1.12
CA GLN B 453 5.93 32.12 -0.30
C GLN B 453 6.30 30.95 -1.20
N LEU B 454 5.66 30.87 -2.36
CA LEU B 454 5.90 29.78 -3.34
C LEU B 454 7.31 29.88 -3.94
N ILE B 455 7.87 28.76 -4.36
CA ILE B 455 9.17 28.82 -5.09
C ILE B 455 8.89 28.56 -6.57
N PHE B 456 9.35 29.48 -7.45
CA PHE B 456 9.19 29.30 -8.92
C PHE B 456 10.57 29.29 -9.58
N ASN B 457 11.01 28.12 -10.00
CA ASN B 457 12.28 28.02 -10.71
C ASN B 457 11.96 28.28 -12.20
N SER B 458 12.18 29.52 -12.66
CA SER B 458 11.72 29.92 -14.00
C SER B 458 12.66 29.47 -15.12
N GLU B 459 13.72 28.74 -14.79
CA GLU B 459 14.63 28.21 -15.80
C GLU B 459 15.46 27.09 -15.17
N SER B 460 14.81 25.98 -14.81
CA SER B 460 15.47 24.97 -13.98
C SER B 460 16.68 24.42 -14.71
N HIS B 461 17.81 24.53 -14.07
CA HIS B 461 19.05 23.94 -14.57
C HIS B 461 19.41 22.71 -13.74
N LEU B 462 18.39 22.05 -13.16
CA LEU B 462 18.64 20.78 -12.49
C LEU B 462 19.04 19.70 -13.47
N LEU B 463 18.62 19.80 -14.73
CA LEU B 463 18.96 18.78 -15.71
C LEU B 463 20.30 19.08 -16.38
N SER B 464 20.47 20.28 -16.93
CA SER B 464 21.72 20.65 -17.59
C SER B 464 22.02 22.12 -17.39
N THR B 465 23.29 22.44 -17.42
CA THR B 465 23.80 23.82 -17.41
C THR B 465 25.18 23.76 -18.03
N ASN B 466 25.86 24.92 -18.09
CA ASN B 466 27.08 25.04 -18.92
C ASN B 466 28.18 24.06 -18.54
N ASN B 467 28.28 23.64 -17.27
CA ASN B 467 29.30 22.69 -16.85
C ASN B 467 28.72 21.34 -16.42
N ALA B 468 27.53 21.00 -16.91
CA ALA B 468 26.91 19.73 -16.56
C ALA B 468 26.10 19.26 -17.76
N ARG B 469 26.47 18.10 -18.32
CA ARG B 469 25.67 17.49 -19.37
C ARG B 469 26.18 16.08 -19.60
N ASP B 470 25.23 15.19 -19.92
CA ASP B 470 25.58 13.79 -20.18
C ASP B 470 24.40 13.18 -20.94
N LEU B 471 24.57 13.01 -22.25
CA LEU B 471 23.55 12.34 -23.06
C LEU B 471 23.05 11.06 -22.40
N TYR B 472 23.95 10.29 -21.78
CA TYR B 472 23.65 9.00 -21.19
C TYR B 472 23.25 9.07 -19.73
N MET B 473 22.62 10.17 -19.31
CA MET B 473 22.41 10.37 -17.89
C MET B 473 21.37 9.38 -17.38
N ASP B 474 21.67 8.76 -16.24
CA ASP B 474 20.80 7.76 -15.61
C ASP B 474 19.45 8.37 -15.29
N PRO B 475 18.35 7.83 -15.82
CA PRO B 475 17.02 8.41 -15.56
C PRO B 475 16.66 8.42 -14.08
N LYS B 476 17.46 7.79 -13.21
CA LYS B 476 17.25 7.94 -11.78
C LYS B 476 17.62 9.33 -11.30
N TYR B 477 18.55 10.02 -12.02
CA TYR B 477 18.98 11.33 -11.56
C TYR B 477 17.83 12.34 -11.61
N PRO B 478 17.19 12.62 -12.77
CA PRO B 478 16.10 13.60 -12.77
C PRO B 478 15.03 13.30 -11.74
N ARG B 479 14.79 12.02 -11.43
CA ARG B 479 13.82 11.67 -10.40
C ARG B 479 14.25 12.20 -9.03
N ALA B 480 15.50 11.95 -8.66
CA ALA B 480 15.94 12.28 -7.32
C ALA B 480 16.00 13.79 -7.12
N VAL B 481 16.46 14.54 -8.13
CA VAL B 481 16.69 15.97 -7.88
C VAL B 481 15.38 16.73 -7.94
N TYR B 482 14.45 16.33 -8.83
CA TYR B 482 13.15 16.99 -8.86
C TYR B 482 12.32 16.61 -7.63
N TRP B 483 12.41 15.37 -7.17
CA TRP B 483 11.85 15.03 -5.85
C TRP B 483 12.44 15.93 -4.77
N ALA B 484 13.77 16.04 -4.72
CA ALA B 484 14.43 16.87 -3.72
C ALA B 484 13.92 18.31 -3.76
N ALA B 485 13.87 18.91 -4.96
CA ALA B 485 13.54 20.33 -5.03
C ALA B 485 12.16 20.60 -4.45
N HIS B 486 11.22 19.69 -4.69
CA HIS B 486 9.88 19.89 -4.17
C HIS B 486 9.82 19.65 -2.65
N THR B 487 10.65 18.78 -2.08
CA THR B 487 10.72 18.75 -0.62
C THR B 487 11.30 20.05 -0.07
N LEU B 488 12.16 20.71 -0.86
CA LEU B 488 12.77 21.98 -0.47
C LEU B 488 11.82 23.17 -0.63
N GLY B 489 10.66 22.97 -1.27
CA GLY B 489 9.75 24.08 -1.50
C GLY B 489 9.40 24.39 -2.95
N LEU B 490 9.99 23.75 -3.98
CA LEU B 490 9.61 24.04 -5.38
C LEU B 490 8.12 23.86 -5.62
N ASN B 491 7.45 24.89 -6.12
CA ASN B 491 6.03 24.74 -6.43
C ASN B 491 5.71 24.74 -7.92
N ALA B 492 6.36 25.58 -8.71
CA ALA B 492 6.18 25.54 -10.15
C ALA B 492 7.55 25.65 -10.80
N SER B 493 7.69 25.08 -11.99
CA SER B 493 8.98 25.10 -12.62
C SER B 493 8.84 25.08 -14.14
N GLN B 494 9.72 25.85 -14.79
CA GLN B 494 9.94 25.81 -16.23
C GLN B 494 11.36 25.33 -16.44
N THR B 495 11.51 24.16 -17.04
CA THR B 495 12.78 23.44 -17.09
C THR B 495 13.53 23.70 -18.38
N TRP B 496 14.78 24.12 -18.25
CA TRP B 496 15.65 24.31 -19.40
C TRP B 496 16.00 22.97 -20.03
N TYR B 497 15.62 22.74 -21.30
CA TYR B 497 14.72 23.54 -22.14
C TYR B 497 14.24 22.69 -23.34
N TRP B 498 13.23 23.18 -24.08
CA TRP B 498 12.62 22.45 -25.20
C TRP B 498 12.74 23.25 -26.48
N PRO B 499 13.95 23.33 -27.06
CA PRO B 499 14.12 24.12 -28.28
C PRO B 499 13.54 23.47 -29.52
N ARG B 500 13.17 22.19 -29.43
CA ARG B 500 12.63 21.47 -30.58
C ARG B 500 11.25 22.02 -30.97
N LYS B 501 10.92 21.84 -32.24
CA LYS B 501 9.60 22.17 -32.77
C LYS B 501 8.71 20.93 -32.76
N GLU B 502 7.42 21.14 -33.06
CA GLU B 502 6.46 20.03 -33.05
C GLU B 502 6.87 18.91 -34.00
N ASP B 503 7.63 19.22 -35.04
CA ASP B 503 8.04 18.20 -35.99
C ASP B 503 9.37 17.57 -35.64
N GLY B 504 9.92 17.87 -34.46
CA GLY B 504 11.21 17.34 -34.05
C GLY B 504 12.41 18.14 -34.50
N SER B 505 12.23 19.11 -35.41
CA SER B 505 13.33 19.93 -35.89
C SER B 505 13.73 20.97 -34.82
N LEU B 506 14.75 21.77 -35.14
CA LEU B 506 15.34 22.69 -34.18
C LEU B 506 15.09 24.15 -34.54
N LYS B 507 14.84 24.94 -33.50
CA LYS B 507 14.75 26.39 -33.63
C LYS B 507 16.07 26.97 -34.14
N SER B 508 15.96 28.09 -34.84
CA SER B 508 17.15 28.76 -35.33
C SER B 508 17.97 29.33 -34.17
N GLY B 509 19.29 29.16 -34.26
CA GLY B 509 20.19 29.78 -33.30
C GLY B 509 20.46 28.96 -32.06
N ILE B 510 20.62 27.64 -32.20
CA ILE B 510 20.92 26.80 -31.06
C ILE B 510 22.38 26.99 -30.66
N THR B 511 22.64 26.98 -29.35
CA THR B 511 23.94 27.27 -28.77
C THR B 511 24.60 25.99 -28.25
N GLY B 512 25.70 26.14 -27.53
CA GLY B 512 26.38 24.97 -27.01
C GLY B 512 25.62 24.24 -25.93
N ALA B 513 24.47 24.79 -25.51
CA ALA B 513 23.64 24.23 -24.46
C ALA B 513 22.75 23.09 -24.92
N TYR B 514 22.55 22.94 -26.23
CA TYR B 514 21.69 21.88 -26.74
C TYR B 514 22.29 20.49 -26.58
N ALA B 515 23.57 20.32 -26.89
CA ALA B 515 24.14 18.98 -27.10
C ALA B 515 24.14 18.18 -25.80
N GLY B 516 23.46 17.04 -25.83
CA GLY B 516 23.32 16.20 -24.66
C GLY B 516 22.15 16.55 -23.78
N SER B 517 21.31 17.50 -24.18
CA SER B 517 20.30 18.01 -23.29
C SER B 517 19.01 17.17 -23.38
N ASN B 518 17.98 17.58 -22.63
CA ASN B 518 16.84 16.71 -22.42
C ASN B 518 16.08 16.38 -23.71
N ASN B 519 16.21 17.20 -24.76
CA ASN B 519 15.50 16.90 -26.00
C ASN B 519 16.19 15.82 -26.82
N GLN B 520 17.27 15.27 -26.31
CA GLN B 520 17.89 14.06 -26.86
C GLN B 520 17.82 12.90 -25.88
N GLN B 521 17.01 13.01 -24.81
CA GLN B 521 16.94 12.05 -23.72
C GLN B 521 15.48 11.66 -23.49
N PRO B 522 15.02 10.59 -24.15
CA PRO B 522 13.64 10.11 -23.91
C PRO B 522 13.35 9.80 -22.45
N ARG B 523 14.18 8.97 -21.81
CA ARG B 523 13.83 8.49 -20.48
C ARG B 523 13.99 9.56 -19.42
N VAL B 524 14.92 10.50 -19.59
CA VAL B 524 15.02 11.61 -18.65
C VAL B 524 13.72 12.41 -18.65
N THR B 525 13.25 12.80 -19.84
CA THR B 525 11.97 13.48 -19.96
C THR B 525 10.88 12.74 -19.23
N ASN B 526 10.72 11.45 -19.58
CA ASN B 526 9.70 10.61 -18.95
C ASN B 526 9.88 10.58 -17.44
N ALA B 527 11.11 10.48 -16.95
CA ALA B 527 11.31 10.34 -15.51
C ALA B 527 10.89 11.61 -14.75
N LEU B 528 11.16 12.77 -15.34
CA LEU B 528 10.73 14.03 -14.72
C LEU B 528 9.22 14.03 -14.50
N HIS B 529 8.45 13.70 -15.54
CA HIS B 529 7.01 13.83 -15.39
C HIS B 529 6.42 12.67 -14.62
N ALA B 530 7.04 11.50 -14.72
CA ALA B 530 6.69 10.42 -13.81
C ALA B 530 6.84 10.88 -12.37
N THR B 531 7.91 11.64 -12.08
CA THR B 531 8.14 12.10 -10.73
C THR B 531 7.12 13.18 -10.32
N MET B 532 6.81 14.14 -11.20
CA MET B 532 5.72 15.06 -10.87
C MET B 532 4.41 14.32 -10.60
N MET B 533 4.20 13.16 -11.22
CA MET B 533 2.97 12.44 -10.93
C MET B 533 2.98 11.87 -9.53
N ASP B 534 4.12 11.32 -9.09
CA ASP B 534 4.24 10.82 -7.73
C ASP B 534 4.03 11.94 -6.73
N LEU B 535 4.82 13.01 -6.86
CA LEU B 535 4.72 14.17 -5.99
C LEU B 535 3.29 14.71 -5.91
N ASN B 536 2.62 14.80 -7.06
CA ASN B 536 1.25 15.32 -7.10
C ASN B 536 0.27 14.35 -6.43
N THR B 537 0.44 13.04 -6.66
CA THR B 537 -0.41 12.06 -5.98
C THR B 537 -0.33 12.23 -4.48
N HIS B 538 0.83 12.60 -3.97
CA HIS B 538 1.13 12.72 -2.55
C HIS B 538 1.43 14.16 -2.18
N SER B 539 0.64 15.10 -2.72
CA SER B 539 0.95 16.51 -2.61
C SER B 539 0.80 17.02 -1.17
N GLU B 540 -0.13 16.44 -0.42
CA GLU B 540 -0.35 16.89 0.96
C GLU B 540 0.87 16.62 1.83
N LEU B 541 1.41 15.41 1.74
CA LEU B 541 2.63 15.09 2.45
C LEU B 541 3.75 16.04 2.05
N ILE B 542 3.85 16.35 0.76
CA ILE B 542 4.93 17.22 0.28
C ILE B 542 4.74 18.64 0.80
N MET B 543 3.49 19.14 0.76
CA MET B 543 3.18 20.46 1.33
C MET B 543 3.58 20.58 2.80
N LYS B 544 3.29 19.54 3.60
CA LYS B 544 3.72 19.56 5.00
C LYS B 544 5.22 19.72 5.11
N MET B 545 5.99 19.07 4.23
CA MET B 545 7.44 19.25 4.24
C MET B 545 7.83 20.67 3.88
N GLN B 546 7.17 21.26 2.87
CA GLN B 546 7.46 22.65 2.53
C GLN B 546 7.18 23.58 3.72
N ARG B 547 6.22 23.22 4.60
CA ARG B 547 5.79 24.14 5.65
C ARG B 547 6.38 23.81 7.01
N GLU B 548 7.25 22.79 7.08
CA GLU B 548 7.87 22.44 8.35
C GLU B 548 8.64 23.61 8.93
N ARG B 549 8.65 23.67 10.25
CA ARG B 549 9.53 24.58 10.96
C ARG B 549 10.99 24.20 10.72
N LYS B 550 11.83 25.22 10.55
CA LYS B 550 13.26 25.01 10.37
C LYS B 550 13.93 25.44 11.66
N PRO B 551 14.18 24.51 12.59
CA PRO B 551 14.63 24.89 13.93
C PRO B 551 16.09 25.26 14.06
N ILE B 552 16.96 24.71 13.21
CA ILE B 552 18.38 25.08 13.20
C ILE B 552 18.63 26.06 12.06
N ARG B 553 19.22 27.20 12.39
CA ARG B 553 19.44 28.28 11.45
C ARG B 553 20.93 28.56 11.38
N VAL B 554 21.56 28.09 10.31
CA VAL B 554 22.96 28.40 10.05
C VAL B 554 23.12 29.86 9.67
N PHE B 555 23.96 30.59 10.43
CA PHE B 555 24.12 32.01 10.21
C PHE B 555 24.94 32.29 8.93
N TYR B 556 24.49 33.31 8.17
CA TYR B 556 25.17 33.79 6.97
C TYR B 556 25.36 35.30 7.08
N SER B 557 26.53 35.78 6.66
CA SER B 557 26.91 37.20 6.77
C SER B 557 27.38 37.74 5.42
N LYS B 558 26.67 38.76 4.90
CA LYS B 558 27.09 39.39 3.65
C LYS B 558 28.51 39.95 3.77
N ALA B 559 28.83 40.55 4.91
CA ALA B 559 30.15 41.16 5.08
C ALA B 559 31.25 40.11 5.11
N ALA B 560 31.00 38.96 5.75
CA ALA B 560 31.97 37.88 5.72
C ALA B 560 32.12 37.34 4.31
N ALA B 561 31.02 37.28 3.56
CA ALA B 561 31.07 36.84 2.18
C ALA B 561 31.92 37.78 1.34
N ALA B 562 31.73 39.08 1.50
CA ALA B 562 32.45 40.05 0.68
C ALA B 562 33.95 40.03 0.97
N ASN B 563 34.34 39.67 2.20
CA ASN B 563 35.74 39.75 2.59
C ASN B 563 36.53 38.51 2.18
N LYS B 564 35.88 37.34 2.13
CA LYS B 564 36.58 36.05 2.02
C LYS B 564 35.99 35.22 0.89
N GLY B 565 36.82 34.92 -0.12
CA GLY B 565 36.33 34.21 -1.28
C GLY B 565 35.81 32.83 -0.95
N SER B 566 36.48 32.15 -0.04
CA SER B 566 36.16 30.77 0.32
C SER B 566 35.09 30.66 1.42
N TYR B 567 34.46 31.76 1.80
CA TYR B 567 33.62 31.79 3.01
C TYR B 567 32.55 30.71 3.00
N MET B 568 31.95 30.44 1.83
CA MET B 568 30.85 29.49 1.76
C MET B 568 31.31 28.04 1.88
N GLU B 569 32.61 27.76 1.67
CA GLU B 569 33.11 26.44 2.04
C GLU B 569 32.89 26.15 3.52
N GLY B 570 33.09 27.16 4.38
CA GLY B 570 32.89 26.97 5.80
C GLY B 570 31.43 27.01 6.18
N VAL B 571 30.61 27.77 5.44
CA VAL B 571 29.17 27.71 5.63
C VAL B 571 28.64 26.34 5.20
N PHE B 572 29.09 25.85 4.04
CA PHE B 572 28.62 24.54 3.56
C PHE B 572 28.99 23.45 4.55
N GLU B 573 30.29 23.41 4.90
CA GLU B 573 30.82 22.40 5.82
C GLU B 573 29.93 22.21 7.04
N MET B 574 29.44 23.32 7.62
CA MET B 574 28.47 23.27 8.72
C MET B 574 27.15 22.70 8.24
N TYR B 575 26.50 23.41 7.31
CA TYR B 575 25.24 23.00 6.67
C TYR B 575 25.24 21.50 6.37
N GLU B 576 26.22 21.07 5.57
CA GLU B 576 26.33 19.68 5.18
C GLU B 576 26.32 18.74 6.39
N GLY B 577 26.91 19.17 7.50
CA GLY B 577 26.98 18.34 8.69
C GLY B 577 25.65 18.17 9.41
N LEU B 578 24.68 19.05 9.16
CA LEU B 578 23.38 18.93 9.81
C LEU B 578 22.28 18.46 8.86
N ASN B 579 22.60 18.13 7.62
CA ASN B 579 21.59 17.94 6.59
C ASN B 579 21.15 16.50 6.42
N PHE B 580 21.51 15.60 7.31
CA PHE B 580 21.14 14.21 7.15
C PHE B 580 20.52 13.67 8.42
N GLU B 581 19.78 14.53 9.13
CA GLU B 581 19.21 14.19 10.42
C GLU B 581 17.68 14.24 10.42
N GLY B 582 17.06 14.35 9.23
CA GLY B 582 15.61 14.43 9.16
C GLY B 582 15.03 15.80 9.45
N ILE B 583 15.86 16.82 9.57
CA ILE B 583 15.46 18.16 9.97
C ILE B 583 15.67 19.09 8.78
N PRO B 584 14.65 19.81 8.32
CA PRO B 584 14.85 20.76 7.22
C PRO B 584 15.65 21.96 7.71
N LEU B 585 16.79 22.21 7.08
CA LEU B 585 17.69 23.28 7.49
C LEU B 585 17.22 24.63 6.95
N GLY B 586 17.59 25.69 7.67
CA GLY B 586 17.40 27.04 7.19
C GLY B 586 18.60 27.92 7.52
N PHE B 587 18.50 29.22 7.29
CA PHE B 587 19.59 30.12 7.58
C PHE B 587 19.12 31.21 8.53
N ALA B 588 20.08 31.97 9.04
CA ALA B 588 19.81 33.18 9.82
C ALA B 588 20.71 34.29 9.35
N THR B 589 20.18 35.52 9.33
CA THR B 589 20.88 36.72 8.91
C THR B 589 20.43 37.87 9.81
N LYS B 590 21.11 39.02 9.68
CA LYS B 590 20.64 40.19 10.41
C LYS B 590 19.17 40.48 10.13
N ASN B 591 18.76 40.44 8.87
CA ASN B 591 17.36 40.76 8.60
C ASN B 591 16.42 39.63 9.02
N ILE B 592 16.84 38.38 8.89
CA ILE B 592 15.95 37.28 9.30
C ILE B 592 15.70 37.34 10.80
N ILE B 593 16.76 37.55 11.59
CA ILE B 593 16.59 37.66 13.04
C ILE B 593 15.79 38.91 13.37
N SER B 594 16.23 40.05 12.84
CA SER B 594 15.63 41.36 13.16
C SER B 594 14.16 41.43 12.76
N LYS B 595 13.78 40.88 11.60
CA LYS B 595 12.42 41.08 11.11
C LYS B 595 11.45 39.96 11.46
N GLN B 596 11.90 38.72 11.62
CA GLN B 596 10.93 37.66 11.84
C GLN B 596 10.87 37.26 13.31
N ASP B 597 9.78 36.57 13.66
CA ASP B 597 9.58 36.05 15.01
C ASP B 597 10.63 35.02 15.36
N SER B 598 11.43 35.34 16.38
CA SER B 598 12.55 34.48 16.78
C SER B 598 12.11 33.11 17.29
N SER B 599 10.85 32.93 17.67
CA SER B 599 10.42 31.60 18.07
C SER B 599 10.11 30.70 16.89
N LEU B 600 10.40 31.14 15.66
CA LEU B 600 10.36 30.26 14.50
C LEU B 600 11.54 29.30 14.44
N TRP B 601 12.52 29.43 15.32
CA TRP B 601 13.63 28.48 15.39
C TRP B 601 14.08 28.27 16.83
N ASP B 602 14.98 27.30 16.99
CA ASP B 602 15.54 27.00 18.29
C ASP B 602 16.98 27.44 18.45
N VAL B 603 17.76 27.52 17.38
CA VAL B 603 19.17 27.78 17.58
C VAL B 603 19.77 28.33 16.30
N ILE B 604 20.64 29.31 16.47
CA ILE B 604 21.43 29.84 15.37
C ILE B 604 22.85 29.32 15.55
N VAL B 605 23.40 28.72 14.50
CA VAL B 605 24.72 28.12 14.57
C VAL B 605 25.67 28.98 13.73
N VAL B 606 26.64 29.59 14.39
CA VAL B 606 27.64 30.44 13.74
C VAL B 606 28.90 29.61 13.55
N HIS B 607 29.34 29.47 12.30
CA HIS B 607 30.52 28.69 11.97
C HIS B 607 31.39 29.49 11.00
N LYS B 608 32.63 29.74 11.40
CA LYS B 608 33.66 30.31 10.51
C LYS B 608 33.16 31.56 9.77
N THR B 609 32.70 32.54 10.55
CA THR B 609 32.25 33.83 10.06
C THR B 609 33.11 34.89 10.75
N GLU B 610 34.30 35.14 10.18
CA GLU B 610 35.34 35.91 10.84
C GLU B 610 35.10 37.41 10.82
N GLN B 611 34.28 37.91 9.91
CA GLN B 611 34.05 39.34 9.77
C GLN B 611 32.55 39.58 9.68
N VAL B 612 32.03 40.46 10.53
CA VAL B 612 30.60 40.75 10.65
C VAL B 612 30.42 42.22 10.93
N THR B 613 29.29 42.76 10.48
CA THR B 613 29.01 44.15 10.78
C THR B 613 28.56 44.26 12.22
N LEU B 614 28.81 45.43 12.80
CA LEU B 614 28.35 45.67 14.16
C LEU B 614 26.84 45.45 14.26
N GLY B 615 26.09 45.74 13.20
CA GLY B 615 24.65 45.48 13.22
C GLY B 615 24.34 44.00 13.31
N GLU B 616 25.12 43.16 12.61
CA GLU B 616 24.92 41.73 12.73
C GLU B 616 25.27 41.25 14.13
N LEU B 617 26.38 41.75 14.71
CA LEU B 617 26.75 41.33 16.06
C LEU B 617 25.68 41.76 17.06
N ASN B 618 25.22 43.00 16.94
CA ASN B 618 24.21 43.51 17.87
C ASN B 618 22.94 42.69 17.79
N THR B 619 22.50 42.35 16.58
CA THR B 619 21.24 41.63 16.41
C THR B 619 21.35 40.21 16.93
N LEU B 620 22.52 39.58 16.77
CA LEU B 620 22.74 38.30 17.42
C LEU B 620 22.64 38.45 18.94
N GLN B 621 23.16 39.55 19.48
CA GLN B 621 23.15 39.75 20.93
C GLN B 621 21.75 40.10 21.45
N ASP B 622 20.98 40.91 20.70
CA ASP B 622 19.56 41.06 21.01
C ASP B 622 18.85 39.72 21.04
N TYR B 623 19.32 38.75 20.26
CA TYR B 623 18.65 37.44 20.22
C TYR B 623 18.98 36.63 21.46
N ILE B 624 20.25 36.63 21.86
CA ILE B 624 20.64 36.03 23.13
C ILE B 624 20.01 36.77 24.29
N ASP B 625 20.00 38.11 24.24
CA ASP B 625 19.36 38.88 25.33
C ASP B 625 17.87 38.56 25.47
N ASN B 626 17.26 37.94 24.47
CA ASN B 626 15.86 37.56 24.56
C ASN B 626 15.64 36.05 24.68
N GLY B 627 16.62 35.31 25.21
CA GLY B 627 16.42 33.91 25.52
C GLY B 627 16.89 32.95 24.44
N GLY B 628 16.90 33.39 23.19
CA GLY B 628 17.36 32.54 22.10
C GLY B 628 18.73 31.94 22.32
N THR B 629 19.10 30.95 21.52
CA THR B 629 20.32 30.17 21.72
C THR B 629 21.26 30.34 20.54
N VAL B 630 22.54 30.58 20.82
CA VAL B 630 23.54 30.69 19.76
C VAL B 630 24.70 29.73 20.03
N ILE B 631 25.10 29.02 18.98
CA ILE B 631 26.31 28.20 18.97
C ILE B 631 27.30 28.86 18.03
N THR B 632 28.56 28.94 18.46
CA THR B 632 29.57 29.62 17.69
C THR B 632 30.91 29.00 18.00
N ASP B 633 31.84 29.22 17.10
CA ASP B 633 33.23 28.86 17.36
C ASP B 633 33.97 30.09 17.87
N ALA B 634 35.26 29.92 18.10
CA ALA B 634 36.07 30.97 18.70
C ALA B 634 36.53 32.01 17.69
N ILE B 635 36.65 31.64 16.40
CA ILE B 635 37.18 32.58 15.41
C ILE B 635 36.10 33.47 14.80
N SER B 636 34.84 33.33 15.20
CA SER B 636 33.78 34.08 14.56
C SER B 636 33.39 35.31 15.37
N LEU B 637 32.79 36.27 14.68
CA LEU B 637 32.15 37.45 15.26
C LEU B 637 33.13 38.34 16.02
N LYS B 638 34.42 38.30 15.67
CA LYS B 638 35.46 38.96 16.45
C LYS B 638 36.14 40.10 15.69
N LYS B 639 35.89 40.23 14.39
CA LYS B 639 36.37 41.36 13.60
C LYS B 639 35.20 41.96 12.86
N ASN B 640 35.25 43.27 12.59
CA ASN B 640 34.19 43.92 11.83
C ASN B 640 34.47 43.79 10.34
N GLU B 641 33.75 44.57 9.52
CA GLU B 641 33.85 44.50 8.08
C GLU B 641 35.24 44.88 7.58
N TYR B 642 36.01 45.63 8.37
CA TYR B 642 37.28 46.19 7.96
C TYR B 642 38.46 45.52 8.65
N GLY B 643 38.21 44.45 9.42
CA GLY B 643 39.23 43.80 10.20
C GLY B 643 39.33 44.24 11.65
N LEU B 644 38.55 45.23 12.09
CA LEU B 644 38.77 45.84 13.40
C LEU B 644 38.12 44.98 14.49
N PRO B 645 38.76 44.87 15.66
CA PRO B 645 38.25 43.95 16.68
C PRO B 645 36.83 44.28 17.11
N LEU B 646 36.07 43.22 17.38
CA LEU B 646 34.72 43.26 17.93
C LEU B 646 34.73 42.37 19.16
N GLU B 647 33.82 42.63 20.10
CA GLU B 647 33.88 41.88 21.36
C GLU B 647 33.39 40.44 21.25
N GLY B 648 32.49 40.14 20.31
CA GLY B 648 31.90 38.82 20.25
C GLY B 648 30.60 38.82 21.02
N LEU B 649 30.06 37.64 21.25
CA LEU B 649 28.78 37.50 21.95
C LEU B 649 28.98 37.16 23.42
N LYS B 650 27.98 37.48 24.22
CA LYS B 650 28.00 37.18 25.64
C LYS B 650 26.71 36.48 26.05
N GLN B 651 26.82 35.57 27.03
CA GLN B 651 25.65 34.88 27.55
C GLN B 651 24.91 35.77 28.54
N THR B 652 23.64 36.03 28.27
CA THR B 652 22.81 36.85 29.14
C THR B 652 21.53 36.11 29.52
N LYS B 653 20.41 36.41 28.86
CA LYS B 653 19.20 35.64 29.15
C LYS B 653 19.18 34.31 28.42
N GLY B 654 19.86 34.23 27.28
CA GLY B 654 19.90 33.02 26.49
C GLY B 654 21.22 32.27 26.63
N LYS B 655 21.37 31.26 25.78
CA LYS B 655 22.51 30.35 25.85
C LYS B 655 23.53 30.75 24.80
N LEU B 656 24.81 30.61 25.16
CA LEU B 656 25.93 30.78 24.24
C LEU B 656 26.85 29.57 24.37
N ILE B 657 26.68 28.60 23.47
CA ILE B 657 27.50 27.39 23.43
C ILE B 657 28.64 27.58 22.45
N LEU B 658 29.82 27.14 22.85
CA LEU B 658 31.03 27.30 22.07
C LEU B 658 31.46 25.93 21.55
N ALA B 659 31.77 25.86 20.25
CA ALA B 659 32.11 24.62 19.55
C ALA B 659 32.74 24.93 18.20
N ASN B 660 33.88 24.32 17.87
CA ASN B 660 34.67 24.76 16.73
C ASN B 660 34.58 23.85 15.50
N THR B 661 34.65 22.54 15.68
CA THR B 661 34.46 21.64 14.56
C THR B 661 32.97 21.47 14.26
N VAL B 662 32.68 21.02 13.04
CA VAL B 662 31.30 20.76 12.67
C VAL B 662 30.71 19.68 13.57
N ALA B 663 31.53 18.68 13.90
CA ALA B 663 31.07 17.58 14.73
C ALA B 663 30.48 18.07 16.03
N GLN B 664 31.18 18.97 16.74
CA GLN B 664 30.70 19.43 18.05
C GLN B 664 29.48 20.33 17.91
N ALA B 665 29.55 21.28 16.98
CA ALA B 665 28.38 22.10 16.67
C ALA B 665 27.21 21.22 16.24
N LYS B 666 27.45 20.13 15.51
CA LYS B 666 26.36 19.21 15.22
C LYS B 666 25.76 18.66 16.52
N ILE B 667 26.60 18.15 17.42
CA ILE B 667 26.11 17.55 18.65
C ILE B 667 25.39 18.58 19.51
N GLU B 668 25.97 19.78 19.62
CA GLU B 668 25.35 20.79 20.47
C GLU B 668 24.01 21.25 19.89
N ALA B 669 23.94 21.41 18.56
CA ALA B 669 22.69 21.86 17.94
C ALA B 669 21.60 20.81 18.06
N LEU B 670 21.99 19.53 18.01
CA LEU B 670 21.00 18.46 18.11
C LEU B 670 20.49 18.32 19.54
N GLN B 671 21.39 18.37 20.53
CA GLN B 671 20.98 18.27 21.92
C GLN B 671 19.93 19.31 22.31
N ILE B 672 20.07 20.54 21.82
CA ILE B 672 19.11 21.56 22.28
C ILE B 672 17.75 21.42 21.57
N LEU B 673 17.69 20.81 20.38
CA LEU B 673 16.39 20.31 19.91
C LEU B 673 15.90 19.15 20.76
N GLU B 674 16.81 18.28 21.23
CA GLU B 674 16.36 17.15 22.03
C GLU B 674 15.78 17.64 23.36
N THR B 675 16.38 18.68 23.94
CA THR B 675 15.81 19.32 25.12
C THR B 675 14.38 19.79 24.85
N LYS B 676 14.16 20.42 23.69
CA LYS B 676 12.86 20.97 23.36
C LYS B 676 11.88 19.94 22.80
N ASN B 677 12.33 18.71 22.58
CA ASN B 677 11.54 17.67 21.92
C ASN B 677 11.14 18.08 20.50
N HIS B 678 12.12 18.64 19.77
CA HIS B 678 11.96 19.05 18.38
C HIS B 678 12.82 18.23 17.42
N LEU B 679 13.36 17.09 17.87
CA LEU B 679 13.93 16.10 16.97
C LEU B 679 12.82 15.29 16.30
N PRO B 680 13.15 14.58 15.22
CA PRO B 680 12.15 13.72 14.59
C PRO B 680 11.82 12.52 15.46
N LYS B 681 10.54 12.18 15.54
CA LYS B 681 10.11 11.06 16.39
C LYS B 681 10.45 9.72 15.75
N VAL B 682 11.46 9.70 14.87
CA VAL B 682 11.91 8.52 14.15
C VAL B 682 13.43 8.55 14.11
N THR B 683 14.07 7.39 14.26
CA THR B 683 15.51 7.30 14.07
C THR B 683 15.80 6.65 12.74
N VAL B 684 16.82 7.16 12.06
CA VAL B 684 17.40 6.57 10.86
C VAL B 684 18.90 6.47 11.09
N THR B 685 19.45 5.26 10.98
CA THR B 685 20.88 5.03 11.07
C THR B 685 21.34 4.50 9.72
N GLU B 686 22.43 5.05 9.22
CA GLU B 686 22.89 4.75 7.87
C GLU B 686 24.21 4.02 7.91
N THR B 687 24.25 2.86 7.26
CA THR B 687 25.47 2.15 6.93
C THR B 687 25.78 2.36 5.45
N ASN B 688 27.06 2.53 5.12
CA ASN B 688 27.48 2.67 3.73
C ASN B 688 29.00 2.58 3.72
N ALA B 689 29.55 2.52 2.49
CA ALA B 689 30.98 2.31 2.30
C ALA B 689 31.75 3.62 2.12
N GLU B 690 31.18 4.76 2.50
CA GLU B 690 31.84 6.04 2.37
C GLU B 690 32.27 6.66 3.70
N GLY B 691 31.76 6.17 4.82
CA GLY B 691 32.13 6.71 6.11
C GLY B 691 31.28 7.88 6.57
N TYR B 692 30.44 8.44 5.69
CA TYR B 692 29.59 9.56 6.04
C TYR B 692 28.22 9.38 5.38
N LYS B 693 27.20 9.97 6.00
CA LYS B 693 25.82 9.82 5.57
C LYS B 693 25.60 10.39 4.17
N GLY B 694 24.81 9.67 3.37
CA GLY B 694 24.40 10.17 2.07
C GLY B 694 22.89 10.29 1.90
N CYS B 695 22.11 9.79 2.86
CA CYS B 695 20.66 9.76 2.71
C CYS B 695 20.03 10.95 3.42
N THR B 696 19.57 11.93 2.64
CA THR B 696 18.90 13.09 3.20
C THR B 696 17.42 12.77 3.30
N TRP B 697 16.81 13.12 4.44
CA TRP B 697 15.45 12.65 4.68
C TRP B 697 14.62 13.71 5.38
N ARG B 698 13.30 13.45 5.40
CA ARG B 698 12.31 14.29 6.09
C ARG B 698 11.27 13.41 6.76
N CYS B 699 10.51 14.00 7.69
CA CYS B 699 9.57 13.23 8.50
C CYS B 699 8.45 14.16 8.93
N VAL B 700 7.22 13.86 8.51
CA VAL B 700 6.03 14.65 8.79
C VAL B 700 4.91 13.70 9.20
N LYS B 701 3.79 14.28 9.64
CA LYS B 701 2.62 13.54 10.10
C LYS B 701 1.54 13.57 9.02
N ASN B 702 0.93 12.43 8.72
CA ASN B 702 -0.20 12.48 7.78
C ASN B 702 -1.47 12.89 8.53
N GLU B 703 -2.64 12.68 7.91
CA GLU B 703 -3.86 13.22 8.52
C GLU B 703 -4.37 12.39 9.70
N GLN B 704 -3.95 11.13 9.81
CA GLN B 704 -4.28 10.32 10.98
C GLN B 704 -3.21 10.35 12.07
N GLY B 705 -2.09 11.05 11.85
CA GLY B 705 -1.01 11.11 12.81
C GLY B 705 0.03 10.00 12.69
N ASN B 706 0.16 9.42 11.49
CA ASN B 706 1.19 8.44 11.19
C ASN B 706 2.35 9.15 10.48
N TYR B 707 3.58 8.72 10.78
CA TYR B 707 4.76 9.39 10.24
C TYR B 707 5.08 8.88 8.84
N VAL B 708 5.43 9.82 7.96
CA VAL B 708 5.85 9.50 6.60
C VAL B 708 7.24 10.10 6.41
N LEU B 709 8.12 9.32 5.80
CA LEU B 709 9.50 9.70 5.49
C LEU B 709 9.64 9.93 4.00
N SER B 710 10.42 10.94 3.64
CA SER B 710 10.99 11.08 2.30
C SER B 710 12.50 10.88 2.44
N ILE B 711 13.05 9.92 1.71
CA ILE B 711 14.48 9.63 1.73
C ILE B 711 14.99 9.69 0.30
N VAL B 712 16.15 10.31 0.12
CA VAL B 712 16.82 10.44 -1.18
C VAL B 712 18.28 10.12 -0.94
N ASN B 713 18.82 9.16 -1.67
CA ASN B 713 20.21 8.75 -1.46
C ASN B 713 21.09 9.63 -2.32
N LEU B 714 21.64 10.67 -1.70
CA LEU B 714 22.61 11.57 -2.30
C LEU B 714 24.03 10.99 -2.31
N GLY B 715 24.26 9.87 -1.65
CA GLY B 715 25.58 9.30 -1.64
C GLY B 715 25.94 8.66 -2.96
N LYS B 716 27.20 8.29 -3.12
CA LYS B 716 27.60 7.68 -4.38
C LYS B 716 27.69 6.16 -4.30
N THR B 717 27.29 5.56 -3.18
CA THR B 717 27.26 4.12 -3.03
C THR B 717 25.96 3.71 -2.33
N GLU B 718 25.65 2.43 -2.46
CA GLU B 718 24.45 1.85 -1.87
C GLU B 718 24.42 2.08 -0.36
N ALA B 719 23.24 2.40 0.18
CA ALA B 719 23.10 2.71 1.60
C ALA B 719 22.06 1.80 2.22
N THR B 720 22.33 1.35 3.45
CA THR B 720 21.42 0.50 4.20
C THR B 720 20.86 1.29 5.38
N LEU B 721 19.53 1.43 5.44
CA LEU B 721 18.89 2.28 6.42
C LEU B 721 18.05 1.45 7.37
N ASN B 722 18.11 1.84 8.65
CA ASN B 722 17.32 1.21 9.70
C ASN B 722 16.41 2.30 10.25
N VAL B 723 15.13 2.24 9.88
CA VAL B 723 14.14 3.26 10.25
C VAL B 723 13.28 2.69 11.37
N GLN B 724 13.33 3.32 12.55
CA GLN B 724 12.64 2.81 13.74
C GLN B 724 11.87 3.92 14.43
N LEU B 725 10.56 3.74 14.58
CA LEU B 725 9.76 4.64 15.41
C LEU B 725 10.38 4.77 16.80
N LYS B 726 10.40 6.00 17.32
CA LYS B 726 11.06 6.22 18.60
C LYS B 726 10.26 5.62 19.76
N GLN B 727 8.99 5.98 19.87
CA GLN B 727 8.07 5.29 20.76
C GLN B 727 7.25 4.32 19.90
N ALA B 728 7.23 3.06 20.31
CA ALA B 728 6.47 2.03 19.61
C ALA B 728 6.01 1.01 20.62
N LYS B 729 4.71 0.72 20.62
CA LYS B 729 4.19 -0.32 21.51
C LYS B 729 4.50 -1.72 20.98
N ASN B 730 4.72 -1.89 19.68
CA ASN B 730 4.93 -3.20 19.05
C ASN B 730 6.13 -3.29 18.12
N GLY B 731 6.46 -2.22 17.41
CA GLY B 731 7.58 -2.25 16.50
C GLY B 731 7.33 -1.33 15.32
N THR B 732 8.24 -1.41 14.34
CA THR B 732 8.24 -0.54 13.17
C THR B 732 8.15 -1.38 11.90
N VAL B 733 7.22 -1.02 11.01
CA VAL B 733 7.17 -1.55 9.65
C VAL B 733 6.91 -0.38 8.71
N ALA B 734 7.54 -0.43 7.53
CA ALA B 734 7.46 0.60 6.50
C ALA B 734 6.52 0.18 5.38
N LYS B 735 5.68 1.11 4.93
CA LYS B 735 4.80 0.87 3.80
C LYS B 735 5.20 1.83 2.68
N ASP B 736 5.54 1.27 1.52
CA ASP B 736 5.96 2.03 0.35
C ASP B 736 4.73 2.67 -0.28
N LEU B 737 4.55 3.97 -0.05
CA LEU B 737 3.32 4.60 -0.50
C LEU B 737 3.29 4.81 -2.02
N LEU B 738 4.40 4.55 -2.72
CA LEU B 738 4.39 4.72 -4.16
C LEU B 738 3.95 3.48 -4.92
N ASN B 739 4.17 2.28 -4.37
CA ASN B 739 3.63 1.06 -4.97
C ASN B 739 2.77 0.26 -3.99
N GLY B 740 2.42 0.83 -2.84
CA GLY B 740 1.48 0.23 -1.90
C GLY B 740 1.85 -1.15 -1.41
N LEU B 741 3.03 -1.28 -0.78
CA LEU B 741 3.52 -2.56 -0.28
C LEU B 741 4.28 -2.37 1.03
N LYS B 742 4.34 -3.44 1.83
CA LYS B 742 5.18 -3.50 3.00
C LYS B 742 6.65 -3.69 2.61
N LEU B 743 7.55 -3.28 3.51
CA LEU B 743 8.97 -3.18 3.23
C LEU B 743 9.83 -3.93 4.24
N PRO B 744 10.96 -4.50 3.82
CA PRO B 744 11.96 -5.01 4.77
C PRO B 744 12.31 -3.97 5.83
N SER B 745 12.70 -4.46 7.02
CA SER B 745 13.11 -3.57 8.11
C SER B 745 14.35 -2.77 7.75
N GLN B 746 15.36 -3.44 7.19
CA GLN B 746 16.47 -2.76 6.53
C GLN B 746 16.03 -2.29 5.14
N LEU B 747 16.24 -1.02 4.85
CA LEU B 747 15.99 -0.46 3.53
C LEU B 747 17.32 -0.23 2.82
N VAL B 748 17.36 -0.61 1.54
CA VAL B 748 18.56 -0.54 0.71
C VAL B 748 18.27 0.43 -0.43
N LEU B 749 19.11 1.46 -0.56
CA LEU B 749 18.95 2.53 -1.54
C LEU B 749 20.21 2.62 -2.37
N LYS B 750 20.10 2.21 -3.63
CA LYS B 750 21.13 2.53 -4.60
C LYS B 750 21.21 4.05 -4.72
N PRO B 751 22.37 4.59 -5.07
CA PRO B 751 22.46 6.04 -5.26
C PRO B 751 21.33 6.58 -6.12
N TYR B 752 20.85 7.76 -5.74
CA TYR B 752 19.69 8.47 -6.30
C TYR B 752 18.35 7.96 -5.80
N ASP B 753 18.28 6.80 -5.14
CA ASP B 753 16.97 6.20 -4.96
C ASP B 753 16.08 7.09 -4.10
N VAL B 754 14.79 7.05 -4.39
CA VAL B 754 13.81 7.81 -3.64
C VAL B 754 12.86 6.83 -2.97
N TYR B 755 12.61 7.02 -1.67
CA TYR B 755 11.57 6.30 -0.95
C TYR B 755 10.57 7.32 -0.40
N LEU B 756 9.30 6.95 -0.38
CA LEU B 756 8.24 7.68 0.33
C LEU B 756 7.47 6.63 1.12
N ILE B 757 7.81 6.48 2.40
CA ILE B 757 7.37 5.35 3.19
C ILE B 757 6.49 5.85 4.33
N GLU B 758 5.44 5.08 4.63
CA GLU B 758 4.63 5.29 5.82
C GLU B 758 5.06 4.29 6.89
N LEU B 759 5.05 4.72 8.15
CA LEU B 759 5.50 3.89 9.25
C LEU B 759 4.32 3.39 10.07
N ILE B 760 4.35 2.11 10.41
CA ILE B 760 3.28 1.48 11.17
C ILE B 760 3.85 0.89 12.45
N ASP B 761 3.16 1.13 13.57
CA ASP B 761 3.53 0.55 14.85
C ASP B 761 2.95 -0.86 14.94
N GLU B 762 3.60 -1.77 14.20
CA GLU B 762 3.33 -3.21 14.26
C GLU B 762 4.67 -3.92 14.22
N LYS B 763 4.65 -5.22 14.49
CA LYS B 763 5.86 -6.02 14.50
C LYS B 763 6.27 -6.41 13.08
N GLY B 764 7.57 -6.45 12.85
CA GLY B 764 8.09 -6.96 11.59
C GLY B 764 8.29 -8.46 11.67
N SER B 765 7.93 -9.15 10.58
CA SER B 765 8.09 -10.60 10.52
C SER B 765 9.55 -11.00 10.64
#